data_2N7N
# 
_entry.id   2N7N 
# 
_audit_conform.dict_name       mmcif_pdbx.dic 
_audit_conform.dict_version    5.397 
_audit_conform.dict_location   http://mmcif.pdb.org/dictionaries/ascii/mmcif_pdbx.dic 
# 
loop_
_database_2.database_code 
_database_2.database_id 
_database_2.pdbx_database_accession 
_database_2.pdbx_DOI 
RCSB104524   RCSB  ?            ?                   
2N7N         PDB   pdb_00002n7n 10.2210/pdb2n7n/pdb 
25813        BMRB  ?            10.13018/BMR25813   
D_1000104524 WWPDB ?            ?                   
# 
loop_
_pdbx_audit_revision_history.ordinal 
_pdbx_audit_revision_history.data_content_type 
_pdbx_audit_revision_history.major_revision 
_pdbx_audit_revision_history.minor_revision 
_pdbx_audit_revision_history.revision_date 
1 'Structure model' 1 0 2015-12-16 
2 'Structure model' 1 1 2016-01-06 
3 'Structure model' 1 2 2017-10-11 
4 'Structure model' 1 3 2024-10-30 
# 
_pdbx_audit_revision_details.ordinal             1 
_pdbx_audit_revision_details.revision_ordinal    1 
_pdbx_audit_revision_details.data_content_type   'Structure model' 
_pdbx_audit_revision_details.provider            repository 
_pdbx_audit_revision_details.type                'Initial release' 
_pdbx_audit_revision_details.description         ? 
_pdbx_audit_revision_details.details             ? 
# 
loop_
_pdbx_audit_revision_group.ordinal 
_pdbx_audit_revision_group.revision_ordinal 
_pdbx_audit_revision_group.data_content_type 
_pdbx_audit_revision_group.group 
1 2 'Structure model' 'Database references'  
2 3 'Structure model' 'Source and taxonomy'  
3 3 'Structure model' 'Structure summary'    
4 4 'Structure model' 'Data collection'      
5 4 'Structure model' 'Database references'  
6 4 'Structure model' 'Derived calculations' 
7 4 'Structure model' 'Structure summary'    
# 
loop_
_pdbx_audit_revision_category.ordinal 
_pdbx_audit_revision_category.revision_ordinal 
_pdbx_audit_revision_category.data_content_type 
_pdbx_audit_revision_category.category 
1 3 'Structure model' pdbx_entity_src_syn       
2 3 'Structure model' pdbx_nmr_representative   
3 4 'Structure model' chem_comp_atom            
4 4 'Structure model' chem_comp_bond            
5 4 'Structure model' database_2                
6 4 'Structure model' pdbx_entry_details        
7 4 'Structure model' pdbx_modification_feature 
8 4 'Structure model' struct_conn               
# 
loop_
_pdbx_audit_revision_item.ordinal 
_pdbx_audit_revision_item.revision_ordinal 
_pdbx_audit_revision_item.data_content_type 
_pdbx_audit_revision_item.item 
1  3 'Structure model' '_pdbx_nmr_representative.conformer_id' 
2  4 'Structure model' '_database_2.pdbx_DOI'                  
3  4 'Structure model' '_database_2.pdbx_database_accession'   
4  4 'Structure model' '_struct_conn.pdbx_dist_value'          
5  4 'Structure model' '_struct_conn.pdbx_leaving_atom_flag'   
6  4 'Structure model' '_struct_conn.ptnr1_auth_comp_id'       
7  4 'Structure model' '_struct_conn.ptnr1_auth_seq_id'        
8  4 'Structure model' '_struct_conn.ptnr1_label_atom_id'      
9  4 'Structure model' '_struct_conn.ptnr1_label_comp_id'      
10 4 'Structure model' '_struct_conn.ptnr1_label_seq_id'       
11 4 'Structure model' '_struct_conn.ptnr2_auth_comp_id'       
12 4 'Structure model' '_struct_conn.ptnr2_auth_seq_id'        
13 4 'Structure model' '_struct_conn.ptnr2_label_atom_id'      
14 4 'Structure model' '_struct_conn.ptnr2_label_comp_id'      
15 4 'Structure model' '_struct_conn.ptnr2_label_seq_id'       
# 
_pdbx_database_status.deposit_site                    BMRB 
_pdbx_database_status.entry_id                        2N7N 
_pdbx_database_status.process_site                    RCSB 
_pdbx_database_status.recvd_initial_deposition_date   2015-09-16 
_pdbx_database_status.SG_entry                        ? 
_pdbx_database_status.status_code                     REL 
_pdbx_database_status.status_code_mr                  REL 
_pdbx_database_status.status_code_sf                  ? 
_pdbx_database_status.status_code_cs                  REL 
_pdbx_database_status.methods_development_category    ? 
_pdbx_database_status.pdb_format_compatible           Y 
_pdbx_database_status.status_code_nmr_data            ? 
# 
loop_
_pdbx_database_related.db_id 
_pdbx_database_related.db_name 
_pdbx_database_related.content_type 
_pdbx_database_related.details 
25813 BMRB unspecified . 
2N7O  PDB  unspecified . 
# 
loop_
_audit_author.name 
_audit_author.pdbx_ordinal 
'Carotenuto, A.' 1 
'Merlino, F.'    2 
'Chai, M.'       3 
'Brancaccio, D.' 4 
'Yousif, A.'     5 
'Novellino, E.'  6 
'Hruby, V.'      7 
'Grieco, P.'     8 
# 
_citation.id                        primary 
_citation.title                     'Discovery of Novel Potent and Selective Agonists at the Melanocortin-3 Receptor.' 
_citation.journal_abbrev            J.Med.Chem. 
_citation.journal_volume            58 
_citation.page_first                9773 
_citation.page_last                 9778 
_citation.year                      2015 
_citation.journal_id_ASTM           JMCMAR 
_citation.country                   US 
_citation.journal_id_ISSN           0022-2623 
_citation.journal_id_CSD            0151 
_citation.book_publisher            ? 
_citation.pdbx_database_id_PubMed   26599352 
_citation.pdbx_database_id_DOI      10.1021/acs.jmedchem.5b01285 
# 
loop_
_citation_author.citation_id 
_citation_author.name 
_citation_author.ordinal 
_citation_author.identifier_ORCID 
primary 'Carotenuto, A.' 1 ? 
primary 'Merlino, F.'    2 ? 
primary 'Cai, M.'        3 ? 
primary 'Brancaccio, D.' 4 ? 
primary 'Yousif, A.M.'   5 ? 
primary 'Novellino, E.'  6 ? 
primary 'Hruby, V.J.'    7 ? 
primary 'Grieco, P.'     8 ? 
# 
_entity.id                         1 
_entity.type                       polymer 
_entity.src_method                 syn 
_entity.pdbx_description           'Peptide PG-989' 
_entity.formula_weight             1084.293 
_entity.pdbx_number_of_molecules   1 
_entity.pdbx_ec                    ? 
_entity.pdbx_mutation              ? 
_entity.pdbx_fragment              ? 
_entity.details                    ? 
# 
_entity_poly.entity_id                      1 
_entity_poly.type                           'polypeptide(L)' 
_entity_poly.nstd_linkage                   no 
_entity_poly.nstd_monomer                   yes 
_entity_poly.pdbx_seq_one_letter_code       '(ACE)(NLE)DPP(DPN)RWK(NH2)' 
_entity_poly.pdbx_seq_one_letter_code_can   XLDPPFRWKX 
_entity_poly.pdbx_strand_id                 A 
_entity_poly.pdbx_target_identifier         ? 
# 
loop_
_entity_poly_seq.entity_id 
_entity_poly_seq.num 
_entity_poly_seq.mon_id 
_entity_poly_seq.hetero 
1 1  ACE n 
1 2  NLE n 
1 3  ASP n 
1 4  PRO n 
1 5  PRO n 
1 6  DPN n 
1 7  ARG n 
1 8  TRP n 
1 9  LYS n 
1 10 NH2 n 
# 
_pdbx_entity_src_syn.entity_id              1 
_pdbx_entity_src_syn.pdbx_src_id            1 
_pdbx_entity_src_syn.pdbx_alt_source_flag   sample 
_pdbx_entity_src_syn.pdbx_beg_seq_num       ? 
_pdbx_entity_src_syn.pdbx_end_seq_num       ? 
_pdbx_entity_src_syn.organism_scientific    'synthetic construct' 
_pdbx_entity_src_syn.organism_common_name   ? 
_pdbx_entity_src_syn.ncbi_taxonomy_id       32630 
_pdbx_entity_src_syn.details                ? 
# 
loop_
_chem_comp.id 
_chem_comp.type 
_chem_comp.mon_nstd_flag 
_chem_comp.name 
_chem_comp.pdbx_synonyms 
_chem_comp.formula 
_chem_comp.formula_weight 
ACE non-polymer         . 'ACETYL GROUP'  ? 'C2 H4 O'        44.053  
ARG 'L-peptide linking' y ARGININE        ? 'C6 H15 N4 O2 1' 175.209 
ASP 'L-peptide linking' y 'ASPARTIC ACID' ? 'C4 H7 N O4'     133.103 
DPN 'D-peptide linking' . D-PHENYLALANINE ? 'C9 H11 N O2'    165.189 
LYS 'L-peptide linking' y LYSINE          ? 'C6 H15 N2 O2 1' 147.195 
NH2 non-polymer         . 'AMINO GROUP'   ? 'H2 N'           16.023  
NLE 'L-peptide linking' n NORLEUCINE      ? 'C6 H13 N O2'    131.173 
PRO 'L-peptide linking' y PROLINE         ? 'C5 H9 N O2'     115.130 
TRP 'L-peptide linking' y TRYPTOPHAN      ? 'C11 H12 N2 O2'  204.225 
# 
loop_
_pdbx_poly_seq_scheme.asym_id 
_pdbx_poly_seq_scheme.entity_id 
_pdbx_poly_seq_scheme.seq_id 
_pdbx_poly_seq_scheme.mon_id 
_pdbx_poly_seq_scheme.ndb_seq_num 
_pdbx_poly_seq_scheme.pdb_seq_num 
_pdbx_poly_seq_scheme.auth_seq_num 
_pdbx_poly_seq_scheme.pdb_mon_id 
_pdbx_poly_seq_scheme.auth_mon_id 
_pdbx_poly_seq_scheme.pdb_strand_id 
_pdbx_poly_seq_scheme.pdb_ins_code 
_pdbx_poly_seq_scheme.hetero 
A 1 1  ACE 1  3  3  ACE ACE A . n 
A 1 2  NLE 2  4  4  NLE NLE A . n 
A 1 3  ASP 3  5  5  ASP ASP A . n 
A 1 4  PRO 4  6  6  PRO PRO A . n 
A 1 5  PRO 5  7  7  PRO PRO A . n 
A 1 6  DPN 6  8  8  DPN PHE A . n 
A 1 7  ARG 7  9  9  ARG ARG A . n 
A 1 8  TRP 8  10 10 TRP TRP A . n 
A 1 9  LYS 9  11 11 LYS LYS A . n 
A 1 10 NH2 10 12 12 NH2 NH2 A . n 
# 
_exptl.absorpt_coefficient_mu     ? 
_exptl.absorpt_correction_T_max   ? 
_exptl.absorpt_correction_T_min   ? 
_exptl.absorpt_correction_type    ? 
_exptl.absorpt_process_details    ? 
_exptl.crystals_number            ? 
_exptl.details                    ? 
_exptl.entry_id                   2N7N 
_exptl.method                     'SOLUTION NMR' 
_exptl.method_details             ? 
# 
_struct.entry_id                  2N7N 
_struct.title                     'NMR structure of Peptide PG-989 in DPC micelles' 
_struct.pdbx_model_details        'lowest energy, model50' 
_struct.pdbx_CASP_flag            ? 
_struct.pdbx_model_type_details   ? 
# 
_struct_keywords.entry_id        2N7N 
_struct_keywords.pdbx_keywords   'DE NOVO PROTEIN' 
_struct_keywords.text            'DE NOVO PROTEIN' 
# 
_struct_asym.id                            A 
_struct_asym.pdbx_blank_PDB_chainid_flag   N 
_struct_asym.pdbx_modified                 N 
_struct_asym.entity_id                     1 
_struct_asym.details                       ? 
# 
_struct_ref.id                         1 
_struct_ref.db_name                    PDB 
_struct_ref.db_code                    2N7N 
_struct_ref.pdbx_db_accession          2N7N 
_struct_ref.entity_id                  1 
_struct_ref.pdbx_align_begin           ? 
_struct_ref.pdbx_seq_one_letter_code   ? 
_struct_ref.pdbx_db_isoform            ? 
# 
_struct_ref_seq.align_id                      1 
_struct_ref_seq.ref_id                        1 
_struct_ref_seq.pdbx_PDB_id_code              2N7N 
_struct_ref_seq.pdbx_strand_id                A 
_struct_ref_seq.seq_align_beg                 1 
_struct_ref_seq.pdbx_seq_align_beg_ins_code   ? 
_struct_ref_seq.seq_align_end                 10 
_struct_ref_seq.pdbx_seq_align_end_ins_code   ? 
_struct_ref_seq.pdbx_db_accession             2N7N 
_struct_ref_seq.db_align_beg                  3 
_struct_ref_seq.pdbx_db_align_beg_ins_code    ? 
_struct_ref_seq.db_align_end                  12 
_struct_ref_seq.pdbx_db_align_end_ins_code    ? 
_struct_ref_seq.pdbx_auth_seq_align_beg       3 
_struct_ref_seq.pdbx_auth_seq_align_end       12 
# 
_pdbx_struct_assembly.id                   1 
_pdbx_struct_assembly.details              author_defined_assembly 
_pdbx_struct_assembly.method_details       ? 
_pdbx_struct_assembly.oligomeric_details   monomeric 
_pdbx_struct_assembly.oligomeric_count     1 
# 
_pdbx_struct_assembly_gen.assembly_id       1 
_pdbx_struct_assembly_gen.oper_expression   1 
_pdbx_struct_assembly_gen.asym_id_list      A 
# 
_pdbx_struct_oper_list.id                   1 
_pdbx_struct_oper_list.type                 'identity operation' 
_pdbx_struct_oper_list.name                 1_555 
_pdbx_struct_oper_list.symmetry_operation   x,y,z 
_pdbx_struct_oper_list.matrix[1][1]         1.0000000000 
_pdbx_struct_oper_list.matrix[1][2]         0.0000000000 
_pdbx_struct_oper_list.matrix[1][3]         0.0000000000 
_pdbx_struct_oper_list.vector[1]            0.0000000000 
_pdbx_struct_oper_list.matrix[2][1]         0.0000000000 
_pdbx_struct_oper_list.matrix[2][2]         1.0000000000 
_pdbx_struct_oper_list.matrix[2][3]         0.0000000000 
_pdbx_struct_oper_list.vector[2]            0.0000000000 
_pdbx_struct_oper_list.matrix[3][1]         0.0000000000 
_pdbx_struct_oper_list.matrix[3][2]         0.0000000000 
_pdbx_struct_oper_list.matrix[3][3]         1.0000000000 
_pdbx_struct_oper_list.vector[3]            0.0000000000 
# 
loop_
_struct_conn.id 
_struct_conn.conn_type_id 
_struct_conn.pdbx_leaving_atom_flag 
_struct_conn.pdbx_PDB_id 
_struct_conn.ptnr1_label_asym_id 
_struct_conn.ptnr1_label_comp_id 
_struct_conn.ptnr1_label_seq_id 
_struct_conn.ptnr1_label_atom_id 
_struct_conn.pdbx_ptnr1_label_alt_id 
_struct_conn.pdbx_ptnr1_PDB_ins_code 
_struct_conn.pdbx_ptnr1_standard_comp_id 
_struct_conn.ptnr1_symmetry 
_struct_conn.ptnr2_label_asym_id 
_struct_conn.ptnr2_label_comp_id 
_struct_conn.ptnr2_label_seq_id 
_struct_conn.ptnr2_label_atom_id 
_struct_conn.pdbx_ptnr2_label_alt_id 
_struct_conn.pdbx_ptnr2_PDB_ins_code 
_struct_conn.ptnr1_auth_asym_id 
_struct_conn.ptnr1_auth_comp_id 
_struct_conn.ptnr1_auth_seq_id 
_struct_conn.ptnr2_auth_asym_id 
_struct_conn.ptnr2_auth_comp_id 
_struct_conn.ptnr2_auth_seq_id 
_struct_conn.ptnr2_symmetry 
_struct_conn.pdbx_ptnr3_label_atom_id 
_struct_conn.pdbx_ptnr3_label_seq_id 
_struct_conn.pdbx_ptnr3_label_comp_id 
_struct_conn.pdbx_ptnr3_label_asym_id 
_struct_conn.pdbx_ptnr3_label_alt_id 
_struct_conn.pdbx_ptnr3_PDB_ins_code 
_struct_conn.details 
_struct_conn.pdbx_dist_value 
_struct_conn.pdbx_value_order 
_struct_conn.pdbx_role 
covale1 covale both ? A ACE 1 C  ? ? ? 1_555 A NLE 2  N  ? ? A ACE 3  A NLE 4  1_555 ? ? ? ? ? ? ? 1.331 ? ? 
covale2 covale both ? A NLE 2 C  ? ? ? 1_555 A ASP 3  N  ? ? A NLE 4  A ASP 5  1_555 ? ? ? ? ? ? ? 1.339 ? ? 
covale3 covale none ? A ASP 3 CG ? ? ? 1_555 A LYS 9  NZ ? ? A ASP 5  A LYS 11 1_555 ? ? ? ? ? ? ? 1.331 ? ? 
covale4 covale both ? A PRO 5 C  ? ? ? 1_555 A DPN 6  N  ? ? A PRO 7  A DPN 8  1_555 ? ? ? ? ? ? ? 1.344 ? ? 
covale5 covale both ? A DPN 6 C  ? ? ? 1_555 A ARG 7  N  ? ? A DPN 8  A ARG 9  1_555 ? ? ? ? ? ? ? 1.344 ? ? 
covale6 covale both ? A LYS 9 C  ? ? ? 1_555 A NH2 10 N  ? ? A LYS 11 A NH2 12 1_555 ? ? ? ? ? ? ? 1.320 ? ? 
# 
_struct_conn_type.id          covale 
_struct_conn_type.criteria    ? 
_struct_conn_type.reference   ? 
# 
loop_
_pdbx_modification_feature.ordinal 
_pdbx_modification_feature.label_comp_id 
_pdbx_modification_feature.label_asym_id 
_pdbx_modification_feature.label_seq_id 
_pdbx_modification_feature.label_alt_id 
_pdbx_modification_feature.modified_residue_label_comp_id 
_pdbx_modification_feature.modified_residue_label_asym_id 
_pdbx_modification_feature.modified_residue_label_seq_id 
_pdbx_modification_feature.modified_residue_label_alt_id 
_pdbx_modification_feature.auth_comp_id 
_pdbx_modification_feature.auth_asym_id 
_pdbx_modification_feature.auth_seq_id 
_pdbx_modification_feature.PDB_ins_code 
_pdbx_modification_feature.symmetry 
_pdbx_modification_feature.modified_residue_auth_comp_id 
_pdbx_modification_feature.modified_residue_auth_asym_id 
_pdbx_modification_feature.modified_residue_auth_seq_id 
_pdbx_modification_feature.modified_residue_PDB_ins_code 
_pdbx_modification_feature.modified_residue_symmetry 
_pdbx_modification_feature.comp_id_linking_atom 
_pdbx_modification_feature.modified_residue_id_linking_atom 
_pdbx_modification_feature.modified_residue_id 
_pdbx_modification_feature.ref_pcm_id 
_pdbx_modification_feature.ref_comp_id 
_pdbx_modification_feature.type 
_pdbx_modification_feature.category 
1 NLE A 2  ? .   . . . NLE A 4  ? 1_555 .   . .  . .     .  .  LEU 1  NLE Norleucine 'Named protein modification' 
2 ACE A 1  ? NLE A 2 ? ACE A 3  ? 1_555 NLE A 4  ? 1_555 .  .  NLE 42 ACE None       'Terminal acetylation'       
3 NH2 A 10 ? LYS A 9 ? NH2 A 12 ? 1_555 LYS A 11 ? 1_555 .  .  LYS 20 NH2 None       'Terminal amidation'         
4 ASP A 3  ? LYS A 9 ? ASP A 5  ? 1_555 LYS A 11 ? 1_555 CG NZ .   .  .   None       'Isopeptide bond'            
# 
loop_
_struct_mon_prot_cis.pdbx_id 
_struct_mon_prot_cis.label_comp_id 
_struct_mon_prot_cis.label_seq_id 
_struct_mon_prot_cis.label_asym_id 
_struct_mon_prot_cis.label_alt_id 
_struct_mon_prot_cis.pdbx_PDB_ins_code 
_struct_mon_prot_cis.auth_comp_id 
_struct_mon_prot_cis.auth_seq_id 
_struct_mon_prot_cis.auth_asym_id 
_struct_mon_prot_cis.pdbx_label_comp_id_2 
_struct_mon_prot_cis.pdbx_label_seq_id_2 
_struct_mon_prot_cis.pdbx_label_asym_id_2 
_struct_mon_prot_cis.pdbx_PDB_ins_code_2 
_struct_mon_prot_cis.pdbx_auth_comp_id_2 
_struct_mon_prot_cis.pdbx_auth_seq_id_2 
_struct_mon_prot_cis.pdbx_auth_asym_id_2 
_struct_mon_prot_cis.pdbx_PDB_model_num 
_struct_mon_prot_cis.pdbx_omega_angle 
1  PRO 4 A . ? PRO 6 A PRO 5 A ? PRO 7 A 1  4.97 
2  PRO 4 A . ? PRO 6 A PRO 5 A ? PRO 7 A 2  5.38 
3  PRO 4 A . ? PRO 6 A PRO 5 A ? PRO 7 A 3  3.98 
4  PRO 4 A . ? PRO 6 A PRO 5 A ? PRO 7 A 4  3.12 
5  PRO 4 A . ? PRO 6 A PRO 5 A ? PRO 7 A 5  5.17 
6  PRO 4 A . ? PRO 6 A PRO 5 A ? PRO 7 A 6  5.69 
7  PRO 4 A . ? PRO 6 A PRO 5 A ? PRO 7 A 7  2.66 
8  PRO 4 A . ? PRO 6 A PRO 5 A ? PRO 7 A 8  6.58 
9  PRO 4 A . ? PRO 6 A PRO 5 A ? PRO 7 A 9  7.13 
10 PRO 4 A . ? PRO 6 A PRO 5 A ? PRO 7 A 10 5.07 
# 
_pdbx_entry_details.entry_id                   2N7N 
_pdbx_entry_details.compound_details           ? 
_pdbx_entry_details.source_details             ? 
_pdbx_entry_details.nonpolymer_details         ? 
_pdbx_entry_details.sequence_details           ? 
_pdbx_entry_details.has_ligand_of_interest     ? 
_pdbx_entry_details.has_protein_modification   Y 
# 
_pdbx_validate_close_contact.id               1 
_pdbx_validate_close_contact.PDB_model_num    4 
_pdbx_validate_close_contact.auth_atom_id_1   OD1 
_pdbx_validate_close_contact.auth_asym_id_1   A 
_pdbx_validate_close_contact.auth_comp_id_1   ASP 
_pdbx_validate_close_contact.auth_seq_id_1    5 
_pdbx_validate_close_contact.PDB_ins_code_1   ? 
_pdbx_validate_close_contact.label_alt_id_1   ? 
_pdbx_validate_close_contact.auth_atom_id_2   NZ 
_pdbx_validate_close_contact.auth_asym_id_2   A 
_pdbx_validate_close_contact.auth_comp_id_2   LYS 
_pdbx_validate_close_contact.auth_seq_id_2    11 
_pdbx_validate_close_contact.PDB_ins_code_2   ? 
_pdbx_validate_close_contact.label_alt_id_2   ? 
_pdbx_validate_close_contact.dist             2.17 
# 
loop_
_pdbx_validate_rmsd_angle.id 
_pdbx_validate_rmsd_angle.PDB_model_num 
_pdbx_validate_rmsd_angle.auth_atom_id_1 
_pdbx_validate_rmsd_angle.auth_asym_id_1 
_pdbx_validate_rmsd_angle.auth_comp_id_1 
_pdbx_validate_rmsd_angle.auth_seq_id_1 
_pdbx_validate_rmsd_angle.PDB_ins_code_1 
_pdbx_validate_rmsd_angle.label_alt_id_1 
_pdbx_validate_rmsd_angle.auth_atom_id_2 
_pdbx_validate_rmsd_angle.auth_asym_id_2 
_pdbx_validate_rmsd_angle.auth_comp_id_2 
_pdbx_validate_rmsd_angle.auth_seq_id_2 
_pdbx_validate_rmsd_angle.PDB_ins_code_2 
_pdbx_validate_rmsd_angle.label_alt_id_2 
_pdbx_validate_rmsd_angle.auth_atom_id_3 
_pdbx_validate_rmsd_angle.auth_asym_id_3 
_pdbx_validate_rmsd_angle.auth_comp_id_3 
_pdbx_validate_rmsd_angle.auth_seq_id_3 
_pdbx_validate_rmsd_angle.PDB_ins_code_3 
_pdbx_validate_rmsd_angle.label_alt_id_3 
_pdbx_validate_rmsd_angle.angle_value 
_pdbx_validate_rmsd_angle.angle_target_value 
_pdbx_validate_rmsd_angle.angle_deviation 
_pdbx_validate_rmsd_angle.angle_standard_deviation 
_pdbx_validate_rmsd_angle.linker_flag 
1  1  NE A ARG 9 ? ? CZ A ARG 9 ? ? NH1 A ARG 9 ? ? 123.83 120.30 3.53 0.50 N 
2  2  NE A ARG 9 ? ? CZ A ARG 9 ? ? NH1 A ARG 9 ? ? 123.88 120.30 3.58 0.50 N 
3  3  NE A ARG 9 ? ? CZ A ARG 9 ? ? NH1 A ARG 9 ? ? 123.87 120.30 3.57 0.50 N 
4  4  NE A ARG 9 ? ? CZ A ARG 9 ? ? NH1 A ARG 9 ? ? 123.85 120.30 3.55 0.50 N 
5  5  NE A ARG 9 ? ? CZ A ARG 9 ? ? NH1 A ARG 9 ? ? 123.61 120.30 3.31 0.50 N 
6  6  NE A ARG 9 ? ? CZ A ARG 9 ? ? NH1 A ARG 9 ? ? 123.73 120.30 3.43 0.50 N 
7  7  NE A ARG 9 ? ? CZ A ARG 9 ? ? NH1 A ARG 9 ? ? 123.58 120.30 3.28 0.50 N 
8  8  NE A ARG 9 ? ? CZ A ARG 9 ? ? NH1 A ARG 9 ? ? 123.72 120.30 3.42 0.50 N 
9  9  NE A ARG 9 ? ? CZ A ARG 9 ? ? NH1 A ARG 9 ? ? 123.60 120.30 3.30 0.50 N 
10 10 NE A ARG 9 ? ? CZ A ARG 9 ? ? NH1 A ARG 9 ? ? 123.57 120.30 3.27 0.50 N 
# 
loop_
_pdbx_validate_torsion.id 
_pdbx_validate_torsion.PDB_model_num 
_pdbx_validate_torsion.auth_comp_id 
_pdbx_validate_torsion.auth_asym_id 
_pdbx_validate_torsion.auth_seq_id 
_pdbx_validate_torsion.PDB_ins_code 
_pdbx_validate_torsion.label_alt_id 
_pdbx_validate_torsion.phi 
_pdbx_validate_torsion.psi 
1 1 DPN A 8 ? ? 147.22 68.70 
2 2 DPN A 8 ? ? 158.34 60.70 
3 3 PRO A 7 ? ? -91.45 55.93 
4 3 DPN A 8 ? ? 90.01  60.98 
5 5 DPN A 8 ? ? 157.51 67.05 
6 6 DPN A 8 ? ? 155.13 68.62 
7 8 DPN A 8 ? ? 152.61 68.02 
8 9 DPN A 8 ? ? 150.77 68.01 
# 
_pdbx_struct_mod_residue.id               1 
_pdbx_struct_mod_residue.label_asym_id    A 
_pdbx_struct_mod_residue.label_comp_id    NLE 
_pdbx_struct_mod_residue.label_seq_id     2 
_pdbx_struct_mod_residue.auth_asym_id     A 
_pdbx_struct_mod_residue.auth_comp_id     NLE 
_pdbx_struct_mod_residue.auth_seq_id      4 
_pdbx_struct_mod_residue.PDB_ins_code     ? 
_pdbx_struct_mod_residue.parent_comp_id   LEU 
_pdbx_struct_mod_residue.details          NORLEUCINE 
# 
_pdbx_nmr_ensemble.average_constraint_violations_per_residue     ? 
_pdbx_nmr_ensemble.average_constraints_per_residue               ? 
_pdbx_nmr_ensemble.average_distance_constraint_violation         ? 
_pdbx_nmr_ensemble.average_torsion_angle_constraint_violation    ? 
_pdbx_nmr_ensemble.conformer_selection_criteria                  'back calculated data agree with experimental NOESY spectrum' 
_pdbx_nmr_ensemble.conformers_calculated_total_number            100 
_pdbx_nmr_ensemble.conformers_submitted_total_number             10 
_pdbx_nmr_ensemble.distance_constraint_violation_method          ? 
_pdbx_nmr_ensemble.entry_id                                      2N7N 
_pdbx_nmr_ensemble.maximum_distance_constraint_violation         ? 
_pdbx_nmr_ensemble.maximum_lower_distance_constraint_violation   ? 
_pdbx_nmr_ensemble.maximum_torsion_angle_constraint_violation    ? 
_pdbx_nmr_ensemble.maximum_upper_distance_constraint_violation   ? 
_pdbx_nmr_ensemble.torsion_angle_constraint_violation_method     ? 
# 
_pdbx_nmr_representative.conformer_id         1 
_pdbx_nmr_representative.entry_id             2N7N 
_pdbx_nmr_representative.selection_criteria   'lowest energy' 
# 
_pdbx_nmr_sample_details.contents         '2 mM PG, 200 mM [U-2H] DPC, 90% H2O/10% D2O' 
_pdbx_nmr_sample_details.solution_id      1 
_pdbx_nmr_sample_details.solvent_system   '90% H2O/10% D2O' 
_pdbx_nmr_sample_details.label            ? 
_pdbx_nmr_sample_details.type             ? 
_pdbx_nmr_sample_details.details          ? 
# 
loop_
_pdbx_nmr_exptl_sample.component 
_pdbx_nmr_exptl_sample.concentration 
_pdbx_nmr_exptl_sample.concentration_range 
_pdbx_nmr_exptl_sample.concentration_units 
_pdbx_nmr_exptl_sample.isotopic_labeling 
_pdbx_nmr_exptl_sample.solution_id 
PG-989-1 2   ? mM ?        1 
DPC-2    200 ? mM '[U-2H]' 1 
# 
_pdbx_nmr_exptl_sample_conditions.conditions_id          1 
_pdbx_nmr_exptl_sample_conditions.ionic_strength         10 
_pdbx_nmr_exptl_sample_conditions.pH                     5.5 
_pdbx_nmr_exptl_sample_conditions.pressure               ambient 
_pdbx_nmr_exptl_sample_conditions.pressure_units         ? 
_pdbx_nmr_exptl_sample_conditions.temperature            298.0 
_pdbx_nmr_exptl_sample_conditions.temperature_units      K 
_pdbx_nmr_exptl_sample_conditions.label                  ? 
_pdbx_nmr_exptl_sample_conditions.pH_units               ? 
_pdbx_nmr_exptl_sample_conditions.ionic_strength_units   ? 
# 
loop_
_pdbx_nmr_exptl.conditions_id 
_pdbx_nmr_exptl.experiment_id 
_pdbx_nmr_exptl.solution_id 
_pdbx_nmr_exptl.type 
1 1 1 '2D 1H-1H NOESY' 
1 2 1 '2D 1H-1H TOCSY' 
1 3 1 '2D DQF-COSY'    
# 
_pdbx_nmr_refine.entry_id           2N7N 
_pdbx_nmr_refine.method             'simulated annealing' 
_pdbx_nmr_refine.details            ? 
_pdbx_nmr_refine.software_ordinal   1 
# 
loop_
_pdbx_nmr_software.authors 
_pdbx_nmr_software.classification 
_pdbx_nmr_software.name 
_pdbx_nmr_software.version 
_pdbx_nmr_software.ordinal 
'Bartels et al.'                    'chemical shift assignment' XEASY ? 1 
'Bartels et al.'                    'structure solution'        XEASY ? 2 
'Guntert, Mumenthaler and Wuthrich' 'chemical shift assignment' CYANA ? 3 
'Guntert, Mumenthaler and Wuthrich' 'structure solution'        CYANA ? 4 
'Guntert, Mumenthaler and Wuthrich' refinement                  CYANA ? 5 
# 
loop_
_chem_comp_atom.comp_id 
_chem_comp_atom.atom_id 
_chem_comp_atom.type_symbol 
_chem_comp_atom.pdbx_aromatic_flag 
_chem_comp_atom.pdbx_stereo_config 
_chem_comp_atom.pdbx_ordinal 
ACE C    C N N 1   
ACE O    O N N 2   
ACE CH3  C N N 3   
ACE H    H N N 4   
ACE H1   H N N 5   
ACE H2   H N N 6   
ACE H3   H N N 7   
ARG N    N N N 8   
ARG CA   C N S 9   
ARG C    C N N 10  
ARG O    O N N 11  
ARG CB   C N N 12  
ARG CG   C N N 13  
ARG CD   C N N 14  
ARG NE   N N N 15  
ARG CZ   C N N 16  
ARG NH1  N N N 17  
ARG NH2  N N N 18  
ARG OXT  O N N 19  
ARG H    H N N 20  
ARG H2   H N N 21  
ARG HA   H N N 22  
ARG HB2  H N N 23  
ARG HB3  H N N 24  
ARG HG2  H N N 25  
ARG HG3  H N N 26  
ARG HD2  H N N 27  
ARG HD3  H N N 28  
ARG HE   H N N 29  
ARG HH11 H N N 30  
ARG HH12 H N N 31  
ARG HH21 H N N 32  
ARG HH22 H N N 33  
ARG HXT  H N N 34  
ASP N    N N N 35  
ASP CA   C N S 36  
ASP C    C N N 37  
ASP O    O N N 38  
ASP CB   C N N 39  
ASP CG   C N N 40  
ASP OD1  O N N 41  
ASP OD2  O N N 42  
ASP OXT  O N N 43  
ASP H    H N N 44  
ASP H2   H N N 45  
ASP HA   H N N 46  
ASP HB2  H N N 47  
ASP HB3  H N N 48  
ASP HD2  H N N 49  
ASP HXT  H N N 50  
DPN N    N N N 51  
DPN CA   C N R 52  
DPN C    C N N 53  
DPN O    O N N 54  
DPN OXT  O N N 55  
DPN CB   C N N 56  
DPN CG   C Y N 57  
DPN CD1  C Y N 58  
DPN CD2  C Y N 59  
DPN CE1  C Y N 60  
DPN CE2  C Y N 61  
DPN CZ   C Y N 62  
DPN H    H N N 63  
DPN H2   H N N 64  
DPN HA   H N N 65  
DPN HXT  H N N 66  
DPN HB2  H N N 67  
DPN HB3  H N N 68  
DPN HD1  H N N 69  
DPN HD2  H N N 70  
DPN HE1  H N N 71  
DPN HE2  H N N 72  
DPN HZ   H N N 73  
LYS N    N N N 74  
LYS CA   C N S 75  
LYS C    C N N 76  
LYS O    O N N 77  
LYS CB   C N N 78  
LYS CG   C N N 79  
LYS CD   C N N 80  
LYS CE   C N N 81  
LYS NZ   N N N 82  
LYS OXT  O N N 83  
LYS H    H N N 84  
LYS H2   H N N 85  
LYS HA   H N N 86  
LYS HB2  H N N 87  
LYS HB3  H N N 88  
LYS HG2  H N N 89  
LYS HG3  H N N 90  
LYS HD2  H N N 91  
LYS HD3  H N N 92  
LYS HE2  H N N 93  
LYS HE3  H N N 94  
LYS HZ1  H N N 95  
LYS HZ2  H N N 96  
LYS HZ3  H N N 97  
LYS HXT  H N N 98  
NH2 N    N N N 99  
NH2 HN1  H N N 100 
NH2 HN2  H N N 101 
NLE N    N N N 102 
NLE CA   C N S 103 
NLE C    C N N 104 
NLE O    O N N 105 
NLE OXT  O N N 106 
NLE CB   C N N 107 
NLE CG   C N N 108 
NLE CD   C N N 109 
NLE CE   C N N 110 
NLE H    H N N 111 
NLE H2   H N N 112 
NLE HA   H N N 113 
NLE HXT  H N N 114 
NLE HB2  H N N 115 
NLE HB3  H N N 116 
NLE HG2  H N N 117 
NLE HG3  H N N 118 
NLE HD2  H N N 119 
NLE HD3  H N N 120 
NLE HE1  H N N 121 
NLE HE2  H N N 122 
NLE HE3  H N N 123 
PRO N    N N N 124 
PRO CA   C N S 125 
PRO C    C N N 126 
PRO O    O N N 127 
PRO CB   C N N 128 
PRO CG   C N N 129 
PRO CD   C N N 130 
PRO OXT  O N N 131 
PRO H    H N N 132 
PRO HA   H N N 133 
PRO HB2  H N N 134 
PRO HB3  H N N 135 
PRO HG2  H N N 136 
PRO HG3  H N N 137 
PRO HD2  H N N 138 
PRO HD3  H N N 139 
PRO HXT  H N N 140 
TRP N    N N N 141 
TRP CA   C N S 142 
TRP C    C N N 143 
TRP O    O N N 144 
TRP CB   C N N 145 
TRP CG   C Y N 146 
TRP CD1  C Y N 147 
TRP CD2  C Y N 148 
TRP NE1  N Y N 149 
TRP CE2  C Y N 150 
TRP CE3  C Y N 151 
TRP CZ2  C Y N 152 
TRP CZ3  C Y N 153 
TRP CH2  C Y N 154 
TRP OXT  O N N 155 
TRP H    H N N 156 
TRP H2   H N N 157 
TRP HA   H N N 158 
TRP HB2  H N N 159 
TRP HB3  H N N 160 
TRP HD1  H N N 161 
TRP HE1  H N N 162 
TRP HE3  H N N 163 
TRP HZ2  H N N 164 
TRP HZ3  H N N 165 
TRP HH2  H N N 166 
TRP HXT  H N N 167 
# 
loop_
_chem_comp_bond.comp_id 
_chem_comp_bond.atom_id_1 
_chem_comp_bond.atom_id_2 
_chem_comp_bond.value_order 
_chem_comp_bond.pdbx_aromatic_flag 
_chem_comp_bond.pdbx_stereo_config 
_chem_comp_bond.pdbx_ordinal 
ACE C   O    doub N N 1   
ACE C   CH3  sing N N 2   
ACE C   H    sing N N 3   
ACE CH3 H1   sing N N 4   
ACE CH3 H2   sing N N 5   
ACE CH3 H3   sing N N 6   
ARG N   CA   sing N N 7   
ARG N   H    sing N N 8   
ARG N   H2   sing N N 9   
ARG CA  C    sing N N 10  
ARG CA  CB   sing N N 11  
ARG CA  HA   sing N N 12  
ARG C   O    doub N N 13  
ARG C   OXT  sing N N 14  
ARG CB  CG   sing N N 15  
ARG CB  HB2  sing N N 16  
ARG CB  HB3  sing N N 17  
ARG CG  CD   sing N N 18  
ARG CG  HG2  sing N N 19  
ARG CG  HG3  sing N N 20  
ARG CD  NE   sing N N 21  
ARG CD  HD2  sing N N 22  
ARG CD  HD3  sing N N 23  
ARG NE  CZ   sing N N 24  
ARG NE  HE   sing N N 25  
ARG CZ  NH1  sing N N 26  
ARG CZ  NH2  doub N N 27  
ARG NH1 HH11 sing N N 28  
ARG NH1 HH12 sing N N 29  
ARG NH2 HH21 sing N N 30  
ARG NH2 HH22 sing N N 31  
ARG OXT HXT  sing N N 32  
ASP N   CA   sing N N 33  
ASP N   H    sing N N 34  
ASP N   H2   sing N N 35  
ASP CA  C    sing N N 36  
ASP CA  CB   sing N N 37  
ASP CA  HA   sing N N 38  
ASP C   O    doub N N 39  
ASP C   OXT  sing N N 40  
ASP CB  CG   sing N N 41  
ASP CB  HB2  sing N N 42  
ASP CB  HB3  sing N N 43  
ASP CG  OD1  doub N N 44  
ASP CG  OD2  sing N N 45  
ASP OD2 HD2  sing N N 46  
ASP OXT HXT  sing N N 47  
DPN N   CA   sing N N 48  
DPN N   H    sing N N 49  
DPN N   H2   sing N N 50  
DPN CA  C    sing N N 51  
DPN CA  CB   sing N N 52  
DPN CA  HA   sing N N 53  
DPN C   O    doub N N 54  
DPN C   OXT  sing N N 55  
DPN OXT HXT  sing N N 56  
DPN CB  CG   sing N N 57  
DPN CB  HB2  sing N N 58  
DPN CB  HB3  sing N N 59  
DPN CG  CD1  doub Y N 60  
DPN CG  CD2  sing Y N 61  
DPN CD1 CE1  sing Y N 62  
DPN CD1 HD1  sing N N 63  
DPN CD2 CE2  doub Y N 64  
DPN CD2 HD2  sing N N 65  
DPN CE1 CZ   doub Y N 66  
DPN CE1 HE1  sing N N 67  
DPN CE2 CZ   sing Y N 68  
DPN CE2 HE2  sing N N 69  
DPN CZ  HZ   sing N N 70  
LYS N   CA   sing N N 71  
LYS N   H    sing N N 72  
LYS N   H2   sing N N 73  
LYS CA  C    sing N N 74  
LYS CA  CB   sing N N 75  
LYS CA  HA   sing N N 76  
LYS C   O    doub N N 77  
LYS C   OXT  sing N N 78  
LYS CB  CG   sing N N 79  
LYS CB  HB2  sing N N 80  
LYS CB  HB3  sing N N 81  
LYS CG  CD   sing N N 82  
LYS CG  HG2  sing N N 83  
LYS CG  HG3  sing N N 84  
LYS CD  CE   sing N N 85  
LYS CD  HD2  sing N N 86  
LYS CD  HD3  sing N N 87  
LYS CE  NZ   sing N N 88  
LYS CE  HE2  sing N N 89  
LYS CE  HE3  sing N N 90  
LYS NZ  HZ1  sing N N 91  
LYS NZ  HZ2  sing N N 92  
LYS NZ  HZ3  sing N N 93  
LYS OXT HXT  sing N N 94  
NH2 N   HN1  sing N N 95  
NH2 N   HN2  sing N N 96  
NLE N   CA   sing N N 97  
NLE N   H    sing N N 98  
NLE N   H2   sing N N 99  
NLE CA  C    sing N N 100 
NLE CA  CB   sing N N 101 
NLE CA  HA   sing N N 102 
NLE C   O    doub N N 103 
NLE C   OXT  sing N N 104 
NLE OXT HXT  sing N N 105 
NLE CB  CG   sing N N 106 
NLE CB  HB2  sing N N 107 
NLE CB  HB3  sing N N 108 
NLE CG  CD   sing N N 109 
NLE CG  HG2  sing N N 110 
NLE CG  HG3  sing N N 111 
NLE CD  CE   sing N N 112 
NLE CD  HD2  sing N N 113 
NLE CD  HD3  sing N N 114 
NLE CE  HE1  sing N N 115 
NLE CE  HE2  sing N N 116 
NLE CE  HE3  sing N N 117 
PRO N   CA   sing N N 118 
PRO N   CD   sing N N 119 
PRO N   H    sing N N 120 
PRO CA  C    sing N N 121 
PRO CA  CB   sing N N 122 
PRO CA  HA   sing N N 123 
PRO C   O    doub N N 124 
PRO C   OXT  sing N N 125 
PRO CB  CG   sing N N 126 
PRO CB  HB2  sing N N 127 
PRO CB  HB3  sing N N 128 
PRO CG  CD   sing N N 129 
PRO CG  HG2  sing N N 130 
PRO CG  HG3  sing N N 131 
PRO CD  HD2  sing N N 132 
PRO CD  HD3  sing N N 133 
PRO OXT HXT  sing N N 134 
TRP N   CA   sing N N 135 
TRP N   H    sing N N 136 
TRP N   H2   sing N N 137 
TRP CA  C    sing N N 138 
TRP CA  CB   sing N N 139 
TRP CA  HA   sing N N 140 
TRP C   O    doub N N 141 
TRP C   OXT  sing N N 142 
TRP CB  CG   sing N N 143 
TRP CB  HB2  sing N N 144 
TRP CB  HB3  sing N N 145 
TRP CG  CD1  doub Y N 146 
TRP CG  CD2  sing Y N 147 
TRP CD1 NE1  sing Y N 148 
TRP CD1 HD1  sing N N 149 
TRP CD2 CE2  doub Y N 150 
TRP CD2 CE3  sing Y N 151 
TRP NE1 CE2  sing Y N 152 
TRP NE1 HE1  sing N N 153 
TRP CE2 CZ2  sing Y N 154 
TRP CE3 CZ3  doub Y N 155 
TRP CE3 HE3  sing N N 156 
TRP CZ2 CH2  doub Y N 157 
TRP CZ2 HZ2  sing N N 158 
TRP CZ3 CH2  sing Y N 159 
TRP CZ3 HZ3  sing N N 160 
TRP CH2 HH2  sing N N 161 
TRP OXT HXT  sing N N 162 
# 
_pdbx_nmr_spectrometer.field_strength    700 
_pdbx_nmr_spectrometer.manufacturer      Varian 
_pdbx_nmr_spectrometer.model             INOVA 
_pdbx_nmr_spectrometer.spectrometer_id   1 
_pdbx_nmr_spectrometer.type              'Varian INOVA' 
# 
_atom_sites.entry_id                    2N7N 
_atom_sites.fract_transf_matrix[1][1]   1.000000 
_atom_sites.fract_transf_matrix[1][2]   0.000000 
_atom_sites.fract_transf_matrix[1][3]   0.000000 
_atom_sites.fract_transf_matrix[2][1]   0.000000 
_atom_sites.fract_transf_matrix[2][2]   1.000000 
_atom_sites.fract_transf_matrix[2][3]   0.000000 
_atom_sites.fract_transf_matrix[3][1]   0.000000 
_atom_sites.fract_transf_matrix[3][2]   0.000000 
_atom_sites.fract_transf_matrix[3][3]   1.000000 
_atom_sites.fract_transf_vector[1]      0.00000 
_atom_sites.fract_transf_vector[2]      0.00000 
_atom_sites.fract_transf_vector[3]      0.00000 
# 
loop_
_atom_type.symbol 
C 
H 
N 
O 
# 
loop_
_atom_site.group_PDB 
_atom_site.id 
_atom_site.type_symbol 
_atom_site.label_atom_id 
_atom_site.label_alt_id 
_atom_site.label_comp_id 
_atom_site.label_asym_id 
_atom_site.label_entity_id 
_atom_site.label_seq_id 
_atom_site.pdbx_PDB_ins_code 
_atom_site.Cartn_x 
_atom_site.Cartn_y 
_atom_site.Cartn_z 
_atom_site.occupancy 
_atom_site.B_iso_or_equiv 
_atom_site.pdbx_formal_charge 
_atom_site.auth_seq_id 
_atom_site.auth_comp_id 
_atom_site.auth_asym_id 
_atom_site.auth_atom_id 
_atom_site.pdbx_PDB_model_num 
HETATM 1    C C    . ACE A 1 1  ? 3.552  -2.967 -2.451 1.00 1.42  ? 3  ACE A C    1  
HETATM 2    O O    . ACE A 1 1  ? 3.865  -1.859 -2.023 1.00 25.23 ? 3  ACE A O    1  
HETATM 3    C CH3  . ACE A 1 1  ? 4.615  -3.968 -2.856 1.00 11.32 ? 3  ACE A CH3  1  
HETATM 4    H H1   . ACE A 1 1  ? 5.624  -3.556 -2.668 1.00 11.05 ? 3  ACE A H1   1  
HETATM 5    H H2   . ACE A 1 1  ? 4.531  -4.907 -2.281 1.00 31.00 ? 3  ACE A H2   1  
HETATM 6    H H3   . ACE A 1 1  ? 4.554  -4.206 -3.933 1.00 0.00  ? 3  ACE A H3   1  
HETATM 7    N N    . NLE A 1 2  ? 2.292  -3.372 -2.597 1.00 24.32 ? 4  NLE A N    1  
HETATM 8    C CA   . NLE A 1 2  ? 1.121  -2.511 -2.287 1.00 22.54 ? 4  NLE A CA   1  
HETATM 9    C C    . NLE A 1 2  ? 0.424  -3.008 -0.981 1.00 51.12 ? 4  NLE A C    1  
HETATM 10   O O    . NLE A 1 2  ? -0.135 -4.110 -0.937 1.00 4.44  ? 4  NLE A O    1  
HETATM 11   C CB   . NLE A 1 2  ? 0.103  -2.559 -3.456 1.00 51.41 ? 4  NLE A CB   1  
HETATM 12   C CG   . NLE A 1 2  ? 0.593  -2.087 -4.843 1.00 53.53 ? 4  NLE A CG   1  
HETATM 13   C CD   . NLE A 1 2  ? -0.533 -2.045 -5.890 1.00 13.25 ? 4  NLE A CD   1  
HETATM 14   C CE   . NLE A 1 2  ? -0.020 -1.577 -7.258 1.00 21.12 ? 4  NLE A CE   1  
HETATM 15   H H    . NLE A 1 2  ? 2.171  -4.306 -2.999 1.00 73.41 ? 4  NLE A H    1  
HETATM 16   H HA   . NLE A 1 2  ? 1.440  -1.454 -2.164 1.00 13.34 ? 4  NLE A HA   1  
HETATM 17   H HB2  . NLE A 1 2  ? -0.772 -1.948 -3.170 1.00 12.25 ? 4  NLE A HB2  1  
HETATM 18   H HB3  . NLE A 1 2  ? -0.291 -3.588 -3.533 1.00 64.43 ? 4  NLE A HB3  1  
HETATM 19   H HG2  . NLE A 1 2  ? 1.402  -2.752 -5.196 1.00 24.40 ? 4  NLE A HG2  1  
HETATM 20   H HG3  . NLE A 1 2  ? 1.047  -1.084 -4.753 1.00 61.35 ? 4  NLE A HG3  1  
HETATM 21   H HD2  . NLE A 1 2  ? -1.341 -1.368 -5.550 1.00 34.12 ? 4  NLE A HD2  1  
HETATM 22   H HD3  . NLE A 1 2  ? -1.000 -3.044 -5.990 1.00 2.42  ? 4  NLE A HD3  1  
HETATM 23   H HE1  . NLE A 1 2  ? -0.839 -1.539 -8.001 1.00 35.54 ? 4  NLE A HE1  1  
HETATM 24   H HE2  . NLE A 1 2  ? 0.419  -0.563 -7.208 1.00 13.20 ? 4  NLE A HE2  1  
HETATM 25   H HE3  . NLE A 1 2  ? 0.755  -2.254 -7.662 1.00 14.24 ? 4  NLE A HE3  1  
ATOM   26   N N    . ASP A 1 3  ? 0.419  -2.175 0.067  1.00 42.23 ? 5  ASP A N    1  
ATOM   27   C CA   . ASP A 1 3  ? -0.275 -2.488 1.345  1.00 14.33 ? 5  ASP A CA   1  
ATOM   28   C C    . ASP A 1 3  ? -1.642 -1.714 1.437  1.00 70.04 ? 5  ASP A C    1  
ATOM   29   O O    . ASP A 1 3  ? -1.604 -0.477 1.455  1.00 71.01 ? 5  ASP A O    1  
ATOM   30   C CB   . ASP A 1 3  ? 0.649  -2.145 2.534  1.00 73.01 ? 5  ASP A CB   1  
ATOM   31   C CG   . ASP A 1 3  ? 1.786  -3.146 2.780  1.00 3.02  ? 5  ASP A CG   1  
ATOM   32   O OD1  . ASP A 1 3  ? 1.544  -4.233 3.304  1.00 41.31 ? 5  ASP A OD1  1  
ATOM   33   H H    . ASP A 1 3  ? 0.974  -1.318 -0.060 1.00 62.10 ? 5  ASP A H    1  
ATOM   34   H HA   . ASP A 1 3  ? -0.458 -3.577 1.424  1.00 60.50 ? 5  ASP A HA   1  
ATOM   35   H HB2  . ASP A 1 3  ? 1.018  -1.107 2.448  1.00 0.00  ? 5  ASP A HB2  1  
ATOM   36   H HB3  . ASP A 1 3  ? 0.037  -2.148 3.453  1.00 72.20 ? 5  ASP A HB3  1  
ATOM   37   N N    . PRO A 1 4  ? -2.845 -2.362 1.525  1.00 64.04 ? 6  PRO A N    1  
ATOM   38   C CA   . PRO A 1 4  ? -4.153 -1.656 1.656  1.00 44.43 ? 6  PRO A CA   1  
ATOM   39   C C    . PRO A 1 4  ? -4.320 -0.644 2.852  1.00 31.44 ? 6  PRO A C    1  
ATOM   40   O O    . PRO A 1 4  ? -3.843 -0.960 3.949  1.00 1.02  ? 6  PRO A O    1  
ATOM   41   C CB   . PRO A 1 4  ? -5.150 -2.827 1.767  1.00 53.11 ? 6  PRO A CB   1  
ATOM   42   C CG   . PRO A 1 4  ? -4.476 -3.994 1.047  1.00 4.15  ? 6  PRO A CG   1  
ATOM   43   C CD   . PRO A 1 4  ? -2.996 -3.822 1.380  1.00 41.55 ? 6  PRO A CD   1  
ATOM   44   H HA   . PRO A 1 4  ? -4.326 -1.143 0.692  1.00 15.04 ? 6  PRO A HA   1  
ATOM   45   H HB2  . PRO A 1 4  ? -5.325 -3.105 2.826  1.00 0.00  ? 6  PRO A HB2  1  
ATOM   46   H HB3  . PRO A 1 4  ? -6.140 -2.582 1.338  1.00 62.32 ? 6  PRO A HB3  1  
ATOM   47   H HG2  . PRO A 1 4  ? -4.871 -4.979 1.361  1.00 0.00  ? 6  PRO A HG2  1  
ATOM   48   H HG3  . PRO A 1 4  ? -4.634 -3.916 -0.048 1.00 31.02 ? 6  PRO A HG3  1  
ATOM   49   H HD2  . PRO A 1 4  ? -2.722 -4.321 2.331  1.00 0.00  ? 6  PRO A HD2  1  
ATOM   50   H HD3  . PRO A 1 4  ? -2.362 -4.246 0.578  1.00 72.34 ? 6  PRO A HD3  1  
ATOM   51   N N    . PRO A 1 5  ? -4.965 0.556  2.719  1.00 22.14 ? 7  PRO A N    1  
ATOM   52   C CA   . PRO A 1 5  ? -5.676 1.012  1.481  1.00 10.30 ? 7  PRO A CA   1  
ATOM   53   C C    . PRO A 1 5  ? -4.845 1.563  0.267  1.00 31.43 ? 7  PRO A C    1  
ATOM   54   O O    . PRO A 1 5  ? -5.439 1.914  -0.756 1.00 11.54 ? 7  PRO A O    1  
ATOM   55   C CB   . PRO A 1 5  ? -6.623 2.079  2.074  1.00 73.35 ? 7  PRO A CB   1  
ATOM   56   C CG   . PRO A 1 5  ? -5.869 2.671  3.268  1.00 73.14 ? 7  PRO A CG   1  
ATOM   57   C CD   . PRO A 1 5  ? -5.149 1.466  3.869  1.00 50.35 ? 7  PRO A CD   1  
ATOM   58   H HA   . PRO A 1 5  ? -6.302 0.192  1.079  1.00 70.33 ? 7  PRO A HA   1  
ATOM   59   H HB2  . PRO A 1 5  ? -6.935 2.853  1.345  1.00 0.00  ? 7  PRO A HB2  1  
ATOM   60   H HB3  . PRO A 1 5  ? -7.558 1.598  2.423  1.00 33.33 ? 7  PRO A HB3  1  
ATOM   61   H HG2  . PRO A 1 5  ? -5.137 3.425  2.925  1.00 0.00  ? 7  PRO A HG2  1  
ATOM   62   H HG3  . PRO A 1 5  ? -6.539 3.171  3.993  1.00 23.41 ? 7  PRO A HG3  1  
ATOM   63   H HD2  . PRO A 1 5  ? -4.187 1.750  4.337  1.00 0.00  ? 7  PRO A HD2  1  
ATOM   64   H HD3  . PRO A 1 5  ? -5.767 0.979  4.651  1.00 41.43 ? 7  PRO A HD3  1  
HETATM 65   N N    . DPN A 1 6  ? -3.504 1.609  0.346  1.00 0.00  ? 8  DPN A N    1  
HETATM 66   C CA   . DPN A 1 6  ? -2.624 2.025  -0.781 1.00 0.00  ? 8  DPN A CA   1  
HETATM 67   C C    . DPN A 1 6  ? -1.354 2.749  -0.238 1.00 0.00  ? 8  DPN A C    1  
HETATM 68   O O    . DPN A 1 6  ? -1.190 3.957  -0.438 1.00 0.00  ? 8  DPN A O    1  
HETATM 69   C CB   . DPN A 1 6  ? -2.310 0.791  -1.689 1.00 0.00  ? 8  DPN A CB   1  
HETATM 70   C CG   . DPN A 1 6  ? -1.711 1.146  -3.060 1.00 0.00  ? 8  DPN A CG   1  
HETATM 71   C CD1  . DPN A 1 6  ? -2.556 1.406  -4.144 1.00 0.00  ? 8  DPN A CD1  1  
HETATM 72   C CD2  . DPN A 1 6  ? -0.326 1.244  -3.230 1.00 0.00  ? 8  DPN A CD2  1  
HETATM 73   C CE1  . DPN A 1 6  ? -2.022 1.766  -5.380 1.00 0.00  ? 8  DPN A CE1  1  
HETATM 74   C CE2  . DPN A 1 6  ? 0.205  1.613  -4.464 1.00 0.00  ? 8  DPN A CE2  1  
HETATM 75   C CZ   . DPN A 1 6  ? -0.643 1.871  -5.537 1.00 0.00  ? 8  DPN A CZ   1  
HETATM 76   H H    . DPN A 1 6  ? -3.138 1.167  1.199  1.00 0.00  ? 8  DPN A H    1  
HETATM 77   H HA   . DPN A 1 6  ? -3.161 2.773  -1.398 1.00 0.00  ? 8  DPN A HA   1  
HETATM 78   H HB2  . DPN A 1 6  ? -3.229 0.201  -1.834 1.00 0.00  ? 8  DPN A HB2  1  
HETATM 79   H HB3  . DPN A 1 6  ? -1.647 0.077  -1.161 1.00 0.00  ? 8  DPN A HB3  1  
HETATM 80   H HD1  . DPN A 1 6  ? -3.630 1.338  -4.030 1.00 0.00  ? 8  DPN A HD1  1  
HETATM 81   H HD2  . DPN A 1 6  ? 0.343  1.042  -2.407 1.00 0.00  ? 8  DPN A HD2  1  
HETATM 82   H HE1  . DPN A 1 6  ? -2.680 1.965  -6.214 1.00 0.00  ? 8  DPN A HE1  1  
HETATM 83   H HE2  . DPN A 1 6  ? 1.274  1.690  -4.594 1.00 0.00  ? 8  DPN A HE2  1  
HETATM 84   H HZ   . DPN A 1 6  ? -0.230 2.152  -6.497 1.00 0.00  ? 8  DPN A HZ   1  
ATOM   85   N N    . ARG A 1 7  ? -0.457 2.013  0.440  1.00 61.01 ? 9  ARG A N    1  
ATOM   86   C CA   . ARG A 1 7  ? 0.917  2.463  0.770  1.00 53.23 ? 9  ARG A CA   1  
ATOM   87   C C    . ARG A 1 7  ? 1.937  1.590  -0.027 1.00 34.42 ? 9  ARG A C    1  
ATOM   88   O O    . ARG A 1 7  ? 1.874  0.353  -0.018 1.00 75.42 ? 9  ARG A O    1  
ATOM   89   C CB   . ARG A 1 7  ? 1.161  2.357  2.297  1.00 42.11 ? 9  ARG A CB   1  
ATOM   90   C CG   . ARG A 1 7  ? 0.248  3.164  3.267  1.00 51.03 ? 9  ARG A CG   1  
ATOM   91   C CD   . ARG A 1 7  ? 0.334  4.705  3.213  1.00 32.53 ? 9  ARG A CD   1  
ATOM   92   N NE   . ARG A 1 7  ? -0.373 5.224  2.011  1.00 61.34 ? 9  ARG A NE   1  
ATOM   93   C CZ   . ARG A 1 7  ? -0.529 6.499  1.677  1.00 21.04 ? 9  ARG A CZ   1  
ATOM   94   N NH1  . ARG A 1 7  ? -0.157 7.500  2.433  1.00 5.43  ? 9  ARG A NH1  1  
ATOM   95   N NH2  . ARG A 1 7  ? -1.082 6.752  0.527  1.00 62.52 ? 9  ARG A NH2  1  
ATOM   96   H H    . ARG A 1 7  ? -0.762 1.042  0.610  1.00 0.22  ? 9  ARG A H    1  
ATOM   97   H HA   . ARG A 1 7  ? 1.062  3.523  0.479  1.00 25.44 ? 9  ARG A HA   1  
ATOM   98   H HB2  . ARG A 1 7  ? 1.101  1.288  2.575  1.00 0.00  ? 9  ARG A HB2  1  
ATOM   99   H HB3  . ARG A 1 7  ? 2.213  2.630  2.494  1.00 63.23 ? 9  ARG A HB3  1  
ATOM   100  H HG2  . ARG A 1 7  ? -0.805 2.833  3.155  1.00 0.00  ? 9  ARG A HG2  1  
ATOM   101  H HG3  . ARG A 1 7  ? 0.509  2.851  4.297  1.00 34.21 ? 9  ARG A HG3  1  
ATOM   102  H HD2  . ARG A 1 7  ? -0.128 5.118  4.133  1.00 0.00  ? 9  ARG A HD2  1  
ATOM   103  H HD3  . ARG A 1 7  ? 1.396  5.028  3.227  1.00 22.22 ? 9  ARG A HD3  1  
ATOM   104  H HE   . ARG A 1 7  ? -0.717 4.574  1.284  1.00 0.00  ? 9  ARG A HE   1  
ATOM   105  H HH11 . ARG A 1 7  ? 0.266  7.220  3.319  1.00 0.00  ? 9  ARG A HH11 1  
ATOM   106  H HH12 . ARG A 1 7  ? -0.320 8.451  2.096  1.00 0.00  ? 9  ARG A HH12 1  
ATOM   107  H HH21 . ARG A 1 7  ? -1.320 5.923  -0.038 1.00 0.00  ? 9  ARG A HH21 1  
ATOM   108  H HH22 . ARG A 1 7  ? -1.206 7.729  0.258  1.00 0.00  ? 9  ARG A HH22 1  
ATOM   109  N N    . TRP A 1 8  ? 2.870  2.249  -0.728 1.00 0.00  ? 10 TRP A N    1  
ATOM   110  C CA   . TRP A 1 8  ? 3.864  1.567  -1.590 1.00 0.00  ? 10 TRP A CA   1  
ATOM   111  C C    . TRP A 1 8  ? 5.200  1.295  -0.833 1.00 0.00  ? 10 TRP A C    1  
ATOM   112  O O    . TRP A 1 8  ? 5.801  2.173  -0.207 1.00 0.00  ? 10 TRP A O    1  
ATOM   113  C CB   . TRP A 1 8  ? 4.059  2.438  -2.856 1.00 0.00  ? 10 TRP A CB   1  
ATOM   114  C CG   . TRP A 1 8  ? 5.075  1.914  -3.877 1.00 0.00  ? 10 TRP A CG   1  
ATOM   115  C CD1  . TRP A 1 8  ? 6.374  2.425  -4.032 1.00 0.00  ? 10 TRP A CD1  1  
ATOM   116  C CD2  . TRP A 1 8  ? 5.000  0.823  -4.721 1.00 0.00  ? 10 TRP A CD2  1  
ATOM   117  N NE1  . TRP A 1 8  ? 7.122  1.691  -4.974 1.00 0.00  ? 10 TRP A NE1  1  
ATOM   118  C CE2  . TRP A 1 8  ? 6.247  0.695  -5.383 1.00 0.00  ? 10 TRP A CE2  1  
ATOM   119  C CE3  . TRP A 1 8  ? 3.973  -0.126 -4.934 1.00 0.00  ? 10 TRP A CE3  1  
ATOM   120  C CZ2  . TRP A 1 8  ? 6.470  -0.383 -6.270 1.00 0.00  ? 10 TRP A CZ2  1  
ATOM   121  C CZ3  . TRP A 1 8  ? 4.213  -1.178 -5.818 1.00 0.00  ? 10 TRP A CZ3  1  
ATOM   122  C CH2  . TRP A 1 8  ? 5.441  -1.307 -6.478 1.00 0.00  ? 10 TRP A CH2  1  
ATOM   123  H H    . TRP A 1 8  ? 2.961  3.243  -0.502 1.00 0.00  ? 10 TRP A H    1  
ATOM   124  H HA   . TRP A 1 8  ? 3.429  0.611  -1.949 1.00 0.00  ? 10 TRP A HA   1  
ATOM   125  H HB2  . TRP A 1 8  ? 3.093  2.559  -3.372 1.00 0.00  ? 10 TRP A HB2  1  
ATOM   126  H HB3  . TRP A 1 8  ? 4.359  3.454  -2.549 1.00 0.00  ? 10 TRP A HB3  1  
ATOM   127  H HD1  . TRP A 1 8  ? 6.752  3.237  -3.428 1.00 0.00  ? 10 TRP A HD1  1  
ATOM   128  H HE1  . TRP A 1 8  ? 8.085  1.848  -5.292 1.00 0.00  ? 10 TRP A HE1  1  
ATOM   129  H HE3  . TRP A 1 8  ? 3.038  -0.045 -4.399 1.00 0.00  ? 10 TRP A HE3  1  
ATOM   130  H HZ2  . TRP A 1 8  ? 7.421  -0.497 -6.770 1.00 0.00  ? 10 TRP A HZ2  1  
ATOM   131  H HZ3  . TRP A 1 8  ? 3.441  -1.915 -5.992 1.00 0.00  ? 10 TRP A HZ3  1  
ATOM   132  H HH2  . TRP A 1 8  ? 5.600  -2.136 -7.151 1.00 0.00  ? 10 TRP A HH2  1  
ATOM   133  N N    . LYS A 1 9  ? 5.673  0.060  -0.996 1.00 74.43 ? 11 LYS A N    1  
ATOM   134  C CA   . LYS A 1 9  ? 6.978  -0.413 -0.474 1.00 4.20  ? 11 LYS A CA   1  
ATOM   135  C C    . LYS A 1 9  ? 7.736  -1.231 -1.569 1.00 11.04 ? 11 LYS A C    1  
ATOM   136  O O    . LYS A 1 9  ? 7.843  -2.455 -1.553 1.00 35.41 ? 11 LYS A O    1  
ATOM   137  C CB   . LYS A 1 9  ? 6.742  -1.140 0.877  1.00 41.10 ? 11 LYS A CB   1  
ATOM   138  C CG   . LYS A 1 9  ? 5.746  -2.323 0.921  1.00 44.10 ? 11 LYS A CG   1  
ATOM   139  C CD   . LYS A 1 9  ? 5.485  -2.829 2.359  1.00 33.11 ? 11 LYS A CD   1  
ATOM   140  C CE   . LYS A 1 9  ? 4.188  -3.645 2.529  1.00 70.12 ? 11 LYS A CE   1  
ATOM   141  N NZ   . LYS A 1 9  ? 3.004  -2.767 2.398  1.00 43.51 ? 11 LYS A NZ   1  
ATOM   142  H H    . LYS A 1 9  ? 4.987  -0.593 -1.398 1.00 20.44 ? 11 LYS A H    1  
ATOM   143  H HA   . LYS A 1 9  ? 7.631  0.451  -0.242 1.00 50.52 ? 11 LYS A HA   1  
ATOM   144  H HB2  . LYS A 1 9  ? 7.716  -1.490 1.250  1.00 0.00  ? 11 LYS A HB2  1  
ATOM   145  H HB3  . LYS A 1 9  ? 6.399  -0.375 1.598  1.00 63.23 ? 11 LYS A HB3  1  
ATOM   146  H HG2  . LYS A 1 9  ? 4.794  -1.996 0.466  1.00 0.00  ? 11 LYS A HG2  1  
ATOM   147  H HG3  . LYS A 1 9  ? 6.106  -3.150 0.280  1.00 60.25 ? 11 LYS A HG3  1  
ATOM   148  H HD2  . LYS A 1 9  ? 6.346  -3.446 2.679  1.00 0.00  ? 11 LYS A HD2  1  
ATOM   149  H HD3  . LYS A 1 9  ? 5.467  -1.985 3.076  1.00 13.13 ? 11 LYS A HD3  1  
ATOM   150  H HE2  . LYS A 1 9  ? 4.142  -4.467 1.786  1.00 0.00  ? 11 LYS A HE2  1  
ATOM   151  H HE3  . LYS A 1 9  ? 4.194  -4.138 3.521  1.00 35.55 ? 11 LYS A HE3  1  
ATOM   152  H HZ1  . LYS A 1 9  ? 3.041  -1.859 1.924  1.00 44.51 ? 11 LYS A HZ1  1  
HETATM 153  N N    . NH2 A 1 10 ? 8.298  -0.588 -2.575 1.00 24.35 ? 12 NH2 A N    1  
HETATM 154  H HN1  . NH2 A 1 10 ? 8.646  -1.218 -3.302 1.00 71.12 ? 12 NH2 A HN1  1  
HETATM 155  H HN2  . NH2 A 1 10 ? 8.005  0.386  -2.702 1.00 14.20 ? 12 NH2 A HN2  1  
HETATM 156  C C    . ACE A 1 1  ? 3.979  -3.170 -2.845 1.00 1.42  ? 3  ACE A C    2  
HETATM 157  O O    . ACE A 1 1  ? 4.331  -1.990 -2.848 1.00 25.23 ? 3  ACE A O    2  
HETATM 158  C CH3  . ACE A 1 1  ? 4.933  -4.265 -3.282 1.00 11.32 ? 3  ACE A CH3  2  
HETATM 159  H H1   . ACE A 1 1  ? 5.297  -4.845 -2.416 1.00 11.05 ? 3  ACE A H1   2  
HETATM 160  H H2   . ACE A 1 1  ? 4.460  -4.964 -3.996 1.00 31.00 ? 3  ACE A H2   2  
HETATM 161  H H3   . ACE A 1 1  ? 5.814  -3.835 -3.791 1.00 0.00  ? 3  ACE A H3   2  
HETATM 162  N N    . NLE A 1 2  ? 2.780  -3.595 -2.452 1.00 24.32 ? 4  NLE A N    2  
HETATM 163  C CA   . NLE A 1 2  ? 1.660  -2.678 -2.100 1.00 22.54 ? 4  NLE A CA   2  
HETATM 164  C C    . NLE A 1 2  ? 0.922  -3.154 -0.812 1.00 51.12 ? 4  NLE A C    2  
HETATM 165  O O    . NLE A 1 2  ? 0.585  -4.331 -0.646 1.00 4.44  ? 4  NLE A O    2  
HETATM 166  C CB   . NLE A 1 2  ? 0.695  -2.616 -3.311 1.00 51.41 ? 4  NLE A CB   2  
HETATM 167  C CG   . NLE A 1 2  ? -0.393 -1.520 -3.255 1.00 53.53 ? 4  NLE A CG   2  
HETATM 168  C CD   . NLE A 1 2  ? -1.268 -1.444 -4.521 1.00 13.25 ? 4  NLE A CD   2  
HETATM 169  C CE   . NLE A 1 2  ? -2.273 -2.598 -4.658 1.00 21.12 ? 4  NLE A CE   2  
HETATM 170  H H    . NLE A 1 2  ? 2.665  -4.613 -2.459 1.00 73.41 ? 4  NLE A H    2  
HETATM 171  H HA   . NLE A 1 2  ? 2.057  -1.654 -1.935 1.00 13.34 ? 4  NLE A HA   2  
HETATM 172  H HB2  . NLE A 1 2  ? 0.219  -3.605 -3.444 1.00 12.25 ? 4  NLE A HB2  2  
HETATM 173  H HB3  . NLE A 1 2  ? 1.291  -2.446 -4.222 1.00 64.43 ? 4  NLE A HB3  2  
HETATM 174  H HG2  . NLE A 1 2  ? 0.101  -0.541 -3.109 1.00 24.40 ? 4  NLE A HG2  2  
HETATM 175  H HG3  . NLE A 1 2  ? -1.039 -1.652 -2.364 1.00 61.35 ? 4  NLE A HG3  2  
HETATM 176  H HD2  . NLE A 1 2  ? -0.633 -1.382 -5.425 1.00 34.12 ? 4  NLE A HD2  2  
HETATM 177  H HD3  . NLE A 1 2  ? -1.834 -0.493 -4.512 1.00 2.42  ? 4  NLE A HD3  2  
HETATM 178  H HE1  . NLE A 1 2  ? -2.910 -2.472 -5.552 1.00 35.54 ? 4  NLE A HE1  2  
HETATM 179  H HE2  . NLE A 1 2  ? -1.771 -3.578 -4.756 1.00 13.20 ? 4  NLE A HE2  2  
HETATM 180  H HE3  . NLE A 1 2  ? -2.949 -2.659 -3.784 1.00 14.24 ? 4  NLE A HE3  2  
ATOM   181  N N    . ASP A 1 3  ? 0.625  -2.192 0.067  1.00 42.23 ? 5  ASP A N    2  
ATOM   182  C CA   . ASP A 1 3  ? -0.139 -2.418 1.316  1.00 14.33 ? 5  ASP A CA   2  
ATOM   183  C C    . ASP A 1 3  ? -1.521 -1.669 1.239  1.00 70.04 ? 5  ASP A C    2  
ATOM   184  O O    . ASP A 1 3  ? -1.517 -0.430 1.202  1.00 71.01 ? 5  ASP A O    2  
ATOM   185  C CB   . ASP A 1 3  ? 0.684  -1.894 2.517  1.00 73.01 ? 5  ASP A CB   2  
ATOM   186  C CG   . ASP A 1 3  ? 1.928  -2.699 2.911  1.00 3.02  ? 5  ASP A CG   2  
ATOM   187  O OD1  . ASP A 1 3  ? 1.817  -3.679 3.648  1.00 41.31 ? 5  ASP A OD1  2  
ATOM   188  H H    . ASP A 1 3  ? 0.970  -1.257 -0.186 1.00 62.10 ? 5  ASP A H    2  
ATOM   189  H HA   . ASP A 1 3  ? -0.297 -3.499 1.499  1.00 60.50 ? 5  ASP A HA   2  
ATOM   190  H HB2  . ASP A 1 3  ? 0.929  -0.829 2.365  1.00 0.00  ? 5  ASP A HB2  2  
ATOM   191  H HB3  . ASP A 1 3  ? 0.021  -1.902 3.396  1.00 72.20 ? 5  ASP A HB3  2  
ATOM   192  N N    . PRO A 1 4  ? -2.710 -2.340 1.257  1.00 64.04 ? 6  PRO A N    2  
ATOM   193  C CA   . PRO A 1 4  ? -4.034 -1.658 1.376  1.00 44.43 ? 6  PRO A CA   2  
ATOM   194  C C    . PRO A 1 4  ? -4.260 -0.791 2.673  1.00 31.44 ? 6  PRO A C    2  
ATOM   195  O O    . PRO A 1 4  ? -3.783 -1.204 3.738  1.00 1.02  ? 6  PRO A O    2  
ATOM   196  C CB   . PRO A 1 4  ? -5.020 -2.844 1.303  1.00 53.11 ? 6  PRO A CB   2  
ATOM   197  C CG   . PRO A 1 4  ? -4.260 -3.967 0.595  1.00 4.15  ? 6  PRO A CG   2  
ATOM   198  C CD   . PRO A 1 4  ? -2.822 -3.798 1.082  1.00 41.55 ? 6  PRO A CD   2  
ATOM   199  H HA   . PRO A 1 4  ? -4.155 -1.035 0.470  1.00 15.04 ? 6  PRO A HA   2  
ATOM   200  H HB2  . PRO A 1 4  ? -5.310 -3.188 2.316  1.00 0.00  ? 6  PRO A HB2  2  
ATOM   201  H HB3  . PRO A 1 4  ? -5.959 -2.578 0.783  1.00 62.32 ? 6  PRO A HB3  2  
ATOM   202  H HG2  . PRO A 1 4  ? -4.668 -4.970 0.820  1.00 0.00  ? 6  PRO A HG2  2  
ATOM   203  H HG3  . PRO A 1 4  ? -4.310 -3.834 -0.503 1.00 31.02 ? 6  PRO A HG3  2  
ATOM   204  H HD2  . PRO A 1 4  ? -2.645 -4.303 2.054  1.00 0.00  ? 6  PRO A HD2  2  
ATOM   205  H HD3  . PRO A 1 4  ? -2.096 -4.201 0.348  1.00 72.34 ? 6  PRO A HD3  2  
ATOM   206  N N    . PRO A 1 5  ? -4.957 0.387  2.666  1.00 22.14 ? 7  PRO A N    2  
ATOM   207  C CA   . PRO A 1 5  ? -5.683 0.943  1.481  1.00 10.30 ? 7  PRO A CA   2  
ATOM   208  C C    . PRO A 1 5  ? -4.875 1.671  0.350  1.00 31.43 ? 7  PRO A C    2  
ATOM   209  O O    . PRO A 1 5  ? -5.468 2.008  -0.678 1.00 11.54 ? 7  PRO A O    2  
ATOM   210  C CB   . PRO A 1 5  ? -6.693 1.882  2.175  1.00 73.35 ? 7  PRO A CB   2  
ATOM   211  C CG   . PRO A 1 5  ? -5.983 2.375  3.438  1.00 73.14 ? 7  PRO A CG   2  
ATOM   212  C CD   . PRO A 1 5  ? -5.197 1.152  3.908  1.00 50.35 ? 7  PRO A CD   2  
ATOM   213  H HA   . PRO A 1 5  ? -6.261 0.141  0.980  1.00 70.33 ? 7  PRO A HA   2  
ATOM   214  H HB2  . PRO A 1 5  ? -7.040 2.716  1.532  1.00 0.00  ? 7  PRO A HB2  2  
ATOM   215  H HB3  . PRO A 1 5  ? -7.604 1.317  2.454  1.00 33.33 ? 7  PRO A HB3  2  
ATOM   216  H HG2  . PRO A 1 5  ? -5.291 3.203  3.192  1.00 0.00  ? 7  PRO A HG2  2  
ATOM   217  H HG3  . PRO A 1 5  ? -6.684 2.752  4.206  1.00 23.41 ? 7  PRO A HG3  2  
ATOM   218  H HD2  . PRO A 1 5  ? -4.254 1.435  4.415  1.00 0.00  ? 7  PRO A HD2  2  
ATOM   219  H HD3  . PRO A 1 5  ? -5.789 0.548  4.626  1.00 41.43 ? 7  PRO A HD3  2  
HETATM 220  N N    . DPN A 1 6  ? -3.556 1.883  0.498  1.00 0.00  ? 8  DPN A N    2  
HETATM 221  C CA   . DPN A 1 6  ? -2.692 2.471  -0.568 1.00 0.00  ? 8  DPN A CA   2  
HETATM 222  C C    . DPN A 1 6  ? -1.382 3.098  0.006  1.00 0.00  ? 8  DPN A C    2  
HETATM 223  O O    . DPN A 1 6  ? -1.108 4.279  -0.215 1.00 0.00  ? 8  DPN A O    2  
HETATM 224  C CB   . DPN A 1 6  ? -2.391 1.405  -1.671 1.00 0.00  ? 8  DPN A CB   2  
HETATM 225  C CG   . DPN A 1 6  ? -1.953 1.984  -3.025 1.00 0.00  ? 8  DPN A CG   2  
HETATM 226  C CD1  . DPN A 1 6  ? -2.913 2.281  -3.998 1.00 0.00  ? 8  DPN A CD1  2  
HETATM 227  C CD2  . DPN A 1 6  ? -0.598 2.186  -3.314 1.00 0.00  ? 8  DPN A CD2  2  
HETATM 228  C CE1  . DPN A 1 6  ? -2.523 2.764  -5.246 1.00 0.00  ? 8  DPN A CE1  2  
HETATM 229  C CE2  . DPN A 1 6  ? -0.210 2.666  -4.562 1.00 0.00  ? 8  DPN A CE2  2  
HETATM 230  C CZ   . DPN A 1 6  ? -1.172 2.954  -5.528 1.00 0.00  ? 8  DPN A CZ   2  
HETATM 231  H H    . DPN A 1 6  ? -3.182 1.480  1.366  1.00 0.00  ? 8  DPN A H    2  
HETATM 232  H HA   . DPN A 1 6  ? -3.252 3.308  -1.035 1.00 0.00  ? 8  DPN A HA   2  
HETATM 233  H HB2  . DPN A 1 6  ? -3.281 0.770  -1.825 1.00 0.00  ? 8  DPN A HB2  2  
HETATM 234  H HB3  . DPN A 1 6  ? -1.644 0.674  -1.309 1.00 0.00  ? 8  DPN A HB3  2  
HETATM 235  H HD1  . DPN A 1 6  ? -3.964 2.133  -3.791 1.00 0.00  ? 8  DPN A HD1  2  
HETATM 236  H HD2  . DPN A 1 6  ? 0.157  1.961  -2.573 1.00 0.00  ? 8  DPN A HD2  2  
HETATM 237  H HE1  . DPN A 1 6  ? -3.268 2.989  -5.996 1.00 0.00  ? 8  DPN A HE1  2  
HETATM 238  H HE2  . DPN A 1 6  ? 0.835  2.813  -4.789 1.00 0.00  ? 8  DPN A HE2  2  
HETATM 239  H HZ   . DPN A 1 6  ? -0.871 3.325  -6.496 1.00 0.00  ? 8  DPN A HZ   2  
ATOM   240  N N    . ARG A 1 7  ? -0.538 2.281  0.664  1.00 61.01 ? 9  ARG A N    2  
ATOM   241  C CA   . ARG A 1 7  ? 0.891  2.605  0.904  1.00 53.23 ? 9  ARG A CA   2  
ATOM   242  C C    . ARG A 1 7  ? 1.764  1.669  0.021  1.00 34.42 ? 9  ARG A C    2  
ATOM   243  O O    . ARG A 1 7  ? 1.702  0.438  0.089  1.00 75.42 ? 9  ARG A O    2  
ATOM   244  C CB   . ARG A 1 7  ? 1.187  2.472  2.414  1.00 42.11 ? 9  ARG A CB   2  
ATOM   245  C CG   . ARG A 1 7  ? 2.633  2.696  2.932  1.00 51.03 ? 9  ARG A CG   2  
ATOM   246  C CD   . ARG A 1 7  ? 3.230  4.106  2.715  1.00 32.53 ? 9  ARG A CD   2  
ATOM   247  N NE   . ARG A 1 7  ? 4.154  4.122  1.546  1.00 61.34 ? 9  ARG A NE   2  
ATOM   248  C CZ   . ARG A 1 7  ? 4.737  5.202  1.032  1.00 21.04 ? 9  ARG A CZ   2  
ATOM   249  N NH1  . ARG A 1 7  ? 4.502  6.425  1.442  1.00 62.52 ? 9  ARG A NH1  2  
ATOM   250  N NH2  . ARG A 1 7  ? 5.588  5.025  0.065  1.00 5.43  ? 9  ARG A NH2  2  
ATOM   251  H H    . ARG A 1 7  ? -0.901 1.314  0.729  1.00 0.22  ? 9  ARG A H    2  
ATOM   252  H HA   . ARG A 1 7  ? 1.090  3.666  0.642  1.00 25.44 ? 9  ARG A HA   2  
ATOM   253  H HB2  . ARG A 1 7  ? 0.519  3.175  2.941  1.00 0.00  ? 9  ARG A HB2  2  
ATOM   254  H HB3  . ARG A 1 7  ? 0.872  1.464  2.731  1.00 63.23 ? 9  ARG A HB3  2  
ATOM   255  H HG2  . ARG A 1 7  ? 2.608  2.505  4.022  1.00 0.00  ? 9  ARG A HG2  2  
ATOM   256  H HG3  . ARG A 1 7  ? 3.305  1.898  2.554  1.00 34.21 ? 9  ARG A HG3  2  
ATOM   257  H HD2  . ARG A 1 7  ? 2.416  4.855  2.613  1.00 0.00  ? 9  ARG A HD2  2  
ATOM   258  H HD3  . ARG A 1 7  ? 3.791  4.402  3.626  1.00 22.22 ? 9  ARG A HD3  2  
ATOM   259  H HE   . ARG A 1 7  ? 4.493  3.248  1.116  1.00 0.00  ? 9  ARG A HE   2  
ATOM   260  H HH11 . ARG A 1 7  ? 3.830  6.490  2.208  1.00 0.00  ? 9  ARG A HH11 2  
ATOM   261  H HH12 . ARG A 1 7  ? 4.997  7.193  0.988  1.00 0.00  ? 9  ARG A HH12 2  
ATOM   262  H HH21 . ARG A 1 7  ? 5.751  4.041  -0.200 1.00 0.00  ? 9  ARG A HH21 2  
ATOM   263  H HH22 . ARG A 1 7  ? 6.051  5.848  -0.325 1.00 0.00  ? 9  ARG A HH22 2  
ATOM   264  N N    . TRP A 1 8  ? 2.606  2.295  -0.801 1.00 0.00  ? 10 TRP A N    2  
ATOM   265  C CA   . TRP A 1 8  ? 3.563  1.576  -1.674 1.00 0.00  ? 10 TRP A CA   2  
ATOM   266  C C    . TRP A 1 8  ? 4.917  1.330  -0.935 1.00 0.00  ? 10 TRP A C    2  
ATOM   267  O O    . TRP A 1 8  ? 5.468  2.207  -0.258 1.00 0.00  ? 10 TRP A O    2  
ATOM   268  C CB   . TRP A 1 8  ? 3.703  2.401  -2.976 1.00 0.00  ? 10 TRP A CB   2  
ATOM   269  C CG   . TRP A 1 8  ? 4.530  1.713  -4.059 1.00 0.00  ? 10 TRP A CG   2  
ATOM   270  C CD1  . TRP A 1 8  ? 5.907  1.907  -4.243 1.00 0.00  ? 10 TRP A CD1  2  
ATOM   271  C CD2  . TRP A 1 8  ? 4.168  0.715  -4.941 1.00 0.00  ? 10 TRP A CD2  2  
ATOM   272  N NE1  . TRP A 1 8  ? 6.433  1.045  -5.225 1.00 0.00  ? 10 TRP A NE1  2  
ATOM   273  C CE2  . TRP A 1 8  ? 5.333  0.309  -5.641 1.00 0.00  ? 10 TRP A CE2  2  
ATOM   274  C CE3  . TRP A 1 8  ? 2.926  0.075  -5.175 1.00 0.00  ? 10 TRP A CE3  2  
ATOM   275  C CZ2  . TRP A 1 8  ? 5.261  -0.742 -6.583 1.00 0.00  ? 10 TRP A CZ2  2  
ATOM   276  C CZ3  . TRP A 1 8  ? 2.878  -0.950 -6.122 1.00 0.00  ? 10 TRP A CZ3  2  
ATOM   277  C CH2  . TRP A 1 8  ? 4.027  -1.356 -6.812 1.00 0.00  ? 10 TRP A CH2  2  
ATOM   278  H H    . TRP A 1 8  ? 2.679  3.292  -0.591 1.00 0.00  ? 10 TRP A H    2  
ATOM   279  H HA   . TRP A 1 8  ? 3.114  0.602  -1.968 1.00 0.00  ? 10 TRP A HA   2  
ATOM   280  H HB2  . TRP A 1 8  ? 2.707  2.604  -3.398 1.00 0.00  ? 10 TRP A HB2  2  
ATOM   281  H HB3  . TRP A 1 8  ? 4.134  3.393  -2.755 1.00 0.00  ? 10 TRP A HB3  2  
ATOM   282  H HD1  . TRP A 1 8  ? 6.472  2.592  -3.626 1.00 0.00  ? 10 TRP A HD1  2  
ATOM   283  H HE1  . TRP A 1 8  ? 7.406  0.948  -5.537 1.00 0.00  ? 10 TRP A HE1  2  
ATOM   284  H HE3  . TRP A 1 8  ? 2.041  0.369  -4.629 1.00 0.00  ? 10 TRP A HE3  2  
ATOM   285  H HZ2  . TRP A 1 8  ? 6.144  -1.065 -7.114 1.00 0.00  ? 10 TRP A HZ2  2  
ATOM   286  H HZ3  . TRP A 1 8  ? 1.937  -1.444 -6.323 1.00 0.00  ? 10 TRP A HZ3  2  
ATOM   287  H HH2  . TRP A 1 8  ? 3.958  -2.159 -7.532 1.00 0.00  ? 10 TRP A HH2  2  
ATOM   288  N N    . LYS A 1 9  ? 5.432  0.114  -1.109 1.00 74.43 ? 11 LYS A N    2  
ATOM   289  C CA   . LYS A 1 9  ? 6.682  -0.376 -0.471 1.00 4.20  ? 11 LYS A CA   2  
ATOM   290  C C    . LYS A 1 9  ? 7.740  -0.957 -1.466 1.00 11.04 ? 11 LYS A C    2  
ATOM   291  O O    . LYS A 1 9  ? 8.937  -0.733 -1.306 1.00 35.41 ? 11 LYS A O    2  
ATOM   292  C CB   . LYS A 1 9  ? 6.304  -1.327 0.695  1.00 41.10 ? 11 LYS A CB   2  
ATOM   293  C CG   . LYS A 1 9  ? 5.450  -2.579 0.381  1.00 44.10 ? 11 LYS A CG   2  
ATOM   294  C CD   . LYS A 1 9  ? 5.134  -3.482 1.594  1.00 33.11 ? 11 LYS A CD   2  
ATOM   295  C CE   . LYS A 1 9  ? 4.400  -2.855 2.800  1.00 70.12 ? 11 LYS A CE   2  
ATOM   296  N NZ   . LYS A 1 9  ? 3.095  -2.250 2.439  1.00 43.51 ? 11 LYS A NZ   2  
ATOM   297  H H    . LYS A 1 9  ? 4.843  -0.518 -1.666 1.00 20.44 ? 11 LYS A H    2  
ATOM   298  H HA   . LYS A 1 9  ? 7.208  0.472  0.006  1.00 50.52 ? 11 LYS A HA   2  
ATOM   299  H HB2  . LYS A 1 9  ? 7.235  -1.653 1.183  1.00 0.00  ? 11 LYS A HB2  2  
ATOM   300  H HB3  . LYS A 1 9  ? 5.766  -0.725 1.450  1.00 63.23 ? 11 LYS A HB3  2  
ATOM   301  H HG2  . LYS A 1 9  ? 4.495  -2.265 -0.083 1.00 0.00  ? 11 LYS A HG2  2  
ATOM   302  H HG3  . LYS A 1 9  ? 5.966  -3.184 -0.389 1.00 60.25 ? 11 LYS A HG3  2  
ATOM   303  H HD2  . LYS A 1 9  ? 4.542  -4.347 1.238  1.00 0.00  ? 11 LYS A HD2  2  
ATOM   304  H HD3  . LYS A 1 9  ? 6.083  -3.924 1.958  1.00 13.13 ? 11 LYS A HD3  2  
ATOM   305  H HE2  . LYS A 1 9  ? 4.293  -3.623 3.593  1.00 0.00  ? 11 LYS A HE2  2  
ATOM   306  H HE3  . LYS A 1 9  ? 5.037  -2.077 3.262  1.00 35.55 ? 11 LYS A HE3  2  
ATOM   307  H HZ1  . LYS A 1 9  ? 3.001  -1.496 1.752  1.00 44.51 ? 11 LYS A HZ1  2  
HETATM 308  N N    . NH2 A 1 10 ? 7.408  -1.705 -2.505 1.00 24.35 ? 12 NH2 A N    2  
HETATM 309  H HN1  . NH2 A 1 10 ? 6.403  -1.785 -2.713 1.00 71.12 ? 12 NH2 A HN1  2  
HETATM 310  H HN2  . NH2 A 1 10 ? 8.200  -1.953 -3.101 1.00 14.20 ? 12 NH2 A HN2  2  
HETATM 311  C C    . ACE A 1 1  ? 3.487  -3.134 -2.702 1.00 1.42  ? 3  ACE A C    3  
HETATM 312  O O    . ACE A 1 1  ? 4.624  -2.880 -3.085 1.00 25.23 ? 3  ACE A O    3  
HETATM 313  C CH3  . ACE A 1 1  ? 3.118  -4.570 -2.346 1.00 11.32 ? 3  ACE A CH3  3  
HETATM 314  H H1   . ACE A 1 1  ? 2.939  -4.674 -1.261 1.00 11.05 ? 3  ACE A H1   3  
HETATM 315  H H2   . ACE A 1 1  ? 2.212  -4.903 -2.879 1.00 31.00 ? 3  ACE A H2   3  
HETATM 316  H H3   . ACE A 1 1  ? 3.935  -5.262 -2.616 1.00 0.00  ? 3  ACE A H3   3  
HETATM 317  N N    . NLE A 1 2  ? 2.667  -2.088 -2.621 1.00 24.32 ? 4  NLE A N    3  
HETATM 318  C CA   . NLE A 1 2  ? 1.210  -2.106 -2.305 1.00 22.54 ? 4  NLE A CA   3  
HETATM 319  C C    . NLE A 1 2  ? 0.731  -2.796 -0.978 1.00 51.12 ? 4  NLE A C    3  
HETATM 320  O O    . NLE A 1 2  ? 0.315  -3.959 -0.963 1.00 4.44  ? 4  NLE A O    3  
HETATM 321  C CB   . NLE A 1 2  ? 0.339  -2.537 -3.512 1.00 51.41 ? 4  NLE A CB   3  
HETATM 322  C CG   . NLE A 1 2  ? 0.641  -1.947 -4.908 1.00 53.53 ? 4  NLE A CG   3  
HETATM 323  C CD   . NLE A 1 2  ? -0.410 -2.343 -5.958 1.00 13.25 ? 4  NLE A CD   3  
HETATM 324  C CE   . NLE A 1 2  ? -0.066 -1.796 -7.350 1.00 21.12 ? 4  NLE A CE   3  
HETATM 325  H H    . NLE A 1 2  ? 3.007  -1.370 -3.259 1.00 73.41 ? 4  NLE A H    3  
HETATM 326  H HA   . NLE A 1 2  ? 0.977  -1.031 -2.182 1.00 13.34 ? 4  NLE A HA   3  
HETATM 327  H HB2  . NLE A 1 2  ? -0.702 -2.285 -3.252 1.00 12.25 ? 4  NLE A HB2  3  
HETATM 328  H HB3  . NLE A 1 2  ? 0.376  -3.635 -3.567 1.00 64.43 ? 4  NLE A HB3  3  
HETATM 329  H HG2  . NLE A 1 2  ? 1.639  -2.294 -5.236 1.00 24.40 ? 4  NLE A HG2  3  
HETATM 330  H HG3  . NLE A 1 2  ? 0.706  -0.845 -4.846 1.00 61.35 ? 4  NLE A HG3  3  
HETATM 331  H HD2  . NLE A 1 2  ? -1.407 -1.972 -5.653 1.00 34.12 ? 4  NLE A HD2  3  
HETATM 332  H HD3  . NLE A 1 2  ? -0.503 -3.446 -6.009 1.00 2.42  ? 4  NLE A HD3  3  
HETATM 333  H HE1  . NLE A 1 2  ? 0.894  -2.199 -7.726 1.00 35.54 ? 4  NLE A HE1  3  
HETATM 334  H HE2  . NLE A 1 2  ? -0.842 -2.068 -8.089 1.00 13.20 ? 4  NLE A HE2  3  
HETATM 335  H HE3  . NLE A 1 2  ? 0.011  -0.693 -7.351 1.00 14.24 ? 4  NLE A HE3  3  
ATOM   336  N N    . ASP A 1 3  ? 0.726  -2.040 0.123  1.00 42.23 ? 5  ASP A N    3  
ATOM   337  C CA   . ASP A 1 3  ? 0.011  -2.410 1.372  1.00 14.33 ? 5  ASP A CA   3  
ATOM   338  C C    . ASP A 1 3  ? -1.405 -1.721 1.397  1.00 70.04 ? 5  ASP A C    3  
ATOM   339  O O    . ASP A 1 3  ? -1.451 -0.487 1.306  1.00 71.01 ? 5  ASP A O    3  
ATOM   340  C CB   . ASP A 1 3  ? 0.845  -1.952 2.595  1.00 73.01 ? 5  ASP A CB   3  
ATOM   341  C CG   . ASP A 1 3  ? 2.001  -2.858 3.042  1.00 3.02  ? 5  ASP A CG   3  
ATOM   342  O OD1  . ASP A 1 3  ? 1.917  -3.486 4.096  1.00 41.31 ? 5  ASP A OD1  3  
ATOM   343  H H    . ASP A 1 3  ? 1.063  -1.078 -0.034 1.00 62.10 ? 5  ASP A H    3  
ATOM   344  H HA   . ASP A 1 3  ? -0.088 -3.509 1.447  1.00 60.50 ? 5  ASP A HA   3  
ATOM   345  H HB2  . ASP A 1 3  ? 1.206  -0.917 2.457  1.00 0.00  ? 5  ASP A HB2  3  
ATOM   346  H HB3  . ASP A 1 3  ? 0.167  -1.884 3.464  1.00 72.20 ? 5  ASP A HB3  3  
ATOM   347  N N    . PRO A 1 4  ? -2.566 -2.426 1.554  1.00 64.04 ? 6  PRO A N    3  
ATOM   348  C CA   . PRO A 1 4  ? -3.906 -1.781 1.696  1.00 44.43 ? 6  PRO A CA   3  
ATOM   349  C C    . PRO A 1 4  ? -4.078 -0.740 2.870  1.00 31.44 ? 6  PRO A C    3  
ATOM   350  O O    . PRO A 1 4  ? -3.591 -1.035 3.969  1.00 1.02  ? 6  PRO A O    3  
ATOM   351  C CB   . PRO A 1 4  ? -4.835 -2.999 1.884  1.00 53.11 ? 6  PRO A CB   3  
ATOM   352  C CG   . PRO A 1 4  ? -4.108 -4.169 1.223  1.00 4.15  ? 6  PRO A CG   3  
ATOM   353  C CD   . PRO A 1 4  ? -2.633 -3.899 1.520  1.00 41.55 ? 6  PRO A CD   3  
ATOM   354  H HA   . PRO A 1 4  ? -4.138 -1.322 0.718  1.00 15.04 ? 6  PRO A HA   3  
ATOM   355  H HB2  . PRO A 1 4  ? -4.984 -3.229 2.960  1.00 0.00  ? 6  PRO A HB2  3  
ATOM   356  H HB3  . PRO A 1 4  ? -5.842 -2.832 1.457  1.00 62.32 ? 6  PRO A HB3  3  
ATOM   357  H HG2  . PRO A 1 4  ? -4.442 -5.152 1.603  1.00 0.00  ? 6  PRO A HG2  3  
ATOM   358  H HG3  . PRO A 1 4  ? -4.284 -4.166 0.130  1.00 31.02 ? 6  PRO A HG3  3  
ATOM   359  H HD2  . PRO A 1 4  ? -2.324 -4.311 2.503  1.00 0.00  ? 6  PRO A HD2  3  
ATOM   360  H HD3  . PRO A 1 4  ? -1.986 -4.345 0.740  1.00 72.34 ? 6  PRO A HD3  3  
ATOM   361  N N    . PRO A 1 5  ? -4.742 0.451  2.734  1.00 22.14 ? 7  PRO A N    3  
ATOM   362  C CA   . PRO A 1 5  ? -5.461 0.894  1.499  1.00 10.30 ? 7  PRO A CA   3  
ATOM   363  C C    . PRO A 1 5  ? -4.617 1.735  0.472  1.00 31.43 ? 7  PRO A C    3  
ATOM   364  O O    . PRO A 1 5  ? -4.997 2.839  0.067  1.00 11.54 ? 7  PRO A O    3  
ATOM   365  C CB   . PRO A 1 5  ? -6.632 1.667  2.148  1.00 73.35 ? 7  PRO A CB   3  
ATOM   366  C CG   . PRO A 1 5  ? -6.028 2.339  3.384  1.00 73.14 ? 7  PRO A CG   3  
ATOM   367  C CD   . PRO A 1 5  ? -5.032 1.305  3.907  1.00 50.35 ? 7  PRO A CD   3  
ATOM   368  H HA   . PRO A 1 5  ? -5.899 0.041  0.948  1.00 70.33 ? 7  PRO A HA   3  
ATOM   369  H HB2  . PRO A 1 5  ? -7.113 2.390  1.463  1.00 0.00  ? 7  PRO A HB2  3  
ATOM   370  H HB3  . PRO A 1 5  ? -7.428 0.962  2.455  1.00 33.33 ? 7  PRO A HB3  3  
ATOM   371  H HG2  . PRO A 1 5  ? -5.500 3.266  3.092  1.00 0.00  ? 7  PRO A HG2  3  
ATOM   372  H HG3  . PRO A 1 5  ? -6.789 2.617  4.135  1.00 23.41 ? 7  PRO A HG3  3  
ATOM   373  H HD2  . PRO A 1 5  ? -4.114 1.773  4.312  1.00 0.00  ? 7  PRO A HD2  3  
ATOM   374  H HD3  . PRO A 1 5  ? -5.482 0.704  4.723  1.00 41.43 ? 7  PRO A HD3  3  
HETATM 375  N N    . DPN A 1 6  ? -3.484 1.183  0.017  1.00 0.00  ? 8  DPN A N    3  
HETATM 376  C CA   . DPN A 1 6  ? -2.617 1.798  -1.025 1.00 0.00  ? 8  DPN A CA   3  
HETATM 377  C C    . DPN A 1 6  ? -1.518 2.733  -0.424 1.00 0.00  ? 8  DPN A C    3  
HETATM 378  O O    . DPN A 1 6  ? -1.487 3.933  -0.711 1.00 0.00  ? 8  DPN A O    3  
HETATM 379  C CB   . DPN A 1 6  ? -2.029 0.631  -1.880 1.00 0.00  ? 8  DPN A CB   3  
HETATM 380  C CG   . DPN A 1 6  ? -1.515 1.047  -3.266 1.00 0.00  ? 8  DPN A CG   3  
HETATM 381  C CD1  . DPN A 1 6  ? -2.337 0.901  -4.387 1.00 0.00  ? 8  DPN A CD1  3  
HETATM 382  C CD2  . DPN A 1 6  ? -0.234 1.593  -3.420 1.00 0.00  ? 8  DPN A CD2  3  
HETATM 383  C CE1  . DPN A 1 6  ? -1.889 1.302  -5.643 1.00 0.00  ? 8  DPN A CE1  3  
HETATM 384  C CE2  . DPN A 1 6  ? 0.205  2.005  -4.674 1.00 0.00  ? 8  DPN A CE2  3  
HETATM 385  C CZ   . DPN A 1 6  ? -0.620 1.857  -5.786 1.00 0.00  ? 8  DPN A CZ   3  
HETATM 386  H H    . DPN A 1 6  ? -3.142 0.402  0.594  1.00 0.00  ? 8  DPN A H    3  
HETATM 387  H HA   . DPN A 1 6  ? -3.243 2.421  -1.696 1.00 0.00  ? 8  DPN A HA   3  
HETATM 388  H HB2  . DPN A 1 6  ? -2.782 -0.168 -1.998 1.00 0.00  ? 8  DPN A HB2  3  
HETATM 389  H HB3  . DPN A 1 6  ? -1.222 0.112  -1.326 1.00 0.00  ? 8  DPN A HB3  3  
HETATM 390  H HD1  . DPN A 1 6  ? -3.328 0.483  -4.290 1.00 0.00  ? 8  DPN A HD1  3  
HETATM 391  H HD2  . DPN A 1 6  ? 0.415  1.715  -2.568 1.00 0.00  ? 8  DPN A HD2  3  
HETATM 392  H HE1  . DPN A 1 6  ? -2.534 1.183  -6.503 1.00 0.00  ? 8  DPN A HE1  3  
HETATM 393  H HE2  . DPN A 1 6  ? 1.187  2.442  -4.782 1.00 0.00  ? 8  DPN A HE2  3  
HETATM 394  H HZ   . DPN A 1 6  ? -0.275 2.173  -6.760 1.00 0.00  ? 8  DPN A HZ   3  
ATOM   395  N N    . ARG A 1 7  ? -0.620 2.190  0.413  1.00 61.01 ? 9  ARG A N    3  
ATOM   396  C CA   . ARG A 1 7  ? 0.741  2.746  0.638  1.00 53.23 ? 9  ARG A CA   3  
ATOM   397  C C    . ARG A 1 7  ? 1.760  1.803  -0.082 1.00 34.42 ? 9  ARG A C    3  
ATOM   398  O O    . ARG A 1 7  ? 1.643  0.573  -0.045 1.00 75.42 ? 9  ARG A O    3  
ATOM   399  C CB   . ARG A 1 7  ? 1.044  2.841  2.160  1.00 42.11 ? 9  ARG A CB   3  
ATOM   400  C CG   . ARG A 1 7  ? 0.632  4.139  2.912  1.00 51.03 ? 9  ARG A CG   3  
ATOM   401  C CD   . ARG A 1 7  ? -0.851 4.326  3.300  1.00 32.53 ? 9  ARG A CD   3  
ATOM   402  N NE   . ARG A 1 7  ? -1.651 4.757  2.124  1.00 61.34 ? 9  ARG A NE   3  
ATOM   403  C CZ   . ARG A 1 7  ? -2.890 5.233  2.144  1.00 21.04 ? 9  ARG A CZ   3  
ATOM   404  N NH1  . ARG A 1 7  ? -3.536 5.537  3.241  1.00 62.52 ? 9  ARG A NH1  3  
ATOM   405  N NH2  . ARG A 1 7  ? -3.487 5.406  1.003  1.00 5.43  ? 9  ARG A NH2  3  
ATOM   406  H H    . ARG A 1 7  ? -0.814 1.193  0.605  1.00 0.22  ? 9  ARG A H    3  
ATOM   407  H HA   . ARG A 1 7  ? 0.830  3.761  0.199  1.00 25.44 ? 9  ARG A HA   3  
ATOM   408  H HB2  . ARG A 1 7  ? 0.665  1.943  2.681  1.00 0.00  ? 9  ARG A HB2  3  
ATOM   409  H HB3  . ARG A 1 7  ? 2.141  2.761  2.286  1.00 63.23 ? 9  ARG A HB3  3  
ATOM   410  H HG2  . ARG A 1 7  ? 1.208  4.151  3.859  1.00 0.00  ? 9  ARG A HG2  3  
ATOM   411  H HG3  . ARG A 1 7  ? 1.008  5.033  2.375  1.00 34.21 ? 9  ARG A HG3  3  
ATOM   412  H HD2  . ARG A 1 7  ? -1.256 3.388  3.732  1.00 0.00  ? 9  ARG A HD2  3  
ATOM   413  H HD3  . ARG A 1 7  ? -0.903 5.085  4.108  1.00 22.22 ? 9  ARG A HD3  3  
ATOM   414  H HE   . ARG A 1 7  ? -1.329 4.521  1.172  1.00 0.00  ? 9  ARG A HE   3  
ATOM   415  H HH11 . ARG A 1 7  ? -3.000 5.387  4.098  1.00 0.00  ? 9  ARG A HH11 3  
ATOM   416  H HH12 . ARG A 1 7  ? -4.476 5.927  3.155  1.00 0.00  ? 9  ARG A HH12 3  
ATOM   417  H HH21 . ARG A 1 7  ? -2.964 5.084  0.177  1.00 0.00  ? 9  ARG A HH21 3  
ATOM   418  H HH22 . ARG A 1 7  ? -4.463 5.705  1.012  1.00 0.00  ? 9  ARG A HH22 3  
ATOM   419  N N    . TRP A 1 8  ? 2.762  2.379  -0.758 1.00 0.00  ? 10 TRP A N    3  
ATOM   420  C CA   . TRP A 1 8  ? 3.747  1.596  -1.545 1.00 0.00  ? 10 TRP A CA   3  
ATOM   421  C C    . TRP A 1 8  ? 4.970  1.155  -0.679 1.00 0.00  ? 10 TRP A C    3  
ATOM   422  O O    . TRP A 1 8  ? 5.609  1.962  0.004  1.00 0.00  ? 10 TRP A O    3  
ATOM   423  C CB   . TRP A 1 8  ? 4.146  2.446  -2.776 1.00 0.00  ? 10 TRP A CB   3  
ATOM   424  C CG   . TRP A 1 8  ? 5.143  1.785  -3.733 1.00 0.00  ? 10 TRP A CG   3  
ATOM   425  C CD1  . TRP A 1 8  ? 6.535  1.945  -3.646 1.00 0.00  ? 10 TRP A CD1  3  
ATOM   426  C CD2  . TRP A 1 8  ? 4.932  0.868  -4.742 1.00 0.00  ? 10 TRP A CD2  3  
ATOM   427  N NE1  . TRP A 1 8  ? 7.216  1.148  -4.586 1.00 0.00  ? 10 TRP A NE1  3  
ATOM   428  C CE2  . TRP A 1 8  ? 6.198  0.484  -5.253 1.00 0.00  ? 10 TRP A CE2  3  
ATOM   429  C CE3  . TRP A 1 8  ? 3.744  0.297  -5.258 1.00 0.00  ? 10 TRP A CE3  3  
ATOM   430  C CZ2  . TRP A 1 8  ? 6.282  -0.478 -6.286 1.00 0.00  ? 10 TRP A CZ2  3  
ATOM   431  C CZ3  . TRP A 1 8  ? 3.851  -0.637 -6.290 1.00 0.00  ? 10 TRP A CZ3  3  
ATOM   432  C CH2  . TRP A 1 8  ? 5.100  -1.023 -6.792 1.00 0.00  ? 10 TRP A CH2  3  
ATOM   433  H H    . TRP A 1 8  ? 2.938  3.355  -0.508 1.00 0.00  ? 10 TRP A H    3  
ATOM   434  H HA   . TRP A 1 8  ? 3.240  0.698  -1.955 1.00 0.00  ? 10 TRP A HA   3  
ATOM   435  H HB2  . TRP A 1 8  ? 3.243  2.708  -3.353 1.00 0.00  ? 10 TRP A HB2  3  
ATOM   436  H HB3  . TRP A 1 8  ? 4.567  3.407  -2.434 1.00 0.00  ? 10 TRP A HB3  3  
ATOM   437  H HD1  . TRP A 1 8  ? 6.997  2.551  -2.880 1.00 0.00  ? 10 TRP A HD1  3  
ATOM   438  H HE1  . TRP A 1 8  ? 8.229  1.032  -4.707 1.00 0.00  ? 10 TRP A HE1  3  
ATOM   439  H HE3  . TRP A 1 8  ? 2.781  0.581  -4.863 1.00 0.00  ? 10 TRP A HE3  3  
ATOM   440  H HZ2  . TRP A 1 8  ? 7.242  -0.782 -6.676 1.00 0.00  ? 10 TRP A HZ2  3  
ATOM   441  H HZ3  . TRP A 1 8  ? 2.958  -1.068 -6.715 1.00 0.00  ? 10 TRP A HZ3  3  
ATOM   442  H HH2  . TRP A 1 8  ? 5.151  -1.753 -7.588 1.00 0.00  ? 10 TRP A HH2  3  
ATOM   443  N N    . LYS A 1 9  ? 5.316  -0.128 -0.808 1.00 74.43 ? 11 LYS A N    3  
ATOM   444  C CA   . LYS A 1 9  ? 6.582  -0.706 -0.279 1.00 4.20  ? 11 LYS A CA   3  
ATOM   445  C C    . LYS A 1 9  ? 7.619  -1.105 -1.381 1.00 11.04 ? 11 LYS A C    3  
ATOM   446  O O    . LYS A 1 9  ? 8.784  -0.723 -1.313 1.00 35.41 ? 11 LYS A O    3  
ATOM   447  C CB   . LYS A 1 9  ? 6.249  -1.812 0.755  1.00 41.10 ? 11 LYS A CB   3  
ATOM   448  C CG   . LYS A 1 9  ? 5.453  -3.046 0.281  1.00 44.10 ? 11 LYS A CG   3  
ATOM   449  C CD   . LYS A 1 9  ? 5.117  -4.078 1.382  1.00 33.11 ? 11 LYS A CD   3  
ATOM   450  C CE   . LYS A 1 9  ? 4.320  -3.601 2.617  1.00 70.12 ? 11 LYS A CE   3  
ATOM   451  N NZ   . LYS A 1 9  ? 3.075  -2.888 2.253  1.00 43.51 ? 11 LYS A NZ   3  
ATOM   452  H H    . LYS A 1 9  ? 4.648  -0.680 -1.351 1.00 20.44 ? 11 LYS A H    3  
ATOM   453  H HA   . LYS A 1 9  ? 7.114  0.064  0.313  1.00 50.52 ? 11 LYS A HA   3  
ATOM   454  H HB2  . LYS A 1 9  ? 7.194  -2.156 1.201  1.00 0.00  ? 11 LYS A HB2  3  
ATOM   455  H HB3  . LYS A 1 9  ? 5.691  -1.332 1.580  1.00 63.23 ? 11 LYS A HB3  3  
ATOM   456  H HG2  . LYS A 1 9  ? 4.510  -2.705 -0.178 1.00 0.00  ? 11 LYS A HG2  3  
ATOM   457  H HG3  . LYS A 1 9  ? 6.009  -3.555 -0.529 1.00 60.25 ? 11 LYS A HG3  3  
ATOM   458  H HD2  . LYS A 1 9  ? 4.559  -4.911 0.910  1.00 0.00  ? 11 LYS A HD2  3  
ATOM   459  H HD3  . LYS A 1 9  ? 6.060  -4.539 1.732  1.00 13.13 ? 11 LYS A HD3  3  
ATOM   460  H HE2  . LYS A 1 9  ? 4.107  -4.476 3.263  1.00 0.00  ? 11 LYS A HE2  3  
ATOM   461  H HE3  . LYS A 1 9  ? 4.951  -2.935 3.238  1.00 35.55 ? 11 LYS A HE3  3  
ATOM   462  H HZ1  . LYS A 1 9  ? 2.966  -2.363 1.379  1.00 44.51 ? 11 LYS A HZ1  3  
HETATM 463  N N    . NH2 A 1 10 ? 7.306  -1.861 -2.418 1.00 24.35 ? 12 NH2 A N    3  
HETATM 464  H HN1  . NH2 A 1 10 ? 6.316  -2.117 -2.554 1.00 71.12 ? 12 NH2 A HN1  3  
HETATM 465  H HN2  . NH2 A 1 10 ? 8.077  -1.986 -3.079 1.00 14.20 ? 12 NH2 A HN2  3  
HETATM 466  C C    . ACE A 1 1  ? 3.514  -3.018 -2.408 1.00 1.42  ? 3  ACE A C    4  
HETATM 467  O O    . ACE A 1 1  ? 3.776  -2.073 -1.668 1.00 25.23 ? 3  ACE A O    4  
HETATM 468  C CH3  . ACE A 1 1  ? 4.612  -3.924 -2.928 1.00 11.32 ? 3  ACE A CH3  4  
HETATM 469  H H1   . ACE A 1 1  ? 5.599  -3.582 -2.565 1.00 11.05 ? 3  ACE A H1   4  
HETATM 470  H H2   . ACE A 1 1  ? 4.474  -4.965 -2.582 1.00 31.00 ? 3  ACE A H2   4  
HETATM 471  H H3   . ACE A 1 1  ? 4.651  -3.921 -4.031 1.00 0.00  ? 3  ACE A H3   4  
HETATM 472  N N    . NLE A 1 2  ? 2.281  -3.305 -2.815 1.00 24.32 ? 4  NLE A N    4  
HETATM 473  C CA   . NLE A 1 2  ? 1.094  -2.494 -2.451 1.00 22.54 ? 4  NLE A CA   4  
HETATM 474  C C    . NLE A 1 2  ? 0.300  -3.097 -1.250 1.00 51.12 ? 4  NLE A C    4  
HETATM 475  O O    . NLE A 1 2  ? -0.393 -4.111 -1.371 1.00 4.44  ? 4  NLE A O    4  
HETATM 476  C CB   . NLE A 1 2  ? 0.215  -2.246 -3.708 1.00 51.41 ? 4  NLE A CB   4  
HETATM 477  C CG   . NLE A 1 2  ? -0.261 -3.425 -4.595 1.00 53.53 ? 4  NLE A CG   4  
HETATM 478  C CD   . NLE A 1 2  ? 0.678  -3.725 -5.781 1.00 13.25 ? 4  NLE A CD   4  
HETATM 479  C CE   . NLE A 1 2  ? 0.154  -4.864 -6.660 1.00 21.12 ? 4  NLE A CE   4  
HETATM 480  H H    . NLE A 1 2  ? 2.197  -4.071 -3.484 1.00 73.41 ? 4  NLE A H    4  
HETATM 481  H HA   . NLE A 1 2  ? 1.434  -1.477 -2.157 1.00 13.34 ? 4  NLE A HA   4  
HETATM 482  H HB2  . NLE A 1 2  ? 0.728  -1.494 -4.329 1.00 12.25 ? 4  NLE A HB2  4  
HETATM 483  H HB3  . NLE A 1 2  ? -0.690 -1.719 -3.363 1.00 64.43 ? 4  NLE A HB3  4  
HETATM 484  H HG2  . NLE A 1 2  ? -1.262 -3.180 -4.998 1.00 24.40 ? 4  NLE A HG2  4  
HETATM 485  H HG3  . NLE A 1 2  ? -0.419 -4.333 -3.981 1.00 61.35 ? 4  NLE A HG3  4  
HETATM 486  H HD2  . NLE A 1 2  ? 1.691  -3.983 -5.425 1.00 34.12 ? 4  NLE A HD2  4  
HETATM 487  H HD3  . NLE A 1 2  ? 0.800  -2.816 -6.401 1.00 2.42  ? 4  NLE A HD3  4  
HETATM 488  H HE1  . NLE A 1 2  ? -0.838 -4.627 -7.089 1.00 35.54 ? 4  NLE A HE1  4  
HETATM 489  H HE2  . NLE A 1 2  ? 0.838  -5.060 -7.506 1.00 13.20 ? 4  NLE A HE2  4  
HETATM 490  H HE3  . NLE A 1 2  ? 0.056  -5.808 -6.091 1.00 14.24 ? 4  NLE A HE3  4  
ATOM   491  N N    . ASP A 1 3  ? 0.387  -2.427 -0.094 1.00 42.23 ? 5  ASP A N    4  
ATOM   492  C CA   . ASP A 1 3  ? -0.410 -2.769 1.116  1.00 14.33 ? 5  ASP A CA   4  
ATOM   493  C C    . ASP A 1 3  ? -1.709 -1.890 1.233  1.00 70.04 ? 5  ASP A C    4  
ATOM   494  O O    . ASP A 1 3  ? -1.657 -0.710 0.875  1.00 71.01 ? 5  ASP A O    4  
ATOM   495  C CB   . ASP A 1 3  ? 0.497  -2.538 2.351  1.00 73.01 ? 5  ASP A CB   4  
ATOM   496  C CG   . ASP A 1 3  ? 1.492  -3.661 2.669  1.00 3.02  ? 5  ASP A CG   4  
ATOM   497  O OD1  . ASP A 1 3  ? 1.062  -4.718 3.115  1.00 41.31 ? 5  ASP A OD1  4  
ATOM   498  H H    . ASP A 1 3  ? 0.972  -1.580 -0.133 1.00 62.10 ? 5  ASP A H    4  
ATOM   499  H HA   . ASP A 1 3  ? -0.701 -3.838 1.084  1.00 60.50 ? 5  ASP A HA   4  
ATOM   500  H HB2  . ASP A 1 3  ? 0.992  -1.555 2.306  1.00 0.00  ? 5  ASP A HB2  4  
ATOM   501  H HB3  . ASP A 1 3  ? -0.121 -2.478 3.259  1.00 72.20 ? 5  ASP A HB3  4  
ATOM   502  N N    . PRO A 1 4  ? -2.879 -2.356 1.761  1.00 64.04 ? 6  PRO A N    4  
ATOM   503  C CA   . PRO A 1 4  ? -4.085 -1.492 1.926  1.00 44.43 ? 6  PRO A CA   4  
ATOM   504  C C    . PRO A 1 4  ? -3.959 -0.383 3.047  1.00 31.44 ? 6  PRO A C    4  
ATOM   505  O O    . PRO A 1 4  ? -3.377 -0.688 4.096  1.00 1.02  ? 6  PRO A O    4  
ATOM   506  C CB   . PRO A 1 4  ? -5.170 -2.544 2.228  1.00 53.11 ? 6  PRO A CB   4  
ATOM   507  C CG   . PRO A 1 4  ? -4.435 -3.693 2.926  1.00 4.15  ? 6  PRO A CG   4  
ATOM   508  C CD   . PRO A 1 4  ? -3.068 -3.740 2.243  1.00 41.55 ? 6  PRO A CD   4  
ATOM   509  H HA   . PRO A 1 4  ? -4.315 -1.033 0.946  1.00 15.04 ? 6  PRO A HA   4  
ATOM   510  H HB2  . PRO A 1 4  ? -6.009 -2.151 2.833  1.00 0.00  ? 6  PRO A HB2  4  
ATOM   511  H HB3  . PRO A 1 4  ? -5.617 -2.909 1.282  1.00 62.32 ? 6  PRO A HB3  4  
ATOM   512  H HG2  . PRO A 1 4  ? -4.311 -3.463 4.003  1.00 0.00  ? 6  PRO A HG2  4  
ATOM   513  H HG3  . PRO A 1 4  ? -4.978 -4.655 2.862  1.00 31.02 ? 6  PRO A HG3  4  
ATOM   514  H HD2  . PRO A 1 4  ? -2.277 -4.059 2.950  1.00 0.00  ? 6  PRO A HD2  4  
ATOM   515  H HD3  . PRO A 1 4  ? -3.070 -4.449 1.392  1.00 72.34 ? 6  PRO A HD3  4  
ATOM   516  N N    . PRO A 1 5  ? -4.471 0.884  2.923  1.00 22.14 ? 7  PRO A N    4  
ATOM   517  C CA   . PRO A 1 5  ? -5.270 1.383  1.762  1.00 10.30 ? 7  PRO A CA   4  
ATOM   518  C C    . PRO A 1 5  ? -4.425 2.107  0.654  1.00 31.43 ? 7  PRO A C    4  
ATOM   519  O O    . PRO A 1 5  ? -4.467 3.330  0.480  1.00 11.54 ? 7  PRO A O    4  
ATOM   520  C CB   . PRO A 1 5  ? -6.266 2.304  2.501  1.00 73.35 ? 7  PRO A CB   4  
ATOM   521  C CG   . PRO A 1 5  ? -5.455 2.930  3.639  1.00 73.14 ? 7  PRO A CG   4  
ATOM   522  C CD   . PRO A 1 5  ? -4.524 1.804  4.081  1.00 50.35 ? 7  PRO A CD   4  
ATOM   523  H HA   . PRO A 1 5  ? -5.859 0.576  1.284  1.00 70.33 ? 7  PRO A HA   4  
ATOM   524  H HB2  . PRO A 1 5  ? -6.729 3.063  1.842  1.00 0.00  ? 7  PRO A HB2  4  
ATOM   525  H HB3  . PRO A 1 5  ? -7.102 1.707  2.916  1.00 33.33 ? 7  PRO A HB3  4  
ATOM   526  H HG2  . PRO A 1 5  ? -4.866 3.788  3.261  1.00 0.00  ? 7  PRO A HG2  4  
ATOM   527  H HG3  . PRO A 1 5  ? -6.093 3.308  4.462  1.00 23.41 ? 7  PRO A HG3  4  
ATOM   528  H HD2  . PRO A 1 5  ? -3.519 2.176  4.359  1.00 0.00  ? 7  PRO A HD2  4  
ATOM   529  H HD3  . PRO A 1 5  ? -4.935 1.280  4.966  1.00 41.43 ? 7  PRO A HD3  4  
HETATM 530  N N    . DPN A 1 6  ? -3.643 1.323  -0.097 1.00 0.00  ? 8  DPN A N    4  
HETATM 531  C CA   . DPN A 1 6  ? -2.720 1.843  -1.145 1.00 0.00  ? 8  DPN A CA   4  
HETATM 532  C C    . DPN A 1 6  ? -1.456 2.533  -0.533 1.00 0.00  ? 8  DPN A C    4  
HETATM 533  O O    . DPN A 1 6  ? -1.273 3.745  -0.673 1.00 0.00  ? 8  DPN A O    4  
HETATM 534  C CB   . DPN A 1 6  ? -2.392 0.643  -2.085 1.00 0.00  ? 8  DPN A CB   4  
HETATM 535  C CG   . DPN A 1 6  ? -1.766 1.018  -3.435 1.00 0.00  ? 8  DPN A CG   4  
HETATM 536  C CD1  . DPN A 1 6  ? -2.571 1.110  -4.573 1.00 0.00  ? 8  DPN A CD1  4  
HETATM 537  C CD2  . DPN A 1 6  ? -0.386 1.221  -3.550 1.00 0.00  ? 8  DPN A CD2  4  
HETATM 538  C CE1  . DPN A 1 6  ? -2.004 1.395  -5.812 1.00 0.00  ? 8  DPN A CE1  4  
HETATM 539  C CE2  . DPN A 1 6  ? 0.179  1.508  -4.789 1.00 0.00  ? 8  DPN A CE2  4  
HETATM 540  C CZ   . DPN A 1 6  ? -0.630 1.593  -5.920 1.00 0.00  ? 8  DPN A CZ   4  
HETATM 541  H H    . DPN A 1 6  ? -3.472 0.408  0.333  1.00 0.00  ? 8  DPN A H    4  
HETATM 542  H HA   . DPN A 1 6  ? -3.256 2.608  -1.744 1.00 0.00  ? 8  DPN A HA   4  
HETATM 543  H HB2  . DPN A 1 6  ? -3.304 0.048  -2.262 1.00 0.00  ? 8  DPN A HB2  4  
HETATM 544  H HB3  . DPN A 1 6  ? -1.732 -0.082 -1.573 1.00 0.00  ? 8  DPN A HB3  4  
HETATM 545  H HD1  . DPN A 1 6  ? -3.639 0.949  -4.506 1.00 0.00  ? 8  DPN A HD1  4  
HETATM 546  H HD2  . DPN A 1 6  ? 0.255  1.142  -2.683 1.00 0.00  ? 8  DPN A HD2  4  
HETATM 547  H HE1  . DPN A 1 6  ? -2.639 1.453  -6.684 1.00 0.00  ? 8  DPN A HE1  4  
HETATM 548  H HE2  . DPN A 1 6  ? 1.244  1.654  -4.872 1.00 0.00  ? 8  DPN A HE2  4  
HETATM 549  H HZ   . DPN A 1 6  ? -0.189 1.810  -6.883 1.00 0.00  ? 8  DPN A HZ   4  
ATOM   550  N N    . ARG A 1 7  ? -0.626 1.764  0.187  1.00 61.01 ? 9  ARG A N    4  
ATOM   551  C CA   . ARG A 1 7  ? 0.673  2.201  0.743  1.00 53.23 ? 9  ARG A CA   4  
ATOM   552  C C    . ARG A 1 7  ? 1.781  1.384  0.008  1.00 34.42 ? 9  ARG A C    4  
ATOM   553  O O    . ARG A 1 7  ? 1.784  0.145  0.031  1.00 75.42 ? 9  ARG A O    4  
ATOM   554  C CB   . ARG A 1 7  ? 0.725  1.935  2.271  1.00 42.11 ? 9  ARG A CB   4  
ATOM   555  C CG   . ARG A 1 7  ? -0.420 2.435  3.200  1.00 51.03 ? 9  ARG A CG   4  
ATOM   556  C CD   . ARG A 1 7  ? -0.620 3.960  3.349  1.00 32.53 ? 9  ARG A CD   4  
ATOM   557  N NE   . ARG A 1 7  ? -1.313 4.504  2.151  1.00 61.34 ? 9  ARG A NE   4  
ATOM   558  C CZ   . ARG A 1 7  ? -2.022 5.626  2.084  1.00 21.04 ? 9  ARG A CZ   4  
ATOM   559  N NH1  . ARG A 1 7  ? -2.171 6.455  3.086  1.00 5.43  ? 9  ARG A NH1  4  
ATOM   560  N NH2  . ARG A 1 7  ? -2.590 5.909  0.951  1.00 62.52 ? 9  ARG A NH2  4  
ATOM   561  H H    . ARG A 1 7  ? -0.973 0.799  0.328  1.00 0.22  ? 9  ARG A H    4  
ATOM   562  H HA   . ARG A 1 7  ? 0.830  3.288  0.579  1.00 25.44 ? 9  ARG A HA   4  
ATOM   563  H HB2  . ARG A 1 7  ? 0.802  0.840  2.415  1.00 0.00  ? 9  ARG A HB2  4  
ATOM   564  H HB3  . ARG A 1 7  ? 1.688  2.325  2.645  1.00 63.23 ? 9  ARG A HB3  4  
ATOM   565  H HG2  . ARG A 1 7  ? -1.375 1.948  2.913  1.00 0.00  ? 9  ARG A HG2  4  
ATOM   566  H HG3  . ARG A 1 7  ? -0.220 2.026  4.210  1.00 34.21 ? 9  ARG A HG3  4  
ATOM   567  H HD2  . ARG A 1 7  ? -1.215 4.138  4.269  1.00 0.00  ? 9  ARG A HD2  4  
ATOM   568  H HD3  . ARG A 1 7  ? 0.354  4.467  3.509  1.00 22.22 ? 9  ARG A HD3  4  
ATOM   569  H HE   . ARG A 1 7  ? -1.284 3.995  1.254  1.00 0.00  ? 9  ARG A HE   4  
ATOM   570  H HH11 . ARG A 1 7  ? -1.674 6.180  3.935  1.00 0.00  ? 9  ARG A HH11 4  
ATOM   571  H HH12 . ARG A 1 7  ? -2.726 7.299  2.936  1.00 0.00  ? 9  ARG A HH12 4  
ATOM   572  H HH21 . ARG A 1 7  ? -2.455 5.216  0.202  1.00 0.00  ? 9  ARG A HH21 4  
ATOM   573  H HH22 . ARG A 1 7  ? -3.157 6.755  0.894  1.00 0.00  ? 9  ARG A HH22 4  
ATOM   574  N N    . TRP A 1 8  ? 2.700  2.077  -0.670 1.00 0.00  ? 10 TRP A N    4  
ATOM   575  C CA   . TRP A 1 8  ? 3.705  1.429  -1.547 1.00 0.00  ? 10 TRP A CA   4  
ATOM   576  C C    . TRP A 1 8  ? 5.068  1.207  -0.818 1.00 0.00  ? 10 TRP A C    4  
ATOM   577  O O    . TRP A 1 8  ? 5.685  2.122  -0.265 1.00 0.00  ? 10 TRP A O    4  
ATOM   578  C CB   . TRP A 1 8  ? 3.817  2.284  -2.831 1.00 0.00  ? 10 TRP A CB   4  
ATOM   579  C CG   . TRP A 1 8  ? 4.801  1.763  -3.880 1.00 0.00  ? 10 TRP A CG   4  
ATOM   580  C CD1  . TRP A 1 8  ? 6.080  2.306  -4.087 1.00 0.00  ? 10 TRP A CD1  4  
ATOM   581  C CD2  . TRP A 1 8  ? 4.724  0.653  -4.698 1.00 0.00  ? 10 TRP A CD2  4  
ATOM   582  N NE1  . TRP A 1 8  ? 6.819  1.563  -5.028 1.00 0.00  ? 10 TRP A NE1  4  
ATOM   583  C CE2  . TRP A 1 8  ? 5.959  0.536  -5.387 1.00 0.00  ? 10 TRP A CE2  4  
ATOM   584  C CE3  . TRP A 1 8  ? 3.703  -0.312 -4.883 1.00 0.00  ? 10 TRP A CE3  4  
ATOM   585  C CZ2  . TRP A 1 8  ? 6.181  -0.550 -6.264 1.00 0.00  ? 10 TRP A CZ2  4  
ATOM   586  C CZ3  . TRP A 1 8  ? 3.943  -1.369 -5.763 1.00 0.00  ? 10 TRP A CZ3  4  
ATOM   587  C CH2  . TRP A 1 8  ? 5.162  -1.490 -6.440 1.00 0.00  ? 10 TRP A CH2  4  
ATOM   588  H H    . TRP A 1 8  ? 2.729  3.078  -0.468 1.00 0.00  ? 10 TRP A H    4  
ATOM   589  H HA   . TRP A 1 8  ? 3.304  0.451  -1.889 1.00 0.00  ? 10 TRP A HA   4  
ATOM   590  H HB2  . TRP A 1 8  ? 2.826  2.368  -3.305 1.00 0.00  ? 10 TRP A HB2  4  
ATOM   591  H HB3  . TRP A 1 8  ? 4.099  3.314  -2.553 1.00 0.00  ? 10 TRP A HB3  4  
ATOM   592  H HD1  . TRP A 1 8  ? 6.441  3.157  -3.526 1.00 0.00  ? 10 TRP A HD1  4  
ATOM   593  H HE1  . TRP A 1 8  ? 7.779  1.721  -5.358 1.00 0.00  ? 10 TRP A HE1  4  
ATOM   594  H HE3  . TRP A 1 8  ? 2.768  -0.246 -4.347 1.00 0.00  ? 10 TRP A HE3  4  
ATOM   595  H HZ2  . TRP A 1 8  ? 7.124  -0.655 -6.778 1.00 0.00  ? 10 TRP A HZ2  4  
ATOM   596  H HZ3  . TRP A 1 8  ? 3.178  -2.117 -5.914 1.00 0.00  ? 10 TRP A HZ3  4  
ATOM   597  H HH2  . TRP A 1 8  ? 5.321  -2.325 -7.108 1.00 0.00  ? 10 TRP A HH2  4  
ATOM   598  N N    . LYS A 1 9  ? 5.533  -0.038 -0.905 1.00 74.43 ? 11 LYS A N    4  
ATOM   599  C CA   . LYS A 1 9  ? 6.829  -0.496 -0.345 1.00 4.20  ? 11 LYS A CA   4  
ATOM   600  C C    . LYS A 1 9  ? 7.798  -0.842 -1.519 1.00 11.04 ? 11 LYS A C    4  
ATOM   601  O O    . LYS A 1 9  ? 7.842  -1.948 -2.052 1.00 35.41 ? 11 LYS A O    4  
ATOM   602  C CB   . LYS A 1 9  ? 6.515  -1.716 0.566  1.00 41.10 ? 11 LYS A CB   4  
ATOM   603  C CG   . LYS A 1 9  ? 5.892  -1.369 1.940  1.00 44.10 ? 11 LYS A CG   4  
ATOM   604  C CD   . LYS A 1 9  ? 4.998  -2.477 2.524  1.00 33.11 ? 11 LYS A CD   4  
ATOM   605  C CE   . LYS A 1 9  ? 3.553  -2.422 1.990  1.00 70.12 ? 11 LYS A CE   4  
ATOM   606  N NZ   . LYS A 1 9  ? 2.813  -3.559 2.565  1.00 43.51 ? 11 LYS A NZ   4  
ATOM   607  H H    . LYS A 1 9  ? 4.852  -0.695 -1.319 1.00 20.44 ? 11 LYS A H    4  
ATOM   608  H HA   . LYS A 1 9  ? 7.306  0.286  0.281  1.00 50.52 ? 11 LYS A HA   4  
ATOM   609  H HB2  . LYS A 1 9  ? 5.874  -2.435 0.018  1.00 0.00  ? 11 LYS A HB2  4  
ATOM   610  H HB3  . LYS A 1 9  ? 7.444  -2.284 0.756  1.00 63.23 ? 11 LYS A HB3  4  
ATOM   611  H HG2  . LYS A 1 9  ? 6.710  -1.159 2.651  1.00 0.00  ? 11 LYS A HG2  4  
ATOM   612  H HG3  . LYS A 1 9  ? 5.311  -0.427 1.885  1.00 60.25 ? 11 LYS A HG3  4  
ATOM   613  H HD2  . LYS A 1 9  ? 5.458  -3.469 2.342  1.00 0.00  ? 11 LYS A HD2  4  
ATOM   614  H HD3  . LYS A 1 9  ? 4.972  -2.366 3.626  1.00 13.13 ? 11 LYS A HD3  4  
ATOM   615  H HE2  . LYS A 1 9  ? 3.108  -1.445 2.256  1.00 0.00  ? 11 LYS A HE2  4  
ATOM   616  H HE3  . LYS A 1 9  ? 3.535  -2.483 0.883  1.00 35.55 ? 11 LYS A HE3  4  
ATOM   617  H HZ1  . LYS A 1 9  ? 3.274  -4.346 3.018  1.00 44.51 ? 11 LYS A HZ1  4  
HETATM 618  N N    . NH2 A 1 10 ? 8.610  0.089  -1.982 1.00 24.35 ? 12 NH2 A N    4  
HETATM 619  H HN1  . NH2 A 1 10 ? 8.431  1.048  -1.673 1.00 71.12 ? 12 NH2 A HN1  4  
HETATM 620  H HN2  . NH2 A 1 10 ? 9.130  -0.214 -2.810 1.00 14.20 ? 12 NH2 A HN2  4  
HETATM 621  C C    . ACE A 1 1  ? 3.869  -3.363 -2.497 1.00 1.42  ? 3  ACE A C    5  
HETATM 622  O O    . ACE A 1 1  ? 4.127  -2.168 -2.373 1.00 25.23 ? 3  ACE A O    5  
HETATM 623  C CH3  . ACE A 1 1  ? 4.983  -4.378 -2.667 1.00 11.32 ? 3  ACE A CH3  5  
HETATM 624  H H1   . ACE A 1 1  ? 4.881  -4.935 -3.615 1.00 11.05 ? 3  ACE A H1   5  
HETATM 625  H H2   . ACE A 1 1  ? 5.966  -3.871 -2.688 1.00 31.00 ? 3  ACE A H2   5  
HETATM 626  H H3   . ACE A 1 1  ? 5.000  -5.100 -1.831 1.00 0.00  ? 3  ACE A H3   5  
HETATM 627  N N    . NLE A 1 2  ? 2.632  -3.855 -2.498 1.00 24.32 ? 4  NLE A N    5  
HETATM 628  C CA   . NLE A 1 2  ? 1.421  -3.002 -2.331 1.00 22.54 ? 4  NLE A CA   5  
HETATM 629  C C    . NLE A 1 2  ? 0.677  -3.363 -1.011 1.00 51.12 ? 4  NLE A C    5  
HETATM 630  O O    . NLE A 1 2  ? 0.285  -4.511 -0.779 1.00 4.44  ? 4  NLE A O    5  
HETATM 631  C CB   . NLE A 1 2  ? 0.519  -3.192 -3.575 1.00 51.41 ? 4  NLE A CB   5  
HETATM 632  C CG   . NLE A 1 2  ? -0.737 -2.289 -3.689 1.00 53.53 ? 4  NLE A CG   5  
HETATM 633  C CD   . NLE A 1 2  ? -0.471 -0.803 -3.998 1.00 13.25 ? 4  NLE A CD   5  
HETATM 634  C CE   . NLE A 1 2  ? -0.025 -0.533 -5.443 1.00 21.12 ? 4  NLE A CE   5  
HETATM 635  H H    . NLE A 1 2  ? 2.584  -4.876 -2.536 1.00 73.41 ? 4  NLE A H    5  
HETATM 636  H HA   . NLE A 1 2  ? 1.713  -1.932 -2.311 1.00 13.34 ? 4  NLE A HA   5  
HETATM 637  H HB2  . NLE A 1 2  ? 0.185  -4.245 -3.599 1.00 12.25 ? 4  NLE A HB2  5  
HETATM 638  H HB3  . NLE A 1 2  ? 1.132  -3.054 -4.481 1.00 64.43 ? 4  NLE A HB3  5  
HETATM 639  H HG2  . NLE A 1 2  ? -1.329 -2.364 -2.758 1.00 24.40 ? 4  NLE A HG2  5  
HETATM 640  H HG3  . NLE A 1 2  ? -1.408 -2.701 -4.468 1.00 61.35 ? 4  NLE A HG3  5  
HETATM 641  H HD2  . NLE A 1 2  ? 0.259  -0.378 -3.284 1.00 34.12 ? 4  NLE A HD2  5  
HETATM 642  H HD3  . NLE A 1 2  ? -1.405 -0.240 -3.815 1.00 2.42  ? 4  NLE A HD3  5  
HETATM 643  H HE1  . NLE A 1 2  ? -0.788 -0.862 -6.173 1.00 35.54 ? 4  NLE A HE1  5  
HETATM 644  H HE2  . NLE A 1 2  ? 0.142  0.546  -5.616 1.00 13.20 ? 4  NLE A HE2  5  
HETATM 645  H HE3  . NLE A 1 2  ? 0.915  -1.053 -5.698 1.00 14.24 ? 4  NLE A HE3  5  
ATOM   646  N N    . ASP A 1 3  ? 0.450  -2.343 -0.180 1.00 42.23 ? 5  ASP A N    5  
ATOM   647  C CA   . ASP A 1 3  ? -0.288 -2.474 1.102  1.00 14.33 ? 5  ASP A CA   5  
ATOM   648  C C    . ASP A 1 3  ? -1.650 -1.690 1.055  1.00 70.04 ? 5  ASP A C    5  
ATOM   649  O O    . ASP A 1 3  ? -1.624 -0.486 0.770  1.00 71.01 ? 5  ASP A O    5  
ATOM   650  C CB   . ASP A 1 3  ? 0.593  -1.921 2.250  1.00 73.01 ? 5  ASP A CB   5  
ATOM   651  C CG   . ASP A 1 3  ? 1.809  -2.765 2.662  1.00 3.02  ? 5  ASP A CG   5  
ATOM   652  O OD1  . ASP A 1 3  ? 1.790  -3.994 2.579  1.00 41.31 ? 5  ASP A OD1  5  
ATOM   653  H H    . ASP A 1 3  ? 0.809  -1.440 -0.523 1.00 62.10 ? 5  ASP A H    5  
ATOM   654  H HA   . ASP A 1 3  ? -0.472 -3.541 1.326  1.00 60.50 ? 5  ASP A HA   5  
ATOM   655  H HB2  . ASP A 1 3  ? 0.891  -0.887 1.996  1.00 0.00  ? 5  ASP A HB2  5  
ATOM   656  H HB3  . ASP A 1 3  ? -0.037 -1.827 3.149  1.00 72.20 ? 5  ASP A HB3  5  
ATOM   657  N N    . PRO A 1 4  ? -2.842 -2.279 1.378  1.00 64.04 ? 6  PRO A N    5  
ATOM   658  C CA   . PRO A 1 4  ? -4.114 -1.511 1.494  1.00 44.43 ? 6  PRO A CA   5  
ATOM   659  C C    . PRO A 1 4  ? -4.257 -0.689 2.836  1.00 31.44 ? 6  PRO A C    5  
ATOM   660  O O    . PRO A 1 4  ? -3.720 -1.129 3.861  1.00 1.02  ? 6  PRO A O    5  
ATOM   661  C CB   . PRO A 1 4  ? -5.146 -2.647 1.359  1.00 53.11 ? 6  PRO A CB   5  
ATOM   662  C CG   . PRO A 1 4  ? -4.483 -3.873 1.996  1.00 4.15  ? 6  PRO A CG   5  
ATOM   663  C CD   . PRO A 1 4  ? -2.995 -3.716 1.676  1.00 41.55 ? 6  PRO A CD   5  
ATOM   664  H HA   . PRO A 1 4  ? -4.209 -0.834 0.622  1.00 15.04 ? 6  PRO A HA   5  
ATOM   665  H HB2  . PRO A 1 4  ? -6.124 -2.409 1.817  1.00 0.00  ? 6  PRO A HB2  5  
ATOM   666  H HB3  . PRO A 1 4  ? -5.346 -2.847 0.287  1.00 62.32 ? 6  PRO A HB3  5  
ATOM   667  H HG2  . PRO A 1 4  ? -4.635 -3.856 3.092  1.00 0.00  ? 6  PRO A HG2  5  
ATOM   668  H HG3  . PRO A 1 4  ? -4.901 -4.829 1.627  1.00 31.02 ? 6  PRO A HG3  5  
ATOM   669  H HD2  . PRO A 1 4  ? -2.366 -4.025 2.536  1.00 0.00  ? 6  PRO A HD2  5  
ATOM   670  H HD3  . PRO A 1 4  ? -2.699 -4.325 0.800  1.00 72.34 ? 6  PRO A HD3  5  
ATOM   671  N N    . PRO A 1 5  ? -4.952 0.488  2.907  1.00 22.14 ? 7  PRO A N    5  
ATOM   672  C CA   . PRO A 1 5  ? -5.742 1.082  1.782  1.00 10.30 ? 7  PRO A CA   5  
ATOM   673  C C    . PRO A 1 5  ? -5.000 1.887  0.658  1.00 31.43 ? 7  PRO A C    5  
ATOM   674  O O    . PRO A 1 5  ? -5.664 2.374  -0.260 1.00 11.54 ? 7  PRO A O    5  
ATOM   675  C CB   . PRO A 1 5  ? -6.738 1.961  2.570  1.00 73.35 ? 7  PRO A CB   5  
ATOM   676  C CG   . PRO A 1 5  ? -5.972 2.425  3.811  1.00 73.14 ? 7  PRO A CG   5  
ATOM   677  C CD   . PRO A 1 5  ? -5.130 1.206  4.188  1.00 50.35 ? 7  PRO A CD   5  
ATOM   678  H HA   . PRO A 1 5  ? -6.325 0.295  1.265  1.00 70.33 ? 7  PRO A HA   5  
ATOM   679  H HB2  . PRO A 1 5  ? -7.144 2.808  1.984  1.00 0.00  ? 7  PRO A HB2  5  
ATOM   680  H HB3  . PRO A 1 5  ? -7.615 1.355  2.875  1.00 33.33 ? 7  PRO A HB3  5  
ATOM   681  H HG2  . PRO A 1 5  ? -5.316 3.281  3.561  1.00 0.00  ? 7  PRO A HG2  5  
ATOM   682  H HG3  . PRO A 1 5  ? -6.638 2.752  4.631  1.00 23.41 ? 7  PRO A HG3  5  
ATOM   683  H HD2  . PRO A 1 5  ? -4.163 1.495  4.643  1.00 0.00  ? 7  PRO A HD2  5  
ATOM   684  H HD3  . PRO A 1 5  ? -5.661 0.565  4.919  1.00 41.43 ? 7  PRO A HD3  5  
HETATM 685  N N    . DPN A 1 6  ? -3.658 1.995  0.681  1.00 0.00  ? 8  DPN A N    5  
HETATM 686  C CA   . DPN A 1 6  ? -2.870 2.662  -0.395 1.00 0.00  ? 8  DPN A CA   5  
HETATM 687  C C    . DPN A 1 6  ? -1.474 3.140  0.118  1.00 0.00  ? 8  DPN A C    5  
HETATM 688  O O    . DPN A 1 6  ? -1.191 4.341  0.122  1.00 0.00  ? 8  DPN A O    5  
HETATM 689  C CB   . DPN A 1 6  ? -2.767 1.737  -1.652 1.00 0.00  ? 8  DPN A CB   5  
HETATM 690  C CG   . DPN A 1 6  ? -2.363 2.457  -2.948 1.00 0.00  ? 8  DPN A CG   5  
HETATM 691  C CD1  . DPN A 1 6  ? -1.014 2.611  -3.284 1.00 0.00  ? 8  DPN A CD1  5  
HETATM 692  C CD2  . DPN A 1 6  ? -3.345 2.961  -3.805 1.00 0.00  ? 8  DPN A CD2  5  
HETATM 693  C CE1  . DPN A 1 6  ? -0.652 3.261  -4.461 1.00 0.00  ? 8  DPN A CE1  5  
HETATM 694  C CE2  . DPN A 1 6  ? -2.982 3.608  -4.985 1.00 0.00  ? 8  DPN A CE2  5  
HETATM 695  C CZ   . DPN A 1 6  ? -1.637 3.757  -5.311 1.00 0.00  ? 8  DPN A CZ   5  
HETATM 696  H H    . DPN A 1 6  ? -3.223 1.504  1.472  1.00 0.00  ? 8  DPN A H    5  
HETATM 697  H HA   . DPN A 1 6  ? -3.413 3.583  -0.693 1.00 0.00  ? 8  DPN A HA   5  
HETATM 698  H HB2  . DPN A 1 6  ? -3.730 1.222  -1.810 1.00 0.00  ? 8  DPN A HB2  5  
HETATM 699  H HB3  . DPN A 1 6  ? -2.078 0.892  -1.457 1.00 0.00  ? 8  DPN A HB3  5  
HETATM 700  H HD1  . DPN A 1 6  ? -0.242 2.223  -2.637 1.00 0.00  ? 8  DPN A HD1  5  
HETATM 701  H HD2  . DPN A 1 6  ? -4.392 2.854  -3.560 1.00 0.00  ? 8  DPN A HD2  5  
HETATM 702  H HE1  . DPN A 1 6  ? 0.392  3.369  -4.715 1.00 0.00  ? 8  DPN A HE1  5  
HETATM 703  H HE2  . DPN A 1 6  ? -3.747 3.992  -5.644 1.00 0.00  ? 8  DPN A HE2  5  
HETATM 704  H HZ   . DPN A 1 6  ? -1.355 4.259  -6.227 1.00 0.00  ? 8  DPN A HZ   5  
ATOM   705  N N    . ARG A 1 7  ? -0.580 2.196  0.463  1.00 61.01 ? 9  ARG A N    5  
ATOM   706  C CA   . ARG A 1 7  ? 0.882  2.438  0.506  1.00 53.23 ? 9  ARG A CA   5  
ATOM   707  C C    . ARG A 1 7  ? 1.631  1.523  -0.514 1.00 34.42 ? 9  ARG A C    5  
ATOM   708  O O    . ARG A 1 7  ? 1.290  0.357  -0.740 1.00 75.42 ? 9  ARG A O    5  
ATOM   709  C CB   . ARG A 1 7  ? 1.430  2.213  1.945  1.00 42.11 ? 9  ARG A CB   5  
ATOM   710  C CG   . ARG A 1 7  ? 1.585  3.476  2.834  1.00 51.03 ? 9  ARG A CG   5  
ATOM   711  C CD   . ARG A 1 7  ? 2.443  4.651  2.301  1.00 32.53 ? 9  ARG A CD   5  
ATOM   712  N NE   . ARG A 1 7  ? 3.776  4.228  1.777  1.00 61.34 ? 9  ARG A NE   5  
ATOM   713  C CZ   . ARG A 1 7  ? 4.726  5.049  1.332  1.00 21.04 ? 9  ARG A CZ   5  
ATOM   714  N NH1  . ARG A 1 7  ? 4.660  6.354  1.427  1.00 5.43  ? 9  ARG A NH1  5  
ATOM   715  N NH2  . ARG A 1 7  ? 5.778  4.529  0.770  1.00 62.52 ? 9  ARG A NH2  5  
ATOM   716  H H    . ARG A 1 7  ? -0.964 1.239  0.403  1.00 0.22  ? 9  ARG A H    5  
ATOM   717  H HA   . ARG A 1 7  ? 1.086  3.486  0.206  1.00 25.44 ? 9  ARG A HA   5  
ATOM   718  H HB2  . ARG A 1 7  ? 0.809  1.468  2.470  1.00 0.00  ? 9  ARG A HB2  5  
ATOM   719  H HB3  . ARG A 1 7  ? 2.420  1.720  1.900  1.00 63.23 ? 9  ARG A HB3  5  
ATOM   720  H HG2  . ARG A 1 7  ? 0.573  3.861  3.072  1.00 0.00  ? 9  ARG A HG2  5  
ATOM   721  H HG3  . ARG A 1 7  ? 1.991  3.159  3.815  1.00 34.21 ? 9  ARG A HG3  5  
ATOM   722  H HD2  . ARG A 1 7  ? 1.874  5.186  1.513  1.00 0.00  ? 9  ARG A HD2  5  
ATOM   723  H HD3  . ARG A 1 7  ? 2.559  5.388  3.123  1.00 22.22 ? 9  ARG A HD3  5  
ATOM   724  H HE   . ARG A 1 7  ? 4.016  3.235  1.678  1.00 0.00  ? 9  ARG A HE   5  
ATOM   725  H HH11 . ARG A 1 7  ? 3.811  6.699  1.881  1.00 0.00  ? 9  ARG A HH11 5  
ATOM   726  H HH12 . ARG A 1 7  ? 5.436  6.912  1.066  1.00 0.00  ? 9  ARG A HH12 5  
ATOM   727  H HH21 . ARG A 1 7  ? 5.757  3.510  0.593  1.00 0.00  ? 9  ARG A HH21 5  
ATOM   728  H HH22 . ARG A 1 7  ? 6.494  5.174  0.433  1.00 0.00  ? 9  ARG A HH22 5  
ATOM   729  N N    . TRP A 1 8  ? 2.721  2.071  -1.063 1.00 0.00  ? 10 TRP A N    5  
ATOM   730  C CA   . TRP A 1 8  ? 3.726  1.299  -1.831 1.00 0.00  ? 10 TRP A CA   5  
ATOM   731  C C    . TRP A 1 8  ? 5.003  1.048  -0.956 1.00 0.00  ? 10 TRP A C    5  
ATOM   732  O O    . TRP A 1 8  ? 5.469  1.908  -0.194 1.00 0.00  ? 10 TRP A O    5  
ATOM   733  C CB   . TRP A 1 8  ? 3.989  2.095  -3.136 1.00 0.00  ? 10 TRP A CB   5  
ATOM   734  C CG   . TRP A 1 8  ? 5.039  1.492  -4.069 1.00 0.00  ? 10 TRP A CG   5  
ATOM   735  C CD1  . TRP A 1 8  ? 6.362  1.950  -4.171 1.00 0.00  ? 10 TRP A CD1  5  
ATOM   736  C CD2  . TRP A 1 8  ? 4.974  0.349  -4.840 1.00 0.00  ? 10 TRP A CD2  5  
ATOM   737  N NE1  . TRP A 1 8  ? 7.144  1.113  -4.992 1.00 0.00  ? 10 TRP A NE1  5  
ATOM   738  C CE2  . TRP A 1 8  ? 6.262  0.117  -5.384 1.00 0.00  ? 10 TRP A CE2  5  
ATOM   739  C CE3  . TRP A 1 8  ? 3.920  -0.568 -5.069 1.00 0.00  ? 10 TRP A CE3  5  
ATOM   740  C CZ2  . TRP A 1 8  ? 6.508  -1.045 -6.149 1.00 0.00  ? 10 TRP A CZ2  5  
ATOM   741  C CZ3  . TRP A 1 8  ? 4.180  -1.702 -5.838 1.00 0.00  ? 10 TRP A CZ3  5  
ATOM   742  C CH2  . TRP A 1 8  ? 5.456  -1.940 -6.369 1.00 0.00  ? 10 TRP A CH2  5  
ATOM   743  H H    . TRP A 1 8  ? 2.926  3.018  -0.737 1.00 0.00  ? 10 TRP A H    5  
ATOM   744  H HA   . TRP A 1 8  ? 3.297  0.320  -2.135 1.00 0.00  ? 10 TRP A HA   5  
ATOM   745  H HB2  . TRP A 1 8  ? 3.046  2.187  -3.705 1.00 0.00  ? 10 TRP A HB2  5  
ATOM   746  H HB3  . TRP A 1 8  ? 4.284  3.130  -2.890 1.00 0.00  ? 10 TRP A HB3  5  
ATOM   747  H HD1  . TRP A 1 8  ? 6.723  2.802  -3.613 1.00 0.00  ? 10 TRP A HD1  5  
ATOM   748  H HE1  . TRP A 1 8  ? 8.141  1.189  -5.223 1.00 0.00  ? 10 TRP A HE1  5  
ATOM   749  H HE3  . TRP A 1 8  ? 2.948  -0.406 -4.627 1.00 0.00  ? 10 TRP A HE3  5  
ATOM   750  H HZ2  . TRP A 1 8  ? 7.495  -1.243 -6.540 1.00 0.00  ? 10 TRP A HZ2  5  
ATOM   751  H HZ3  . TRP A 1 8  ? 3.391  -2.420 -6.009 1.00 0.00  ? 10 TRP A HZ3  5  
ATOM   752  H HH2  . TRP A 1 8  ? 5.632  -2.835 -6.948 1.00 0.00  ? 10 TRP A HH2  5  
ATOM   753  N N    . LYS A 1 9  ? 5.566  -0.148 -1.124 1.00 74.43 ? 11 LYS A N    5  
ATOM   754  C CA   . LYS A 1 9  ? 6.805  -0.605 -0.442 1.00 4.20  ? 11 LYS A CA   5  
ATOM   755  C C    . LYS A 1 9  ? 7.894  -0.907 -1.517 1.00 11.04 ? 11 LYS A C    5  
ATOM   756  O O    . LYS A 1 9  ? 7.981  -1.986 -2.100 1.00 35.41 ? 11 LYS A O    5  
ATOM   757  C CB   . LYS A 1 9  ? 6.453  -1.860 0.406  1.00 41.10 ? 11 LYS A CB   5  
ATOM   758  C CG   . LYS A 1 9  ? 5.580  -1.603 1.651  1.00 44.10 ? 11 LYS A CG   5  
ATOM   759  C CD   . LYS A 1 9  ? 5.086  -2.911 2.309  1.00 33.11 ? 11 LYS A CD   5  
ATOM   760  C CE   . LYS A 1 9  ? 4.135  -2.720 3.510  1.00 70.12 ? 11 LYS A CE   5  
ATOM   761  N NZ   . LYS A 1 9  ? 2.854  -2.077 3.134  1.00 43.51 ? 11 LYS A NZ   5  
ATOM   762  H H    . LYS A 1 9  ? 5.004  -0.798 -1.702 1.00 20.44 ? 11 LYS A H    5  
ATOM   763  H HA   . LYS A 1 9  ? 7.201  0.168  0.248  1.00 50.52 ? 11 LYS A HA   5  
ATOM   764  H HB2  . LYS A 1 9  ? 5.960  -2.611 -0.244 1.00 0.00  ? 11 LYS A HB2  5  
ATOM   765  H HB3  . LYS A 1 9  ? 7.387  -2.348 0.736  1.00 63.23 ? 11 LYS A HB3  5  
ATOM   766  H HG2  . LYS A 1 9  ? 6.139  -0.991 2.383  1.00 0.00  ? 11 LYS A HG2  5  
ATOM   767  H HG3  . LYS A 1 9  ? 4.701  -0.998 1.357  1.00 60.25 ? 11 LYS A HG3  5  
ATOM   768  H HD2  . LYS A 1 9  ? 4.580  -3.544 1.554  1.00 0.00  ? 11 LYS A HD2  5  
ATOM   769  H HD3  . LYS A 1 9  ? 5.960  -3.505 2.638  1.00 13.13 ? 11 LYS A HD3  5  
ATOM   770  H HE2  . LYS A 1 9  ? 3.949  -3.701 3.996  1.00 0.00  ? 11 LYS A HE2  5  
ATOM   771  H HE3  . LYS A 1 9  ? 4.634  -2.114 4.290  1.00 35.55 ? 11 LYS A HE3  5  
ATOM   772  H HZ1  . LYS A 1 9  ? 2.719  -1.063 3.142  1.00 44.51 ? 11 LYS A HZ1  5  
HETATM 773  N N    . NH2 A 1 10 ? 8.772  0.022  -1.839 1.00 24.35 ? 12 NH2 A N    5  
HETATM 774  H HN1  . NH2 A 1 10 ? 8.579  0.973  -1.517 1.00 71.12 ? 12 NH2 A HN1  5  
HETATM 775  H HN2  . NH2 A 1 10 ? 9.383  -0.266 -2.609 1.00 14.20 ? 12 NH2 A HN2  5  
HETATM 776  C C    . ACE A 1 1  ? 3.983  -2.980 -2.779 1.00 1.42  ? 3  ACE A C    6  
HETATM 777  O O    . ACE A 1 1  ? 4.264  -2.049 -2.024 1.00 25.23 ? 3  ACE A O    6  
HETATM 778  C CH3  . ACE A 1 1  ? 5.046  -3.973 -3.209 1.00 11.32 ? 3  ACE A CH3  6  
HETATM 779  H H1   . ACE A 1 1  ? 4.938  -4.929 -2.667 1.00 11.05 ? 3  ACE A H1   6  
HETATM 780  H H2   . ACE A 1 1  ? 5.008  -4.180 -4.294 1.00 31.00 ? 3  ACE A H2   6  
HETATM 781  H H3   . ACE A 1 1  ? 6.056  -3.580 -2.996 1.00 0.00  ? 3  ACE A H3   6  
HETATM 782  N N    . NLE A 1 2  ? 2.769  -3.212 -3.276 1.00 24.32 ? 4  NLE A N    6  
HETATM 783  C CA   . NLE A 1 2  ? 1.577  -2.372 -2.978 1.00 22.54 ? 4  NLE A CA   6  
HETATM 784  C C    . NLE A 1 2  ? 0.690  -3.051 -1.889 1.00 51.12 ? 4  NLE A C    6  
HETATM 785  O O    . NLE A 1 2  ? 0.299  -4.217 -2.018 1.00 4.44  ? 4  NLE A O    6  
HETATM 786  C CB   . NLE A 1 2  ? 0.743  -2.195 -4.273 1.00 51.41 ? 4  NLE A CB   6  
HETATM 787  C CG   . NLE A 1 2  ? 1.393  -1.364 -5.402 1.00 53.53 ? 4  NLE A CG   6  
HETATM 788  C CD   . NLE A 1 2  ? 0.563  -1.372 -6.697 1.00 13.25 ? 4  NLE A CD   6  
HETATM 789  C CE   . NLE A 1 2  ? 1.177  -0.470 -7.776 1.00 21.12 ? 4  NLE A CE   6  
HETATM 790  H H    . NLE A 1 2  ? 2.690  -4.046 -3.860 1.00 73.41 ? 4  NLE A H    6  
HETATM 791  H HA   . NLE A 1 2  ? 1.893  -1.365 -2.638 1.00 13.34 ? 4  NLE A HA   6  
HETATM 792  H HB2  . NLE A 1 2  ? -0.220 -1.717 -4.016 1.00 12.25 ? 4  NLE A HB2  6  
HETATM 793  H HB3  . NLE A 1 2  ? 0.457  -3.195 -4.643 1.00 64.43 ? 4  NLE A HB3  6  
HETATM 794  H HG2  . NLE A 1 2  ? 2.401  -1.760 -5.623 1.00 24.40 ? 4  NLE A HG2  6  
HETATM 795  H HG3  . NLE A 1 2  ? 1.546  -0.325 -5.052 1.00 61.35 ? 4  NLE A HG3  6  
HETATM 796  H HD2  . NLE A 1 2  ? -0.477 -1.049 -6.494 1.00 34.12 ? 4  NLE A HD2  6  
HETATM 797  H HD3  . NLE A 1 2  ? 0.477  -2.405 -7.084 1.00 2.42  ? 4  NLE A HD3  6  
HETATM 798  H HE1  . NLE A 1 2  ? 0.579  -0.490 -8.704 1.00 35.54 ? 4  NLE A HE1  6  
HETATM 799  H HE2  . NLE A 1 2  ? 1.233  0.585  -7.448 1.00 13.20 ? 4  NLE A HE2  6  
HETATM 800  H HE3  . NLE A 1 2  ? 2.203  -0.788 -8.043 1.00 14.24 ? 4  NLE A HE3  6  
ATOM   801  N N    . ASP A 1 3  ? 0.361  -2.311 -0.822 1.00 42.23 ? 5  ASP A N    6  
ATOM   802  C CA   . ASP A 1 3  ? -0.347 -2.860 0.365  1.00 14.33 ? 5  ASP A CA   6  
ATOM   803  C C    . ASP A 1 3  ? -1.409 -1.880 1.003  1.00 70.04 ? 5  ASP A C    6  
ATOM   804  O O    . ASP A 1 3  ? -1.237 -0.657 0.905  1.00 71.01 ? 5  ASP A O    6  
ATOM   805  C CB   . ASP A 1 3  ? 0.715  -3.415 1.354  1.00 73.01 ? 5  ASP A CB   6  
ATOM   806  C CG   . ASP A 1 3  ? 1.780  -2.501 1.986  1.00 3.02  ? 5  ASP A CG   6  
ATOM   807  O OD1  . ASP A 1 3  ? 2.015  -1.369 1.566  1.00 41.31 ? 5  ASP A OD1  6  
ATOM   808  H H    . ASP A 1 3  ? 0.899  -1.444 -0.734 1.00 62.10 ? 5  ASP A H    6  
ATOM   809  H HA   . ASP A 1 3  ? -0.935 -3.733 0.020  1.00 60.50 ? 5  ASP A HA   6  
ATOM   810  H HB2  . ASP A 1 3  ? 0.168  -3.912 2.164  1.00 0.00  ? 5  ASP A HB2  6  
ATOM   811  H HB3  . ASP A 1 3  ? 1.260  -4.223 0.832  1.00 72.20 ? 5  ASP A HB3  6  
ATOM   812  N N    . PRO A 1 4  ? -2.526 -2.355 1.650  1.00 64.04 ? 6  PRO A N    6  
ATOM   813  C CA   . PRO A 1 4  ? -3.632 -1.471 2.118  1.00 44.43 ? 6  PRO A CA   6  
ATOM   814  C C    . PRO A 1 4  ? -3.307 -0.486 3.305  1.00 31.44 ? 6  PRO A C    6  
ATOM   815  O O    . PRO A 1 4  ? -2.417 -0.792 4.107  1.00 1.02  ? 6  PRO A O    6  
ATOM   816  C CB   . PRO A 1 4  ? -4.748 -2.483 2.454  1.00 53.11 ? 6  PRO A CB   6  
ATOM   817  C CG   . PRO A 1 4  ? -4.023 -3.784 2.790  1.00 4.15  ? 6  PRO A CG   6  
ATOM   818  C CD   . PRO A 1 4  ? -2.836 -3.791 1.832  1.00 41.55 ? 6  PRO A CD   6  
ATOM   819  H HA   . PRO A 1 4  ? -3.969 -0.881 1.249  1.00 15.04 ? 6  PRO A HA   6  
ATOM   820  H HB2  . PRO A 1 4  ? -5.416 -2.153 3.273  1.00 0.00  ? 6  PRO A HB2  6  
ATOM   821  H HB3  . PRO A 1 4  ? -5.399 -2.634 1.570  1.00 62.32 ? 6  PRO A HB3  6  
ATOM   822  H HG2  . PRO A 1 4  ? -3.667 -3.761 3.840  1.00 0.00  ? 6  PRO A HG2  6  
ATOM   823  H HG3  . PRO A 1 4  ? -4.666 -4.676 2.684  1.00 31.02 ? 6  PRO A HG3  6  
ATOM   824  H HD2  . PRO A 1 4  ? -1.997 -4.373 2.259  1.00 0.00  ? 6  PRO A HD2  6  
ATOM   825  H HD3  . PRO A 1 4  ? -3.113 -4.255 0.865  1.00 72.34 ? 6  PRO A HD3  6  
ATOM   826  N N    . PRO A 1 5  ? -3.980 0.697  3.463  1.00 22.14 ? 7  PRO A N    6  
ATOM   827  C CA   . PRO A 1 5  ? -5.154 1.134  2.632  1.00 10.30 ? 7  PRO A CA   6  
ATOM   828  C C    . PRO A 1 5  ? -4.928 1.626  1.160  1.00 31.43 ? 7  PRO A C    6  
ATOM   829  O O    . PRO A 1 5  ? -5.899 1.778  0.415  1.00 11.54 ? 7  PRO A O    6  
ATOM   830  C CB   . PRO A 1 5  ? -5.763 2.228  3.533  1.00 73.35 ? 7  PRO A CB   6  
ATOM   831  C CG   . PRO A 1 5  ? -4.585 2.819  4.310  1.00 73.14 ? 7  PRO A CG   6  
ATOM   832  C CD   . PRO A 1 5  ? -3.691 1.610  4.588  1.00 50.35 ? 7  PRO A CD   6  
ATOM   833  H HA   . PRO A 1 5  ? -5.882 0.305  2.560  1.00 70.33 ? 7  PRO A HA   6  
ATOM   834  H HB2  . PRO A 1 5  ? -6.331 2.999  2.976  1.00 0.00  ? 7  PRO A HB2  6  
ATOM   835  H HB3  . PRO A 1 5  ? -6.486 1.772  4.239  1.00 33.33 ? 7  PRO A HB3  6  
ATOM   836  H HG2  . PRO A 1 5  ? -4.048 3.558  3.686  1.00 0.00  ? 7  PRO A HG2  6  
ATOM   837  H HG3  . PRO A 1 5  ? -4.898 3.339  5.235  1.00 23.41 ? 7  PRO A HG3  6  
ATOM   838  H HD2  . PRO A 1 5  ? -2.621 1.890  4.639  1.00 0.00  ? 7  PRO A HD2  6  
ATOM   839  H HD3  . PRO A 1 5  ? -3.955 1.129  5.550  1.00 41.43 ? 7  PRO A HD3  6  
HETATM 840  N N    . DPN A 1 6  ? -3.673 1.811  0.724  1.00 0.00  ? 8  DPN A N    6  
HETATM 841  C CA   . DPN A 1 6  ? -3.310 2.103  -0.690 1.00 0.00  ? 8  DPN A CA   6  
HETATM 842  C C    . DPN A 1 6  ? -1.943 2.855  -0.723 1.00 0.00  ? 8  DPN A C    6  
HETATM 843  O O    . DPN A 1 6  ? -1.886 4.035  -1.074 1.00 0.00  ? 8  DPN A O    6  
HETATM 844  C CB   . DPN A 1 6  ? -3.332 0.785  -1.531 1.00 0.00  ? 8  DPN A CB   6  
HETATM 845  C CG   . DPN A 1 6  ? -3.140 0.972  -3.044 1.00 0.00  ? 8  DPN A CG   6  
HETATM 846  C CD1  . DPN A 1 6  ? -1.856 0.915  -3.603 1.00 0.00  ? 8  DPN A CD1  6  
HETATM 847  C CD2  . DPN A 1 6  ? -4.238 1.232  -3.870 1.00 0.00  ? 8  DPN A CD2  6  
HETATM 848  C CE1  . DPN A 1 6  ? -1.673 1.139  -4.965 1.00 0.00  ? 8  DPN A CE1  6  
HETATM 849  C CE2  . DPN A 1 6  ? -4.053 1.441  -5.236 1.00 0.00  ? 8  DPN A CE2  6  
HETATM 850  C CZ   . DPN A 1 6  ? -2.771 1.397  -5.782 1.00 0.00  ? 8  DPN A CZ   6  
HETATM 851  H H    . DPN A 1 6  ? -2.972 1.610  1.448  1.00 0.00  ? 8  DPN A H    6  
HETATM 852  H HA   . DPN A 1 6  ? -4.060 2.800  -1.117 1.00 0.00  ? 8  DPN A HA   6  
HETATM 853  H HB2  . DPN A 1 6  ? -4.280 0.255  -1.345 1.00 0.00  ? 8  DPN A HB2  6  
HETATM 854  H HB3  . DPN A 1 6  ? -2.578 0.073  -1.148 1.00 0.00  ? 8  DPN A HB3  6  
HETATM 855  H HD1  . DPN A 1 6  ? -0.995 0.720  -2.979 1.00 0.00  ? 8  DPN A HD1  6  
HETATM 856  H HD2  . DPN A 1 6  ? -5.233 1.284  -3.456 1.00 0.00  ? 8  DPN A HD2  6  
HETATM 857  H HE1  . DPN A 1 6  ? -0.679 1.118  -5.385 1.00 0.00  ? 8  DPN A HE1  6  
HETATM 858  H HE2  . DPN A 1 6  ? -4.903 1.646  -5.871 1.00 0.00  ? 8  DPN A HE2  6  
HETATM 859  H HZ   . DPN A 1 6  ? -2.628 1.568  -6.839 1.00 0.00  ? 8  DPN A HZ   6  
ATOM   860  N N    . ARG A 1 7  ? -0.854 2.155  -0.363 1.00 61.01 ? 9  ARG A N    6  
ATOM   861  C CA   . ARG A 1 7  ? 0.519  2.700  -0.351 1.00 53.23 ? 9  ARG A CA   6  
ATOM   862  C C    . ARG A 1 7  ? 1.541  1.719  -1.016 1.00 34.42 ? 9  ARG A C    6  
ATOM   863  O O    . ARG A 1 7  ? 1.346  0.499  -1.051 1.00 75.42 ? 9  ARG A O    6  
ATOM   864  C CB   . ARG A 1 7  ? 0.876  3.040  1.124  1.00 42.11 ? 9  ARG A CB   6  
ATOM   865  C CG   . ARG A 1 7  ? 1.014  1.854  2.128  1.00 51.03 ? 9  ARG A CG   6  
ATOM   866  C CD   . ARG A 1 7  ? 1.947  2.110  3.326  1.00 32.53 ? 9  ARG A CD   6  
ATOM   867  N NE   . ARG A 1 7  ? 3.362  2.190  2.863  1.00 61.34 ? 9  ARG A NE   6  
ATOM   868  C CZ   . ARG A 1 7  ? 4.410  2.514  3.614  1.00 21.04 ? 9  ARG A CZ   6  
ATOM   869  N NH1  . ARG A 1 7  ? 4.346  2.701  4.908  1.00 62.52 ? 9  ARG A NH1  6  
ATOM   870  N NH2  . ARG A 1 7  ? 5.558  2.652  3.019  1.00 5.43  ? 9  ARG A NH2  6  
ATOM   871  H H    . ARG A 1 7  ? -1.045 1.200  -0.039 1.00 0.22  ? 9  ARG A H    6  
ATOM   872  H HA   . ARG A 1 7  ? 0.546  3.645  -0.935 1.00 25.44 ? 9  ARG A HA   6  
ATOM   873  H HB2  . ARG A 1 7  ? 1.819  3.607  1.090  1.00 0.00  ? 9  ARG A HB2  6  
ATOM   874  H HB3  . ARG A 1 7  ? 0.136  3.762  1.519  1.00 63.23 ? 9  ARG A HB3  6  
ATOM   875  H HG2  . ARG A 1 7  ? 0.006  1.578  2.495  1.00 0.00  ? 9  ARG A HG2  6  
ATOM   876  H HG3  . ARG A 1 7  ? 1.350  0.941  1.605  1.00 34.21 ? 9  ARG A HG3  6  
ATOM   877  H HD2  . ARG A 1 7  ? 1.634  3.036  3.853  1.00 0.00  ? 9  ARG A HD2  6  
ATOM   878  H HD3  . ARG A 1 7  ? 1.829  1.279  4.053  1.00 22.22 ? 9  ARG A HD3  6  
ATOM   879  H HE   . ARG A 1 7  ? 3.597  2.060  1.869  1.00 0.00  ? 9  ARG A HE   6  
ATOM   880  H HH11 . ARG A 1 7  ? 3.412  2.571  5.301  1.00 0.00  ? 9  ARG A HH11 6  
ATOM   881  H HH12 . ARG A 1 7  ? 5.202  2.949  5.407  1.00 0.00  ? 9  ARG A HH12 6  
ATOM   882  H HH21 . ARG A 1 7  ? 5.537  2.529  1.993  1.00 0.00  ? 9  ARG A HH21 6  
ATOM   883  H HH22 . ARG A 1 7  ? 6.364  2.919  3.587  1.00 0.00  ? 9  ARG A HH22 6  
ATOM   884  N N    . TRP A 1 8  ? 2.687  2.257  -1.462 1.00 0.00  ? 10 TRP A N    6  
ATOM   885  C CA   . TRP A 1 8  ? 3.881  1.436  -1.774 1.00 0.00  ? 10 TRP A CA   6  
ATOM   886  C C    . TRP A 1 8  ? 4.771  1.250  -0.500 1.00 0.00  ? 10 TRP A C    6  
ATOM   887  O O    . TRP A 1 8  ? 5.015  2.175  0.285  1.00 0.00  ? 10 TRP A O    6  
ATOM   888  C CB   . TRP A 1 8  ? 4.631  2.131  -2.940 1.00 0.00  ? 10 TRP A CB   6  
ATOM   889  C CG   . TRP A 1 8  ? 5.888  1.409  -3.437 1.00 0.00  ? 10 TRP A CG   6  
ATOM   890  C CD1  . TRP A 1 8  ? 7.187  1.659  -2.964 1.00 0.00  ? 10 TRP A CD1  6  
ATOM   891  C CD2  . TRP A 1 8  ? 6.008  0.355  -4.319 1.00 0.00  ? 10 TRP A CD2  6  
ATOM   892  N NE1  . TRP A 1 8  ? 8.131  0.780  -3.528 1.00 0.00  ? 10 TRP A NE1  6  
ATOM   893  C CE2  . TRP A 1 8  ? 7.373  -0.024 -4.366 1.00 0.00  ? 10 TRP A CE2  6  
ATOM   894  C CE3  . TRP A 1 8  ? 5.040  -0.343 -5.078 1.00 0.00  ? 10 TRP A CE3  6  
ATOM   895  C CZ2  . TRP A 1 8  ? 7.779  -1.112 -5.173 1.00 0.00  ? 10 TRP A CZ2  6  
ATOM   896  C CZ3  . TRP A 1 8  ? 5.463  -1.408 -5.877 1.00 0.00  ? 10 TRP A CZ3  6  
ATOM   897  C CH2  . TRP A 1 8  ? 6.812  -1.789 -5.923 1.00 0.00  ? 10 TRP A CH2  6  
ATOM   898  H H    . TRP A 1 8  ? 2.776  3.268  -1.342 1.00 0.00  ? 10 TRP A H    6  
ATOM   899  H HA   . TRP A 1 8  ? 3.557  0.443  -2.155 1.00 0.00  ? 10 TRP A HA   6  
ATOM   900  H HB2  . TRP A 1 8  ? 3.948  2.247  -3.797 1.00 0.00  ? 10 TRP A HB2  6  
ATOM   901  H HB3  . TRP A 1 8  ? 4.906  3.159  -2.642 1.00 0.00  ? 10 TRP A HB3  6  
ATOM   902  H HD1  . TRP A 1 8  ? 7.388  2.395  -2.200 1.00 0.00  ? 10 TRP A HD1  6  
ATOM   903  H HE1  . TRP A 1 8  ? 9.136  0.712  -3.331 1.00 0.00  ? 10 TRP A HE1  6  
ATOM   904  H HE3  . TRP A 1 8  ? 4.000  -0.059 -5.028 1.00 0.00  ? 10 TRP A HE3  6  
ATOM   905  H HZ2  . TRP A 1 8  ? 8.816  -1.413 -5.210 1.00 0.00  ? 10 TRP A HZ2  6  
ATOM   906  H HZ3  . TRP A 1 8  ? 4.739  -1.951 -6.466 1.00 0.00  ? 10 TRP A HZ3  6  
ATOM   907  H HH2  . TRP A 1 8  ? 7.109  -2.618 -6.547 1.00 0.00  ? 10 TRP A HH2  6  
ATOM   908  N N    . LYS A 1 9  ? 5.304  0.037  -0.354 1.00 74.43 ? 11 LYS A N    6  
ATOM   909  C CA   . LYS A 1 9  ? 6.451  -0.266 0.540  1.00 4.20  ? 11 LYS A CA   6  
ATOM   910  C C    . LYS A 1 9  ? 7.657  -0.958 -0.175 1.00 11.04 ? 11 LYS A C    6  
ATOM   911  O O    . LYS A 1 9  ? 8.807  -0.581 0.028  1.00 35.41 ? 11 LYS A O    6  
ATOM   912  C CB   . LYS A 1 9  ? 5.936  -0.964 1.820  1.00 41.10 ? 11 LYS A CB   6  
ATOM   913  C CG   . LYS A 1 9  ? 5.418  -2.417 1.724  1.00 44.10 ? 11 LYS A CG   6  
ATOM   914  C CD   . LYS A 1 9  ? 4.963  -2.985 3.090  1.00 33.11 ? 11 LYS A CD   6  
ATOM   915  C CE   . LYS A 1 9  ? 3.625  -2.440 3.641  1.00 70.12 ? 11 LYS A CE   6  
ATOM   916  N NZ   . LYS A 1 9  ? 2.461  -3.076 2.983  1.00 43.51 ? 11 LYS A NZ   6  
ATOM   917  H H    . LYS A 1 9  ? 4.900  -0.671 -0.980 1.00 20.44 ? 11 LYS A H    6  
ATOM   918  H HA   . LYS A 1 9  ? 6.890  0.689  0.890  1.00 50.52 ? 11 LYS A HA   6  
ATOM   919  H HB2  . LYS A 1 9  ? 6.760  -0.943 2.546  1.00 0.00  ? 11 LYS A HB2  6  
ATOM   920  H HB3  . LYS A 1 9  ? 5.138  -0.334 2.253  1.00 63.23 ? 11 LYS A HB3  6  
ATOM   921  H HG2  . LYS A 1 9  ? 4.596  -2.479 0.986  1.00 0.00  ? 11 LYS A HG2  6  
ATOM   922  H HG3  . LYS A 1 9  ? 6.225  -3.058 1.324  1.00 60.25 ? 11 LYS A HG3  6  
ATOM   923  H HD2  . LYS A 1 9  ? 4.909  -4.090 3.020  1.00 0.00  ? 11 LYS A HD2  6  
ATOM   924  H HD3  . LYS A 1 9  ? 5.759  -2.804 3.837  1.00 13.13 ? 11 LYS A HD3  6  
ATOM   925  H HE2  . LYS A 1 9  ? 3.566  -2.666 4.722  1.00 0.00  ? 11 LYS A HE2  6  
ATOM   926  H HE3  . LYS A 1 9  ? 3.580  -1.335 3.587  1.00 35.55 ? 11 LYS A HE3  6  
ATOM   927  H HZ1  . LYS A 1 9  ? 2.184  -4.042 3.172  1.00 44.51 ? 11 LYS A HZ1  6  
HETATM 928  N N    . NH2 A 1 10 ? 7.495  -1.955 -1.026 1.00 24.35 ? 12 NH2 A N    6  
HETATM 929  H HN1  . NH2 A 1 10 ? 8.356  -2.200 -1.521 1.00 71.12 ? 12 NH2 A HN1  6  
HETATM 930  H HN2  . NH2 A 1 10 ? 6.529  -2.164 -1.303 1.00 14.20 ? 12 NH2 A HN2  6  
HETATM 931  C C    . ACE A 1 1  ? 3.441  -2.919 -3.052 1.00 1.42  ? 3  ACE A C    7  
HETATM 932  O O    . ACE A 1 1  ? 3.869  -1.798 -2.783 1.00 25.23 ? 3  ACE A O    7  
HETATM 933  C CH3  . ACE A 1 1  ? 4.356  -3.971 -3.646 1.00 11.32 ? 3  ACE A CH3  7  
HETATM 934  H H1   . ACE A 1 1  ? 5.360  -3.549 -3.833 1.00 11.05 ? 3  ACE A H1   7  
HETATM 935  H H2   . ACE A 1 1  ? 4.478  -4.830 -2.965 1.00 31.00 ? 3  ACE A H2   7  
HETATM 936  H H3   . ACE A 1 1  ? 3.975  -4.342 -4.615 1.00 0.00  ? 3  ACE A H3   7  
HETATM 937  N N    . NLE A 1 2  ? 2.181  -3.306 -2.855 1.00 24.32 ? 4  NLE A N    7  
HETATM 938  C CA   . NLE A 1 2  ? 1.117  -2.395 -2.353 1.00 22.54 ? 4  NLE A CA   7  
HETATM 939  C C    . NLE A 1 2  ? 0.422  -3.002 -1.094 1.00 51.12 ? 4  NLE A C    7  
HETATM 940  O O    . NLE A 1 2  ? -0.171 -4.085 -1.141 1.00 4.44  ? 4  NLE A O    7  
HETATM 941  C CB   . NLE A 1 2  ? 0.073  -2.164 -3.475 1.00 51.41 ? 4  NLE A CB   7  
HETATM 942  C CG   . NLE A 1 2  ? 0.525  -1.240 -4.626 1.00 53.53 ? 4  NLE A CG   7  
HETATM 943  C CD   . NLE A 1 2  ? -0.553 -1.071 -5.708 1.00 13.25 ? 4  NLE A CD   7  
HETATM 944  C CE   . NLE A 1 2  ? -0.098 -0.121 -6.825 1.00 21.12 ? 4  NLE A CE   7  
HETATM 945  H H    . NLE A 1 2  ? 1.956  -4.246 -3.186 1.00 73.41 ? 4  NLE A H    7  
HETATM 946  H HA   . NLE A 1 2  ? 1.543  -1.404 -2.090 1.00 13.34 ? 4  NLE A HA   7  
HETATM 947  H HB2  . NLE A 1 2  ? -0.838 -1.733 -3.032 1.00 12.25 ? 4  NLE A HB2  7  
HETATM 948  H HB3  . NLE A 1 2  ? -0.259 -3.143 -3.860 1.00 64.43 ? 4  NLE A HB3  7  
HETATM 949  H HG2  . NLE A 1 2  ? 1.449  -1.642 -5.085 1.00 24.40 ? 4  NLE A HG2  7  
HETATM 950  H HG3  . NLE A 1 2  ? 0.799  -0.250 -4.214 1.00 61.35 ? 4  NLE A HG3  7  
HETATM 951  H HD2  . NLE A 1 2  ? -1.490 -0.687 -5.259 1.00 34.12 ? 4  NLE A HD2  7  
HETATM 952  H HD3  . NLE A 1 2  ? -0.815 -2.055 -6.143 1.00 2.42  ? 4  NLE A HD3  7  
HETATM 953  H HE1  . NLE A 1 2  ? 0.810  -0.491 -7.337 1.00 35.54 ? 4  NLE A HE1  7  
HETATM 954  H HE2  . NLE A 1 2  ? -0.881 -0.006 -7.597 1.00 13.20 ? 4  NLE A HE2  7  
HETATM 955  H HE3  . NLE A 1 2  ? 0.129  0.891  -6.439 1.00 14.24 ? 4  NLE A HE3  7  
ATOM   956  N N    . ASP A 1 3  ? 0.453  -2.254 0.014  1.00 42.23 ? 5  ASP A N    7  
ATOM   957  C CA   . ASP A 1 3  ? -0.285 -2.597 1.261  1.00 14.33 ? 5  ASP A CA   7  
ATOM   958  C C    . ASP A 1 3  ? -1.639 -1.802 1.360  1.00 70.04 ? 5  ASP A C    7  
ATOM   959  O O    . ASP A 1 3  ? -1.633 -0.602 1.065  1.00 71.01 ? 5  ASP A O    7  
ATOM   960  C CB   . ASP A 1 3  ? 0.613  -2.242 2.475  1.00 73.01 ? 5  ASP A CB   7  
ATOM   961  C CG   . ASP A 1 3  ? 1.772  -3.209 2.734  1.00 3.02  ? 5  ASP A CG   7  
ATOM   962  O OD1  . ASP A 1 3  ? 1.556  -4.298 3.268  1.00 41.31 ? 5  ASP A OD1  7  
ATOM   963  H H    . ASP A 1 3  ? 0.953  -1.360 -0.094 1.00 62.10 ? 5  ASP A H    7  
ATOM   964  H HA   . ASP A 1 3  ? -0.490 -3.684 1.288  1.00 60.50 ? 5  ASP A HA   7  
ATOM   965  H HB2  . ASP A 1 3  ? 0.964  -1.195 2.406  1.00 0.00  ? 5  ASP A HB2  7  
ATOM   966  H HB3  . ASP A 1 3  ? -0.003 -2.260 3.389  1.00 72.20 ? 5  ASP A HB3  7  
ATOM   967  N N    . PRO A 1 4  ? -2.802 -2.368 1.801  1.00 64.04 ? 6  PRO A N    7  
ATOM   968  C CA   . PRO A 1 4  ? -4.081 -1.606 1.907  1.00 44.43 ? 6  PRO A CA   7  
ATOM   969  C C    . PRO A 1 4  ? -4.115 -0.508 3.042  1.00 31.44 ? 6  PRO A C    7  
ATOM   970  O O    . PRO A 1 4  ? -3.624 -0.801 4.141  1.00 1.02  ? 6  PRO A O    7  
ATOM   971  C CB   . PRO A 1 4  ? -5.097 -2.745 2.129  1.00 53.11 ? 6  PRO A CB   7  
ATOM   972  C CG   . PRO A 1 4  ? -4.315 -3.852 2.844  1.00 4.15  ? 6  PRO A CG   7  
ATOM   973  C CD   . PRO A 1 4  ? -2.913 -3.774 2.239  1.00 41.55 ? 6  PRO A CD   7  
ATOM   974  H HA   . PRO A 1 4  ? -4.300 -1.155 0.926  1.00 15.04 ? 6  PRO A HA   7  
ATOM   975  H HB2  . PRO A 1 4  ? -5.996 -2.431 2.694  1.00 0.00  ? 6  PRO A HB2  7  
ATOM   976  H HB3  . PRO A 1 4  ? -5.463 -3.120 1.153  1.00 62.32 ? 6  PRO A HB3  7  
ATOM   977  H HG2  . PRO A 1 4  ? -4.271 -3.639 3.929  1.00 0.00  ? 6  PRO A HG2  7  
ATOM   978  H HG3  . PRO A 1 4  ? -4.776 -4.849 2.727  1.00 31.02 ? 6  PRO A HG3  7  
ATOM   979  H HD2  . PRO A 1 4  ? -2.141 -4.049 2.985  1.00 0.00  ? 6  PRO A HD2  7  
ATOM   980  H HD3  . PRO A 1 4  ? -2.810 -4.459 1.374  1.00 72.34 ? 6  PRO A HD3  7  
ATOM   981  N N    . PRO A 1 5  ? -4.673 0.736  2.877  1.00 22.14 ? 7  PRO A N    7  
ATOM   982  C CA   . PRO A 1 5  ? -5.369 1.210  1.644  1.00 10.30 ? 7  PRO A CA   7  
ATOM   983  C C    . PRO A 1 5  ? -4.452 1.993  0.639  1.00 31.43 ? 7  PRO A C    7  
ATOM   984  O O    . PRO A 1 5  ? -4.527 3.217  0.486  1.00 11.54 ? 7  PRO A O    7  
ATOM   985  C CB   . PRO A 1 5  ? -6.490 2.065  2.277  1.00 73.35 ? 7  PRO A CB   7  
ATOM   986  C CG   . PRO A 1 5  ? -5.856 2.702  3.517  1.00 73.14 ? 7  PRO A CG   7  
ATOM   987  C CD   . PRO A 1 5  ? -4.909 1.622  4.039  1.00 50.35 ? 7  PRO A CD   7  
ATOM   988  H HA   . PRO A 1 5  ? -5.863 0.386  1.096  1.00 70.33 ? 7  PRO A HA   7  
ATOM   989  H HB2  . PRO A 1 5  ? -6.914 2.815  1.584  1.00 0.00  ? 7  PRO A HB2  7  
ATOM   990  H HB3  . PRO A 1 5  ? -7.336 1.416  2.580  1.00 33.33 ? 7  PRO A HB3  7  
ATOM   991  H HG2  . PRO A 1 5  ? -5.288 3.609  3.236  1.00 0.00  ? 7  PRO A HG2  7  
ATOM   992  H HG3  . PRO A 1 5  ? -6.606 3.011  4.269  1.00 23.41 ? 7  PRO A HG3  7  
ATOM   993  H HD2  . PRO A 1 5  ? -3.966 2.046  4.433  1.00 0.00  ? 7  PRO A HD2  7  
ATOM   994  H HD3  . PRO A 1 5  ? -5.382 1.054  4.862  1.00 41.43 ? 7  PRO A HD3  7  
HETATM 995  N N    . DPN A 1 6  ? -3.557 1.270  -0.042 1.00 0.00  ? 8  DPN A N    7  
HETATM 996  C CA   . DPN A 1 6  ? -2.659 1.826  -1.094 1.00 0.00  ? 8  DPN A CA   7  
HETATM 997  C C    . DPN A 1 6  ? -1.415 2.596  -0.538 1.00 0.00  ? 8  DPN A C    7  
HETATM 998  O O    . DPN A 1 6  ? -1.198 3.755  -0.895 1.00 0.00  ? 8  DPN A O    7  
HETATM 999  C CB   . DPN A 1 6  ? -2.211 0.656  -2.021 1.00 0.00  ? 8  DPN A CB   7  
HETATM 1000 C CG   . DPN A 1 6  ? -3.304 -0.076 -2.818 1.00 0.00  ? 8  DPN A CG   7  
HETATM 1001 C CD1  . DPN A 1 6  ? -3.729 -1.347 -2.416 1.00 0.00  ? 8  DPN A CD1  7  
HETATM 1002 C CD2  . DPN A 1 6  ? -3.865 0.507  -3.958 1.00 0.00  ? 8  DPN A CD2  7  
HETATM 1003 C CE1  . DPN A 1 6  ? -4.705 -2.023 -3.144 1.00 0.00  ? 8  DPN A CE1  7  
HETATM 1004 C CE2  . DPN A 1 6  ? -4.841 -0.172 -4.685 1.00 0.00  ? 8  DPN A CE2  7  
HETATM 1005 C CZ   . DPN A 1 6  ? -5.259 -1.436 -4.279 1.00 0.00  ? 8  DPN A CZ   7  
HETATM 1006 H H    . DPN A 1 6  ? -3.375 0.339  0.347  1.00 0.00  ? 8  DPN A H    7  
HETATM 1007 H HA   . DPN A 1 6  ? -3.227 2.547  -1.716 1.00 0.00  ? 8  DPN A HA   7  
HETATM 1008 H HB2  . DPN A 1 6  ? -1.626 -0.079 -1.435 1.00 0.00  ? 8  DPN A HB2  7  
HETATM 1009 H HB3  . DPN A 1 6  ? -1.462 1.043  -2.732 1.00 0.00  ? 8  DPN A HB3  7  
HETATM 1010 H HD1  . DPN A 1 6  ? -3.302 -1.818 -1.541 1.00 0.00  ? 8  DPN A HD1  7  
HETATM 1011 H HD2  . DPN A 1 6  ? -3.544 1.487  -4.287 1.00 0.00  ? 8  DPN A HD2  7  
HETATM 1012 H HE1  . DPN A 1 6  ? -5.028 -3.007 -2.831 1.00 0.00  ? 8  DPN A HE1  7  
HETATM 1013 H HE2  . DPN A 1 6  ? -5.271 0.282  -5.568 1.00 0.00  ? 8  DPN A HE2  7  
HETATM 1014 H HZ   . DPN A 1 6  ? -6.015 -1.963 -4.845 1.00 0.00  ? 8  DPN A HZ   7  
ATOM   1015 N N    . ARG A 1 7  ? -0.601 1.949  0.314  1.00 61.01 ? 9  ARG A N    7  
ATOM   1016 C CA   . ARG A 1 7  ? 0.765  2.407  0.664  1.00 53.23 ? 9  ARG A CA   7  
ATOM   1017 C C    . ARG A 1 7  ? 1.791  1.526  -0.122 1.00 34.42 ? 9  ARG A C    7  
ATOM   1018 O O    . ARG A 1 7  ? 1.706  0.292  -0.139 1.00 75.42 ? 9  ARG A O    7  
ATOM   1019 C CB   . ARG A 1 7  ? 1.005  2.274  2.191  1.00 42.11 ? 9  ARG A CB   7  
ATOM   1020 C CG   . ARG A 1 7  ? 0.388  3.339  3.138  1.00 51.03 ? 9  ARG A CG   7  
ATOM   1021 C CD   . ARG A 1 7  ? -1.095 3.156  3.544  1.00 32.53 ? 9  ARG A CD   7  
ATOM   1022 N NE   . ARG A 1 7  ? -2.064 3.773  2.592  1.00 61.34 ? 9  ARG A NE   7  
ATOM   1023 C CZ   . ARG A 1 7  ? -2.405 5.061  2.537  1.00 21.04 ? 9  ARG A CZ   7  
ATOM   1024 N NH1  . ARG A 1 7  ? -1.911 5.976  3.332  1.00 62.52 ? 9  ARG A NH1  7  
ATOM   1025 N NH2  . ARG A 1 7  ? -3.276 5.427  1.644  1.00 5.43  ? 9  ARG A NH2  7  
ATOM   1026 H H    . ARG A 1 7  ? -0.896 0.980  0.508  1.00 0.22  ? 9  ARG A H    7  
ATOM   1027 H HA   . ARG A 1 7  ? 0.900  3.474  0.389  1.00 25.44 ? 9  ARG A HA   7  
ATOM   1028 H HB2  . ARG A 1 7  ? 0.743  1.253  2.525  1.00 0.00  ? 9  ARG A HB2  7  
ATOM   1029 H HB3  . ARG A 1 7  ? 2.100  2.324  2.350  1.00 63.23 ? 9  ARG A HB3  7  
ATOM   1030 H HG2  . ARG A 1 7  ? 0.979  3.310  4.075  1.00 0.00  ? 9  ARG A HG2  7  
ATOM   1031 H HG3  . ARG A 1 7  ? 0.574  4.356  2.741  1.00 34.21 ? 9  ARG A HG3  7  
ATOM   1032 H HD2  . ARG A 1 7  ? -1.321 2.073  3.637  1.00 0.00  ? 9  ARG A HD2  7  
ATOM   1033 H HD3  . ARG A 1 7  ? -1.262 3.538  4.571  1.00 22.22 ? 9  ARG A HD3  7  
ATOM   1034 H HE   . ARG A 1 7  ? -2.498 3.211  1.851  1.00 0.00  ? 9  ARG A HE   7  
ATOM   1035 H HH11 . ARG A 1 7  ? -1.224 5.616  3.997  1.00 0.00  ? 9  ARG A HH11 7  
ATOM   1036 H HH12 . ARG A 1 7  ? -2.222 6.942  3.217  1.00 0.00  ? 9  ARG A HH12 7  
ATOM   1037 H HH21 . ARG A 1 7  ? -3.691 4.668  1.075  1.00 0.00  ? 9  ARG A HH21 7  
ATOM   1038 H HH22 . ARG A 1 7  ? -3.526 6.415  1.599  1.00 0.00  ? 9  ARG A HH22 7  
ATOM   1039 N N    . TRP A 1 8  ? 2.774  2.174  -0.757 1.00 0.00  ? 10 TRP A N    7  
ATOM   1040 C CA   . TRP A 1 8  ? 3.797  1.484  -1.580 1.00 0.00  ? 10 TRP A CA   7  
ATOM   1041 C C    . TRP A 1 8  ? 5.016  1.000  -0.725 1.00 0.00  ? 10 TRP A C    7  
ATOM   1042 O O    . TRP A 1 8  ? 5.524  1.702  0.153  1.00 0.00  ? 10 TRP A O    7  
ATOM   1043 C CB   . TRP A 1 8  ? 4.174  2.477  -2.710 1.00 0.00  ? 10 TRP A CB   7  
ATOM   1044 C CG   . TRP A 1 8  ? 5.216  1.991  -3.719 1.00 0.00  ? 10 TRP A CG   7  
ATOM   1045 C CD1  . TRP A 1 8  ? 6.558  2.404  -3.730 1.00 0.00  ? 10 TRP A CD1  7  
ATOM   1046 C CD2  . TRP A 1 8  ? 5.098  1.069  -4.740 1.00 0.00  ? 10 TRP A CD2  7  
ATOM   1047 N NE1  . TRP A 1 8  ? 7.298  1.756  -4.741 1.00 0.00  ? 10 TRP A NE1  7  
ATOM   1048 C CE2  . TRP A 1 8  ? 6.370  0.927  -5.351 1.00 0.00  ? 10 TRP A CE2  7  
ATOM   1049 C CE3  . TRP A 1 8  ? 3.992  0.312  -5.194 1.00 0.00  ? 10 TRP A CE3  7  
ATOM   1050 C CZ2  . TRP A 1 8  ? 6.543  0.013  -6.416 1.00 0.00  ? 10 TRP A CZ2  7  
ATOM   1051 C CZ3  . TRP A 1 8  ? 4.188  -0.585 -6.246 1.00 0.00  ? 10 TRP A CZ3  7  
ATOM   1052 C CH2  . TRP A 1 8  ? 5.443  -0.734 -6.848 1.00 0.00  ? 10 TRP A CH2  7  
ATOM   1053 H H    . TRP A 1 8  ? 2.893  3.149  -0.477 1.00 0.00  ? 10 TRP A H    7  
ATOM   1054 H HA   . TRP A 1 8  ? 3.325  0.609  -2.075 1.00 0.00  ? 10 TRP A HA   7  
ATOM   1055 H HB2  . TRP A 1 8  ? 3.268  2.751  -3.280 1.00 0.00  ? 10 TRP A HB2  7  
ATOM   1056 H HB3  . TRP A 1 8  ? 4.532  3.422  -2.263 1.00 0.00  ? 10 TRP A HB3  7  
ATOM   1057 H HD1  . TRP A 1 8  ? 6.950  3.113  -3.015 1.00 0.00  ? 10 TRP A HD1  7  
ATOM   1058 H HE1  . TRP A 1 8  ? 8.286  1.884  -4.993 1.00 0.00  ? 10 TRP A HE1  7  
ATOM   1059 H HE3  . TRP A 1 8  ? 3.027  0.418  -4.724 1.00 0.00  ? 10 TRP A HE3  7  
ATOM   1060 H HZ2  . TRP A 1 8  ? 7.510  -0.108 -6.884 1.00 0.00  ? 10 TRP A HZ2  7  
ATOM   1061 H HZ3  . TRP A 1 8  ? 3.356  -1.176 -6.602 1.00 0.00  ? 10 TRP A HZ3  7  
ATOM   1062 H HH2  . TRP A 1 8  ? 5.565  -1.435 -7.661 1.00 0.00  ? 10 TRP A HH2  7  
ATOM   1063 N N    . LYS A 1 9  ? 5.488  -0.209 -1.044 1.00 74.43 ? 11 LYS A N    7  
ATOM   1064 C CA   . LYS A 1 9  ? 6.657  -0.846 -0.372 1.00 4.20  ? 11 LYS A CA   7  
ATOM   1065 C C    . LYS A 1 9  ? 8.042  -0.362 -0.910 1.00 11.04 ? 11 LYS A C    7  
ATOM   1066 O O    . LYS A 1 9  ? 8.920  0.028  -0.147 1.00 35.41 ? 11 LYS A O    7  
ATOM   1067 C CB   . LYS A 1 9  ? 6.512  -2.394 -0.474 1.00 41.10 ? 11 LYS A CB   7  
ATOM   1068 C CG   . LYS A 1 9  ? 5.316  -3.055 0.252  1.00 44.10 ? 11 LYS A CG   7  
ATOM   1069 C CD   . LYS A 1 9  ? 5.396  -3.005 1.797  1.00 33.11 ? 11 LYS A CD   7  
ATOM   1070 C CE   . LYS A 1 9  ? 4.188  -3.637 2.513  1.00 70.12 ? 11 LYS A CE   7  
ATOM   1071 N NZ   . LYS A 1 9  ? 2.983  -2.796 2.359  1.00 43.51 ? 11 LYS A NZ   7  
ATOM   1072 H H    . LYS A 1 9  ? 4.942  -0.690 -1.775 1.00 20.44 ? 11 LYS A H    7  
ATOM   1073 H HA   . LYS A 1 9  ? 6.647  -0.578 0.702  1.00 50.52 ? 11 LYS A HA   7  
ATOM   1074 H HB2  . LYS A 1 9  ? 6.466  -2.680 -1.543 1.00 0.00  ? 11 LYS A HB2  7  
ATOM   1075 H HB3  . LYS A 1 9  ? 7.440  -2.870 -0.106 1.00 63.23 ? 11 LYS A HB3  7  
ATOM   1076 H HG2  . LYS A 1 9  ? 4.373  -2.593 -0.099 1.00 0.00  ? 11 LYS A HG2  7  
ATOM   1077 H HG3  . LYS A 1 9  ? 5.247  -4.111 -0.070 1.00 60.25 ? 11 LYS A HG3  7  
ATOM   1078 H HD2  . LYS A 1 9  ? 6.312  -3.533 2.122  1.00 0.00  ? 11 LYS A HD2  7  
ATOM   1079 H HD3  . LYS A 1 9  ? 5.529  -1.965 2.149  1.00 13.13 ? 11 LYS A HD3  7  
ATOM   1080 H HE2  . LYS A 1 9  ? 4.007  -4.664 2.132  1.00 0.00  ? 11 LYS A HE2  7  
ATOM   1081 H HE3  . LYS A 1 9  ? 4.415  -3.757 3.591  1.00 35.55 ? 11 LYS A HE3  7  
ATOM   1082 H HZ1  . LYS A 1 9  ? 2.994  -1.901 1.860  1.00 44.51 ? 11 LYS A HZ1  7  
HETATM 1083 N N    . NH2 A 1 10 ? 8.326  -0.377 -2.200 1.00 24.35 ? 12 NH2 A N    7  
HETATM 1084 H HN1  . NH2 A 1 10 ? 9.216  0.073  -2.412 1.00 71.12 ? 12 NH2 A HN1  7  
HETATM 1085 H HN2  . NH2 A 1 10 ? 7.526  -0.496 -2.831 1.00 14.20 ? 12 NH2 A HN2  7  
HETATM 1086 C C    . ACE A 1 1  ? 3.388  -3.034 -2.915 1.00 1.42  ? 3  ACE A C    8  
HETATM 1087 O O    . ACE A 1 1  ? 3.802  -1.906 -2.652 1.00 25.23 ? 3  ACE A O    8  
HETATM 1088 C CH3  . ACE A 1 1  ? 4.320  -4.085 -3.481 1.00 11.32 ? 3  ACE A CH3  8  
HETATM 1089 H H1   . ACE A 1 1  ? 4.451  -4.927 -2.777 1.00 11.05 ? 3  ACE A H1   8  
HETATM 1090 H H2   . ACE A 1 1  ? 3.946  -4.485 -4.442 1.00 31.00 ? 3  ACE A H2   8  
HETATM 1091 H H3   . ACE A 1 1  ? 5.318  -3.654 -3.674 1.00 0.00  ? 3  ACE A H3   8  
HETATM 1092 N N    . NLE A 1 2  ? 2.128  -3.425 -2.732 1.00 24.32 ? 4  NLE A N    8  
HETATM 1093 C CA   . NLE A 1 2  ? 1.047  -2.509 -2.278 1.00 22.54 ? 4  NLE A CA   8  
HETATM 1094 C C    . NLE A 1 2  ? 0.440  -3.020 -0.934 1.00 51.12 ? 4  NLE A C    8  
HETATM 1095 O O    . NLE A 1 2  ? -0.127 -4.115 -0.863 1.00 4.44  ? 4  NLE A O    8  
HETATM 1096 C CB   . NLE A 1 2  ? -0.067 -2.445 -3.354 1.00 51.41 ? 4  NLE A CB   8  
HETATM 1097 C CG   . NLE A 1 2  ? 0.332  -1.904 -4.745 1.00 53.53 ? 4  NLE A CG   8  
HETATM 1098 C CD   . NLE A 1 2  ? -0.861 -1.802 -5.711 1.00 13.25 ? 4  NLE A CD   8  
HETATM 1099 C CE   . NLE A 1 2  ? -0.432 -1.297 -7.095 1.00 21.12 ? 4  NLE A CE   8  
HETATM 1100 H H    . NLE A 1 2  ? 1.910  -4.371 -3.053 1.00 73.41 ? 4  NLE A H    8  
HETATM 1101 H HA   . NLE A 1 2  ? 1.437  -1.477 -2.141 1.00 13.34 ? 4  NLE A HA   8  
HETATM 1102 H HB2  . NLE A 1 2  ? -0.889 -1.821 -2.962 1.00 12.25 ? 4  NLE A HB2  8  
HETATM 1103 H HB3  . NLE A 1 2  ? -0.512 -3.452 -3.457 1.00 64.43 ? 4  NLE A HB3  8  
HETATM 1104 H HG2  . NLE A 1 2  ? 1.113  -2.552 -5.186 1.00 24.40 ? 4  NLE A HG2  8  
HETATM 1105 H HG3  . NLE A 1 2  ? 0.799  -0.910 -4.633 1.00 61.35 ? 4  NLE A HG3  8  
HETATM 1106 H HD2  . NLE A 1 2  ? -1.628 -1.121 -5.294 1.00 34.12 ? 4  NLE A HD2  8  
HETATM 1107 H HD3  . NLE A 1 2  ? -1.356 -2.787 -5.814 1.00 2.42  ? 4  NLE A HD3  8  
HETATM 1108 H HE1  . NLE A 1 2  ? 0.293  -1.981 -7.578 1.00 35.54 ? 4  NLE A HE1  8  
HETATM 1109 H HE2  . NLE A 1 2  ? -1.298 -1.207 -7.776 1.00 13.20 ? 4  NLE A HE2  8  
HETATM 1110 H HE3  . NLE A 1 2  ? 0.042  -0.300 -7.041 1.00 14.24 ? 4  NLE A HE3  8  
ATOM   1111 N N    . ASP A 1 3  ? 0.514  -2.195 0.116  1.00 42.23 ? 5  ASP A N    8  
ATOM   1112 C CA   . ASP A 1 3  ? -0.181 -2.453 1.406  1.00 14.33 ? 5  ASP A CA   8  
ATOM   1113 C C    . ASP A 1 3  ? -1.558 -1.697 1.448  1.00 70.04 ? 5  ASP A C    8  
ATOM   1114 O O    . ASP A 1 3  ? -1.558 -0.478 1.230  1.00 71.01 ? 5  ASP A O    8  
ATOM   1115 C CB   . ASP A 1 3  ? 0.724  -1.993 2.574  1.00 73.01 ? 5  ASP A CB   8  
ATOM   1116 C CG   . ASP A 1 3  ? 1.905  -2.916 2.894  1.00 3.02  ? 5  ASP A CG   8  
ATOM   1117 O OD1  . ASP A 1 3  ? 1.721  -3.938 3.556  1.00 41.31 ? 5  ASP A OD1  8  
ATOM   1118 H H    . ASP A 1 3  ? 1.006  -1.308 -0.061 1.00 62.10 ? 5  ASP A H    8  
ATOM   1119 H HA   . ASP A 1 3  ? -0.341 -3.542 1.528  1.00 60.50 ? 5  ASP A HA   8  
ATOM   1120 H HB2  . ASP A 1 3  ? 1.054  -0.950 2.419  1.00 0.00  ? 5  ASP A HB2  8  
ATOM   1121 H HB3  . ASP A 1 3  ? 0.114  -1.954 3.491  1.00 72.20 ? 5  ASP A HB3  8  
ATOM   1122 N N    . PRO A 1 4  ? -2.736 -2.327 1.735  1.00 64.04 ? 6  PRO A N    8  
ATOM   1123 C CA   . PRO A 1 4  ? -4.054 -1.631 1.691  1.00 44.43 ? 6  PRO A CA   8  
ATOM   1124 C C    . PRO A 1 4  ? -4.315 -0.616 2.871  1.00 31.44 ? 6  PRO A C    8  
ATOM   1125 O O    . PRO A 1 4  ? -3.881 -0.896 3.996  1.00 1.02  ? 6  PRO A O    8  
ATOM   1126 C CB   . PRO A 1 4  ? -5.029 -2.825 1.681  1.00 53.11 ? 6  PRO A CB   8  
ATOM   1127 C CG   . PRO A 1 4  ? -4.309 -3.939 2.446  1.00 4.15  ? 6  PRO A CG   8  
ATOM   1128 C CD   . PRO A 1 4  ? -2.837 -3.759 2.079  1.00 41.55 ? 6  PRO A CD   8  
ATOM   1129 H HA   . PRO A 1 4  ? -4.135 -1.108 0.720  1.00 15.04 ? 6  PRO A HA   8  
ATOM   1130 H HB2  . PRO A 1 4  ? -6.022 -2.588 2.112  1.00 0.00  ? 6  PRO A HB2  8  
ATOM   1131 H HB3  . PRO A 1 4  ? -5.214 -3.149 0.638  1.00 62.32 ? 6  PRO A HB3  8  
ATOM   1132 H HG2  . PRO A 1 4  ? -4.448 -3.797 3.537  1.00 0.00  ? 6  PRO A HG2  8  
ATOM   1133 H HG3  . PRO A 1 4  ? -4.691 -4.948 2.199  1.00 31.02 ? 6  PRO A HG3  8  
ATOM   1134 H HD2  . PRO A 1 4  ? -2.175 -4.030 2.927  1.00 0.00  ? 6  PRO A HD2  8  
ATOM   1135 H HD3  . PRO A 1 4  ? -2.554 -4.384 1.210  1.00 72.34 ? 6  PRO A HD3  8  
ATOM   1136 N N    . PRO A 1 5  ? -4.995 0.558  2.689  1.00 22.14 ? 7  PRO A N    8  
ATOM   1137 C CA   . PRO A 1 5  ? -5.685 0.959  1.421  1.00 10.30 ? 7  PRO A CA   8  
ATOM   1138 C C    . PRO A 1 5  ? -4.851 1.557  0.233  1.00 31.43 ? 7  PRO A C    8  
ATOM   1139 O O    . PRO A 1 5  ? -5.435 1.867  -0.808 1.00 11.54 ? 7  PRO A O    8  
ATOM   1140 C CB   . PRO A 1 5  ? -6.723 1.965  1.968  1.00 73.35 ? 7  PRO A CB   8  
ATOM   1141 C CG   . PRO A 1 5  ? -6.052 2.618  3.178  1.00 73.14 ? 7  PRO A CG   8  
ATOM   1142 C CD   . PRO A 1 5  ? -5.276 1.471  3.819  1.00 50.35 ? 7  PRO A CD   8  
ATOM   1143 H HA   . PRO A 1 5  ? -6.241 0.098  1.002  1.00 70.33 ? 7  PRO A HA   8  
ATOM   1144 H HB2  . PRO A 1 5  ? -7.062 2.706  1.219  1.00 0.00  ? 7  PRO A HB2  8  
ATOM   1145 H HB3  . PRO A 1 5  ? -7.635 1.425  2.293  1.00 33.33 ? 7  PRO A HB3  8  
ATOM   1146 H HG2  . PRO A 1 5  ? -5.357 3.415  2.847  1.00 0.00  ? 7  PRO A HG2  8  
ATOM   1147 H HG3  . PRO A 1 5  ? -6.778 3.084  3.872  1.00 23.41 ? 7  PRO A HG3  8  
ATOM   1148 H HD2  . PRO A 1 5  ? -4.348 1.819  4.314  1.00 0.00  ? 7  PRO A HD2  8  
ATOM   1149 H HD3  . PRO A 1 5  ? -5.886 0.955  4.587  1.00 41.43 ? 7  PRO A HD3  8  
HETATM 1150 N N    . DPN A 1 6  ? -3.517 1.684  0.346  1.00 0.00  ? 8  DPN A N    8  
HETATM 1151 C CA   . DPN A 1 6  ? -2.636 2.144  -0.767 1.00 0.00  ? 8  DPN A CA   8  
HETATM 1152 C C    . DPN A 1 6  ? -1.348 2.835  -0.218 1.00 0.00  ? 8  DPN A C    8  
HETATM 1153 O O    . DPN A 1 6  ? -1.149 4.037  -0.420 1.00 0.00  ? 8  DPN A O    8  
HETATM 1154 C CB   . DPN A 1 6  ? -2.337 0.958  -1.742 1.00 0.00  ? 8  DPN A CB   8  
HETATM 1155 C CG   . DPN A 1 6  ? -1.759 1.379  -3.103 1.00 0.00  ? 8  DPN A CG   8  
HETATM 1156 C CD1  . DPN A 1 6  ? -2.621 1.684  -4.162 1.00 0.00  ? 8  DPN A CD1  8  
HETATM 1157 C CD2  . DPN A 1 6  ? -0.377 1.496  -3.286 1.00 0.00  ? 8  DPN A CD2  8  
HETATM 1158 C CE1  . DPN A 1 6  ? -2.106 2.105  -5.385 1.00 0.00  ? 8  DPN A CE1  8  
HETATM 1159 C CE2  . DPN A 1 6  ? 0.135  1.927  -4.507 1.00 0.00  ? 8  DPN A CE2  8  
HETATM 1160 C CZ   . DPN A 1 6  ? -0.729 2.230  -5.556 1.00 0.00  ? 8  DPN A CZ   8  
HETATM 1161 H H    . DPN A 1 6  ? -3.145 1.283  1.215  1.00 0.00  ? 8  DPN A H    8  
HETATM 1162 H HA   . DPN A 1 6  ? -3.176 2.926  -1.337 1.00 0.00  ? 8  DPN A HA   8  
HETATM 1163 H HB2  . DPN A 1 6  ? -3.257 0.374  -1.902 1.00 0.00  ? 8  DPN A HB2  8  
HETATM 1164 H HB3  . DPN A 1 6  ? -1.666 0.219  -1.263 1.00 0.00  ? 8  DPN A HB3  8  
HETATM 1165 H HD1  . DPN A 1 6  ? -3.692 1.606  -4.036 1.00 0.00  ? 8  DPN A HD1  8  
HETATM 1166 H HD2  . DPN A 1 6  ? 0.304  1.261  -2.481 1.00 0.00  ? 8  DPN A HD2  8  
HETATM 1167 H HE1  . DPN A 1 6  ? -2.777 2.339  -6.199 1.00 0.00  ? 8  DPN A HE1  8  
HETATM 1168 H HE2  . DPN A 1 6  ? 1.200  2.025  -4.642 1.00 0.00  ? 8  DPN A HE2  8  
HETATM 1169 H HZ   . DPN A 1 6  ? -0.331 2.561  -6.505 1.00 0.00  ? 8  DPN A HZ   8  
ATOM   1170 N N    . ARG A 1 7  ? -0.457 2.062  0.427  1.00 61.01 ? 9  ARG A N    8  
ATOM   1171 C CA   . ARG A 1 7  ? 0.933  2.483  0.730  1.00 53.23 ? 9  ARG A CA   8  
ATOM   1172 C C    . ARG A 1 7  ? 1.921  1.560  -0.051 1.00 34.42 ? 9  ARG A C    8  
ATOM   1173 O O    . ARG A 1 7  ? 1.823  0.328  -0.017 1.00 75.42 ? 9  ARG A O    8  
ATOM   1174 C CB   . ARG A 1 7  ? 1.189  2.417  2.260  1.00 42.11 ? 9  ARG A CB   8  
ATOM   1175 C CG   . ARG A 1 7  ? 0.282  3.255  3.200  1.00 51.03 ? 9  ARG A CG   8  
ATOM   1176 C CD   . ARG A 1 7  ? 0.258  4.766  2.898  1.00 32.53 ? 9  ARG A CD   8  
ATOM   1177 N NE   . ARG A 1 7  ? -0.614 5.460  3.886  1.00 61.34 ? 9  ARG A NE   8  
ATOM   1178 C CZ   . ARG A 1 7  ? -1.085 6.701  3.758  1.00 21.04 ? 9  ARG A CZ   8  
ATOM   1179 N NH1  . ARG A 1 7  ? -0.840 7.470  2.727  1.00 62.52 ? 9  ARG A NH1  8  
ATOM   1180 N NH2  . ARG A 1 7  ? -1.835 7.175  4.712  1.00 5.43  ? 9  ARG A NH2  8  
ATOM   1181 H H    . ARG A 1 7  ? -0.772 1.091  0.571  1.00 0.22  ? 9  ARG A H    8  
ATOM   1182 H HA   . ARG A 1 7  ? 1.097  3.531  0.410  1.00 25.44 ? 9  ARG A HA   8  
ATOM   1183 H HB2  . ARG A 1 7  ? 1.133  1.359  2.573  1.00 0.00  ? 9  ARG A HB2  8  
ATOM   1184 H HB3  . ARG A 1 7  ? 2.243  2.698  2.434  1.00 63.23 ? 9  ARG A HB3  8  
ATOM   1185 H HG2  . ARG A 1 7  ? -0.749 2.850  3.151  1.00 0.00  ? 9  ARG A HG2  8  
ATOM   1186 H HG3  . ARG A 1 7  ? 0.610  3.082  4.244  1.00 34.21 ? 9  ARG A HG3  8  
ATOM   1187 H HD2  . ARG A 1 7  ? 1.287  5.179  2.928  1.00 0.00  ? 9  ARG A HD2  8  
ATOM   1188 H HD3  . ARG A 1 7  ? -0.116 4.918  1.864  1.00 22.22 ? 9  ARG A HD3  8  
ATOM   1189 H HE   . ARG A 1 7  ? -0.899 4.988  4.748  1.00 0.00  ? 9  ARG A HE   8  
ATOM   1190 H HH11 . ARG A 1 7  ? -0.256 7.035  2.011  1.00 0.00  ? 9  ARG A HH11 8  
ATOM   1191 H HH12 . ARG A 1 7  ? -1.247 8.408  2.704  1.00 0.00  ? 9  ARG A HH12 8  
ATOM   1192 H HH21 . ARG A 1 7  ? -2.014 6.564  5.510  1.00 0.00  ? 9  ARG A HH21 8  
ATOM   1193 H HH22 . ARG A 1 7  ? -2.186 8.129  4.598  1.00 0.00  ? 9  ARG A HH22 8  
ATOM   1194 N N    . TRP A 1 8  ? 2.870  2.168  -0.773 1.00 0.00  ? 10 TRP A N    8  
ATOM   1195 C CA   . TRP A 1 8  ? 3.827  1.434  -1.637 1.00 0.00  ? 10 TRP A CA   8  
ATOM   1196 C C    . TRP A 1 8  ? 5.109  0.997  -0.856 1.00 0.00  ? 10 TRP A C    8  
ATOM   1197 O O    . TRP A 1 8  ? 5.688  1.752  -0.069 1.00 0.00  ? 10 TRP A O    8  
ATOM   1198 C CB   . TRP A 1 8  ? 4.116  2.365  -2.841 1.00 0.00  ? 10 TRP A CB   8  
ATOM   1199 C CG   . TRP A 1 8  ? 5.062  1.806  -3.907 1.00 0.00  ? 10 TRP A CG   8  
ATOM   1200 C CD1  . TRP A 1 8  ? 6.404  2.191  -4.052 1.00 0.00  ? 10 TRP A CD1  8  
ATOM   1201 C CD2  . TRP A 1 8  ? 4.842  0.835  -4.862 1.00 0.00  ? 10 TRP A CD2  8  
ATOM   1202 N NE1  . TRP A 1 8  ? 7.046  1.474  -5.084 1.00 0.00  ? 10 TRP A NE1  8  
ATOM   1203 C CE2  . TRP A 1 8  ? 6.053  0.636  -5.570 1.00 0.00  ? 10 TRP A CE2  8  
ATOM   1204 C CE3  . TRP A 1 8  ? 3.691  0.074  -5.177 1.00 0.00  ? 10 TRP A CE3  8  
ATOM   1205 C CZ2  . TRP A 1 8  ? 6.121  -0.332 -6.599 1.00 0.00  ? 10 TRP A CZ2  8  
ATOM   1206 C CZ3  . TRP A 1 8  ? 3.780  -0.874 -6.198 1.00 0.00  ? 10 TRP A CZ3  8  
ATOM   1207 C CH2  . TRP A 1 8  ? 4.976  -1.075 -6.899 1.00 0.00  ? 10 TRP A CH2  8  
ATOM   1208 H H    . TRP A 1 8  ? 3.004  3.160  -0.569 1.00 0.00  ? 10 TRP A H    8  
ATOM   1209 H HA   . TRP A 1 8  ? 3.319  0.534  -2.047 1.00 0.00  ? 10 TRP A HA   8  
ATOM   1210 H HB2  . TRP A 1 8  ? 3.169  2.627  -3.344 1.00 0.00  ? 10 TRP A HB2  8  
ATOM   1211 H HB3  . TRP A 1 8  ? 4.525  3.322  -2.473 1.00 0.00  ? 10 TRP A HB3  8  
ATOM   1212 H HD1  . TRP A 1 8  ? 6.865  2.927  -3.410 1.00 0.00  ? 10 TRP A HD1  8  
ATOM   1213 H HE1  . TRP A 1 8  ? 8.011  1.569  -5.423 1.00 0.00  ? 10 TRP A HE1  8  
ATOM   1214 H HE3  . TRP A 1 8  ? 2.778  0.215  -4.622 1.00 0.00  ? 10 TRP A HE3  8  
ATOM   1215 H HZ2  . TRP A 1 8  ? 7.041  -0.494 -7.141 1.00 0.00  ? 10 TRP A HZ2  8  
ATOM   1216 H HZ3  . TRP A 1 8  ? 2.911  -1.465 -6.451 1.00 0.00  ? 10 TRP A HZ3  8  
ATOM   1217 H HH2  . TRP A 1 8  ? 5.015  -1.818 -7.682 1.00 0.00  ? 10 TRP A HH2  8  
ATOM   1218 N N    . LYS A 1 9  ? 5.554  -0.231 -1.138 1.00 74.43 ? 11 LYS A N    8  
ATOM   1219 C CA   . LYS A 1 9  ? 6.754  -0.839 -0.496 1.00 4.20  ? 11 LYS A CA   8  
ATOM   1220 C C    . LYS A 1 9  ? 8.124  -0.409 -1.117 1.00 11.04 ? 11 LYS A C    8  
ATOM   1221 O O    . LYS A 1 9  ? 9.058  -0.056 -0.405 1.00 35.41 ? 11 LYS A O    8  
ATOM   1222 C CB   . LYS A 1 9  ? 6.588  -2.387 -0.490 1.00 41.10 ? 11 LYS A CB   8  
ATOM   1223 C CG   . LYS A 1 9  ? 5.408  -2.984 0.314  1.00 44.10 ? 11 LYS A CG   8  
ATOM   1224 C CD   . LYS A 1 9  ? 5.506  -2.790 1.845  1.00 33.11 ? 11 LYS A CD   8  
ATOM   1225 C CE   . LYS A 1 9  ? 4.313  -3.359 2.636  1.00 70.12 ? 11 LYS A CE   8  
ATOM   1226 N NZ   . LYS A 1 9  ? 3.097  -2.544 2.426  1.00 43.51 ? 11 LYS A NZ   8  
ATOM   1227 H H    . LYS A 1 9  ? 4.920  -0.764 -1.755 1.00 20.44 ? 11 LYS A H    8  
ATOM   1228 H HA   . LYS A 1 9  ? 6.801  -0.509 0.561  1.00 50.52 ? 11 LYS A HA   8  
ATOM   1229 H HB2  . LYS A 1 9  ? 6.506  -2.742 -1.537 1.00 0.00  ? 11 LYS A HB2  8  
ATOM   1230 H HB3  . LYS A 1 9  ? 7.521  -2.849 -0.120 1.00 63.23 ? 11 LYS A HB3  8  
ATOM   1231 H HG2  . LYS A 1 9  ? 4.455  -2.563 -0.062 1.00 0.00  ? 11 LYS A HG2  8  
ATOM   1232 H HG3  . LYS A 1 9  ? 5.340  -4.067 0.092  1.00 60.25 ? 11 LYS A HG3  8  
ATOM   1233 H HD2  . LYS A 1 9  ? 6.432  -3.279 2.206  1.00 0.00  ? 11 LYS A HD2  8  
ATOM   1234 H HD3  . LYS A 1 9  ? 5.635  -1.720 2.097  1.00 13.13 ? 11 LYS A HD3  8  
ATOM   1235 H HE2  . LYS A 1 9  ? 4.132  -4.417 2.354  1.00 0.00  ? 11 LYS A HE2  8  
ATOM   1236 H HE3  . LYS A 1 9  ? 4.559  -3.378 3.716  1.00 35.55 ? 11 LYS A HE3  8  
ATOM   1237 H HZ1  . LYS A 1 9  ? 3.081  -1.714 1.826  1.00 44.51 ? 11 LYS A HZ1  8  
HETATM 1238 N N    . NH2 A 1 10 ? 8.341  -0.437 -2.420 1.00 24.35 ? 12 NH2 A N    8  
HETATM 1239 H HN1  . NH2 A 1 10 ? 7.510  -0.529 -3.014 1.00 71.12 ? 12 NH2 A HN1  8  
HETATM 1240 H HN2  . NH2 A 1 10 ? 9.257  -0.059 -2.681 1.00 14.20 ? 12 NH2 A HN2  8  
HETATM 1241 C C    . ACE A 1 1  ? 3.585  -2.834 -2.481 1.00 1.42  ? 3  ACE A C    9  
HETATM 1242 O O    . ACE A 1 1  ? 3.779  -2.121 -1.498 1.00 25.23 ? 3  ACE A O    9  
HETATM 1243 C CH3  . ACE A 1 1  ? 4.725  -3.599 -3.123 1.00 11.32 ? 3  ACE A CH3  9  
HETATM 1244 H H1   . ACE A 1 1  ? 4.968  -3.189 -4.119 1.00 11.05 ? 3  ACE A H1   9  
HETATM 1245 H H2   . ACE A 1 1  ? 5.636  -3.527 -2.505 1.00 31.00 ? 3  ACE A H2   9  
HETATM 1246 H H3   . ACE A 1 1  ? 4.487  -4.674 -3.233 1.00 0.00  ? 3  ACE A H3   9  
HETATM 1247 N N    . NLE A 1 2  ? 2.392  -2.978 -3.055 1.00 24.32 ? 4  NLE A N    9  
HETATM 1248 C CA   . NLE A 1 2  ? 1.180  -2.262 -2.587 1.00 22.54 ? 4  NLE A CA   9  
HETATM 1249 C C    . NLE A 1 2  ? 0.496  -2.925 -1.352 1.00 51.12 ? 4  NLE A C    9  
HETATM 1250 O O    . NLE A 1 2  ? -0.041 -4.035 -1.425 1.00 4.44  ? 4  NLE A O    9  
HETATM 1251 C CB   . NLE A 1 2  ? 0.209  -2.043 -3.771 1.00 51.41 ? 4  NLE A CB   9  
HETATM 1252 C CG   . NLE A 1 2  ? -0.348 -3.271 -4.538 1.00 53.53 ? 4  NLE A CG   9  
HETATM 1253 C CD   . NLE A 1 2  ? -1.256 -2.892 -5.723 1.00 13.25 ? 4  NLE A CD   9  
HETATM 1254 C CE   . NLE A 1 2  ? -2.633 -2.349 -5.313 1.00 21.12 ? 4  NLE A CE   9  
HETATM 1255 H H    . NLE A 1 2  ? 2.372  -3.566 -3.889 1.00 73.41 ? 4  NLE A H    9  
HETATM 1256 H HA   . NLE A 1 2  ? 1.492  -1.235 -2.302 1.00 13.34 ? 4  NLE A HA   9  
HETATM 1257 H HB2  . NLE A 1 2  ? 0.702  -1.362 -4.483 1.00 12.25 ? 4  NLE A HB2  9  
HETATM 1258 H HB3  . NLE A 1 2  ? -0.647 -1.464 -3.392 1.00 64.43 ? 4  NLE A HB3  9  
HETATM 1259 H HG2  . NLE A 1 2  ? -0.892 -3.944 -3.848 1.00 24.40 ? 4  NLE A HG2  9  
HETATM 1260 H HG3  . NLE A 1 2  ? 0.493  -3.877 -4.923 1.00 61.35 ? 4  NLE A HG3  9  
HETATM 1261 H HD2  . NLE A 1 2  ? -1.404 -3.789 -6.352 1.00 34.12 ? 4  NLE A HD2  9  
HETATM 1262 H HD3  . NLE A 1 2  ? -0.741 -2.159 -6.373 1.00 2.42  ? 4  NLE A HD3  9  
HETATM 1263 H HE1  . NLE A 1 2  ? -3.189 -3.069 -4.683 1.00 35.54 ? 4  NLE A HE1  9  
HETATM 1264 H HE2  . NLE A 1 2  ? -2.555 -1.404 -4.747 1.00 13.20 ? 4  NLE A HE2  9  
HETATM 1265 H HE3  . NLE A 1 2  ? -3.261 -2.138 -6.199 1.00 14.24 ? 4  NLE A HE3  9  
ATOM   1266 N N    . ASP A 1 3  ? 0.507  -2.206 -0.223 1.00 42.23 ? 5  ASP A N    9  
ATOM   1267 C CA   . ASP A 1 3  ? -0.164 -2.627 1.030  1.00 14.33 ? 5  ASP A CA   9  
ATOM   1268 C C    . ASP A 1 3  ? -1.487 -1.812 1.306  1.00 70.04 ? 5  ASP A C    9  
ATOM   1269 O O    . ASP A 1 3  ? -1.477 -0.590 1.107  1.00 71.01 ? 5  ASP A O    9  
ATOM   1270 C CB   . ASP A 1 3  ? 0.890  -2.630 2.167  1.00 73.01 ? 5  ASP A CB   9  
ATOM   1271 C CG   . ASP A 1 3  ? 1.451  -1.306 2.722  1.00 3.02  ? 5  ASP A CG   9  
ATOM   1272 O OD1  . ASP A 1 3  ? 0.692  -0.436 3.151  1.00 41.31 ? 5  ASP A OD1  9  
ATOM   1273 H H    . ASP A 1 3  ? 1.040  -1.328 -0.279 1.00 62.10 ? 5  ASP A H    9  
ATOM   1274 H HA   . ASP A 1 3  ? -0.450 -3.690 0.922  1.00 60.50 ? 5  ASP A HA   9  
ATOM   1275 H HB2  . ASP A 1 3  ? 0.430  -3.135 3.027  1.00 0.00  ? 5  ASP A HB2  9  
ATOM   1276 H HB3  . ASP A 1 3  ? 1.715  -3.304 1.864  1.00 72.20 ? 5  ASP A HB3  9  
ATOM   1277 N N    . PRO A 1 4  ? -2.638 -2.413 1.742  1.00 64.04 ? 6  PRO A N    9  
ATOM   1278 C CA   . PRO A 1 4  ? -3.927 -1.676 1.888  1.00 44.43 ? 6  PRO A CA   9  
ATOM   1279 C C    . PRO A 1 4  ? -3.998 -0.664 3.095  1.00 31.44 ? 6  PRO A C    9  
ATOM   1280 O O    . PRO A 1 4  ? -3.418 -0.958 4.148  1.00 1.02  ? 6  PRO A O    9  
ATOM   1281 C CB   . PRO A 1 4  ? -4.942 -2.831 2.001  1.00 53.11 ? 6  PRO A CB   9  
ATOM   1282 C CG   . PRO A 1 4  ? -4.161 -3.985 2.634  1.00 4.15  ? 6  PRO A CG   9  
ATOM   1283 C CD   . PRO A 1 4  ? -2.764 -3.857 2.030  1.00 41.55 ? 6  PRO A CD   9  
ATOM   1284 H HA   . PRO A 1 4  ? -4.120 -1.139 0.940  1.00 15.04 ? 6  PRO A HA   9  
ATOM   1285 H HB2  . PRO A 1 4  ? -5.849 -2.567 2.579  1.00 0.00  ? 6  PRO A HB2  9  
ATOM   1286 H HB3  . PRO A 1 4  ? -5.293 -3.124 0.992  1.00 62.32 ? 6  PRO A HB3  9  
ATOM   1287 H HG2  . PRO A 1 4  ? -4.114 -3.853 3.733  1.00 0.00  ? 6  PRO A HG2  9  
ATOM   1288 H HG3  . PRO A 1 4  ? -4.622 -4.972 2.443  1.00 31.02 ? 6  PRO A HG3  9  
ATOM   1289 H HD2  . PRO A 1 4  ? -1.989 -4.221 2.734  1.00 0.00  ? 6  PRO A HD2  9  
ATOM   1290 H HD3  . PRO A 1 4  ? -2.684 -4.449 1.095  1.00 72.34 ? 6  PRO A HD3  9  
ATOM   1291 N N    . PRO A 1 5  ? -4.682 0.520  3.012  1.00 22.14 ? 7  PRO A N    9  
ATOM   1292 C CA   . PRO A 1 5  ? -5.552 0.928  1.863  1.00 10.30 ? 7  PRO A CA   9  
ATOM   1293 C C    . PRO A 1 5  ? -4.899 1.480  0.545  1.00 31.43 ? 7  PRO A C    9  
ATOM   1294 O O    . PRO A 1 5  ? -5.626 1.722  -0.423 1.00 11.54 ? 7  PRO A O    9  
ATOM   1295 C CB   . PRO A 1 5  ? -6.461 1.972  2.545  1.00 73.35 ? 7  PRO A CB   9  
ATOM   1296 C CG   . PRO A 1 5  ? -5.594 2.612  3.632  1.00 73.14 ? 7  PRO A CG   9  
ATOM   1297 C CD   . PRO A 1 5  ? -4.764 1.444  4.163  1.00 50.35 ? 7  PRO A CD   9  
ATOM   1298 H HA   . PRO A 1 5  ? -6.191 0.078  1.553  1.00 70.33 ? 7  PRO A HA   9  
ATOM   1299 H HB2  . PRO A 1 5  ? -6.882 2.720  1.846  1.00 0.00  ? 7  PRO A HB2  9  
ATOM   1300 H HB3  . PRO A 1 5  ? -7.332 1.469  3.010  1.00 33.33 ? 7  PRO A HB3  9  
ATOM   1301 H HG2  . PRO A 1 5  ? -4.933 3.383  3.191  1.00 0.00  ? 7  PRO A HG2  9  
ATOM   1302 H HG3  . PRO A 1 5  ? -6.189 3.105  4.422  1.00 23.41 ? 7  PRO A HG3  9  
ATOM   1303 H HD2  . PRO A 1 5  ? -3.764 1.770  4.510  1.00 0.00  ? 7  PRO A HD2  9  
ATOM   1304 H HD3  . PRO A 1 5  ? -5.267 0.952  5.019  1.00 41.43 ? 7  PRO A HD3  9  
HETATM 1305 N N    . DPN A 1 6  ? -3.569 1.643  0.479  1.00 0.00  ? 8  DPN A N    9  
HETATM 1306 C CA   . DPN A 1 6  ? -2.852 2.096  -0.747 1.00 0.00  ? 8  DPN A CA   9  
HETATM 1307 C C    . DPN A 1 6  ? -1.550 2.870  -0.369 1.00 0.00  ? 8  DPN A C    9  
HETATM 1308 O O    . DPN A 1 6  ? -1.443 4.070  -0.638 1.00 0.00  ? 8  DPN A O    9  
HETATM 1309 C CB   . DPN A 1 6  ? -2.604 0.886  -1.703 1.00 0.00  ? 8  DPN A CB   9  
HETATM 1310 C CG   . DPN A 1 6  ? -2.120 1.249  -3.117 1.00 0.00  ? 8  DPN A CG   9  
HETATM 1311 C CD1  . DPN A 1 6  ? -0.751 1.343  -3.395 1.00 0.00  ? 8  DPN A CD1  9  
HETATM 1312 C CD2  . DPN A 1 6  ? -3.044 1.469  -4.143 1.00 0.00  ? 8  DPN A CD2  9  
HETATM 1313 C CE1  . DPN A 1 6  ? -0.314 1.647  -4.682 1.00 0.00  ? 8  DPN A CE1  9  
HETATM 1314 C CE2  . DPN A 1 6  ? -2.605 1.771  -5.431 1.00 0.00  ? 8  DPN A CE2  9  
HETATM 1315 C CZ   . DPN A 1 6  ? -1.241 1.857  -5.699 1.00 0.00  ? 8  DPN A CZ   9  
HETATM 1316 H H    . DPN A 1 6  ? -3.076 1.309  1.317  1.00 0.00  ? 8  DPN A H    9  
HETATM 1317 H HA   . DPN A 1 6  ? -3.492 2.826  -1.283 1.00 0.00  ? 8  DPN A HA   9  
HETATM 1318 H HB2  . DPN A 1 6  ? -3.528 0.289  -1.776 1.00 0.00  ? 8  DPN A HB2  9  
HETATM 1319 H HB3  . DPN A 1 6  ? -1.895 0.171  -1.245 1.00 0.00  ? 8  DPN A HB3  9  
HETATM 1320 H HD1  . DPN A 1 6  ? -0.023 1.171  -2.617 1.00 0.00  ? 8  DPN A HD1  9  
HETATM 1321 H HD2  . DPN A 1 6  ? -4.105 1.402  -3.947 1.00 0.00  ? 8  DPN A HD2  9  
HETATM 1322 H HE1  . DPN A 1 6  ? 0.744  1.716  -4.891 1.00 0.00  ? 8  DPN A HE1  9  
HETATM 1323 H HE2  . DPN A 1 6  ? -3.323 1.935  -6.221 1.00 0.00  ? 8  DPN A HE2  9  
HETATM 1324 H HZ   . DPN A 1 6  ? -0.902 2.091  -6.698 1.00 0.00  ? 8  DPN A HZ   9  
ATOM   1325 N N    . ARG A 1 7  ? -0.550 2.172  0.196  1.00 61.01 ? 9  ARG A N    9  
ATOM   1326 C CA   . ARG A 1 7  ? 0.844  2.678  0.295  1.00 53.23 ? 9  ARG A CA   9  
ATOM   1327 C C    . ARG A 1 7  ? 1.813  1.675  -0.404 1.00 34.42 ? 9  ARG A C    9  
ATOM   1328 O O    . ARG A 1 7  ? 1.695  0.451  -0.292 1.00 75.42 ? 9  ARG A O    9  
ATOM   1329 C CB   . ARG A 1 7  ? 1.183  2.925  1.784  1.00 42.11 ? 9  ARG A CB   9  
ATOM   1330 C CG   . ARG A 1 7  ? 2.528  3.652  2.059  1.00 51.03 ? 9  ARG A CG   9  
ATOM   1331 C CD   . ARG A 1 7  ? 2.785  3.969  3.546  1.00 32.53 ? 9  ARG A CD   9  
ATOM   1332 N NE   . ARG A 1 7  ? 1.910  5.081  4.015  1.00 61.34 ? 9  ARG A NE   9  
ATOM   1333 C CZ   . ARG A 1 7  ? 1.859  5.552  5.261  1.00 21.04 ? 9  ARG A CZ   9  
ATOM   1334 N NH1  . ARG A 1 7  ? 2.605  5.100  6.239  1.00 62.52 ? 9  ARG A NH1  9  
ATOM   1335 N NH2  . ARG A 1 7  ? 1.023  6.514  5.522  1.00 5.43  ? 9  ARG A NH2  9  
ATOM   1336 H H    . ARG A 1 7  ? -0.790 1.178  0.341  1.00 0.22  ? 9  ARG A H    9  
ATOM   1337 H HA   . ARG A 1 7  ? 0.917  3.658  -0.223 1.00 25.44 ? 9  ARG A HA   9  
ATOM   1338 H HB2  . ARG A 1 7  ? 0.368  3.532  2.214  1.00 0.00  ? 9  ARG A HB2  9  
ATOM   1339 H HB3  . ARG A 1 7  ? 1.159  1.961  2.322  1.00 63.23 ? 9  ARG A HB3  9  
ATOM   1340 H HG2  . ARG A 1 7  ? 3.357  3.016  1.693  1.00 0.00  ? 9  ARG A HG2  9  
ATOM   1341 H HG3  . ARG A 1 7  ? 2.599  4.577  1.454  1.00 34.21 ? 9  ARG A HG3  9  
ATOM   1342 H HD2  . ARG A 1 7  ? 2.636  3.055  4.156  1.00 0.00  ? 9  ARG A HD2  9  
ATOM   1343 H HD3  . ARG A 1 7  ? 3.852  4.250  3.670  1.00 22.22 ? 9  ARG A HD3  9  
ATOM   1344 H HE   . ARG A 1 7  ? 1.260  5.533  3.366  1.00 0.00  ? 9  ARG A HE   9  
ATOM   1345 H HH11 . ARG A 1 7  ? 3.240  4.347  5.966  1.00 0.00  ? 9  ARG A HH11 9  
ATOM   1346 H HH12 . ARG A 1 7  ? 2.503  5.516  7.166  1.00 0.00  ? 9  ARG A HH12 9  
ATOM   1347 H HH21 . ARG A 1 7  ? 0.450  6.854  4.748  1.00 0.00  ? 9  ARG A HH21 9  
ATOM   1348 H HH22 . ARG A 1 7  ? 0.998  6.862  6.484  1.00 0.00  ? 9  ARG A HH22 9  
ATOM   1349 N N    . TRP A 1 8  ? 2.783  2.233  -1.138 1.00 0.00  ? 10 TRP A N    9  
ATOM   1350 C CA   . TRP A 1 8  ? 3.793  1.439  -1.880 1.00 0.00  ? 10 TRP A CA   9  
ATOM   1351 C C    . TRP A 1 8  ? 5.097  1.272  -1.040 1.00 0.00  ? 10 TRP A C    9  
ATOM   1352 O O    . TRP A 1 8  ? 5.714  2.238  -0.578 1.00 0.00  ? 10 TRP A O    9  
ATOM   1353 C CB   . TRP A 1 8  ? 4.026  2.139  -3.237 1.00 0.00  ? 10 TRP A CB   9  
ATOM   1354 C CG   . TRP A 1 8  ? 4.953  1.383  -4.188 1.00 0.00  ? 10 TRP A CG   9  
ATOM   1355 C CD1  . TRP A 1 8  ? 6.330  1.614  -4.307 1.00 0.00  ? 10 TRP A CD1  9  
ATOM   1356 C CD2  . TRP A 1 8  ? 4.672  0.328  -5.029 1.00 0.00  ? 10 TRP A CD2  9  
ATOM   1357 N NE1  . TRP A 1 8  ? 6.936  0.719  -5.212 1.00 0.00  ? 10 TRP A NE1  9  
ATOM   1358 C CE2  . TRP A 1 8  ? 5.881  -0.072 -5.648 1.00 0.00  ? 10 TRP A CE2  9  
ATOM   1359 C CE3  . TRP A 1 8  ? 3.461  -0.350 -5.305 1.00 0.00  ? 10 TRP A CE3  9  
ATOM   1360 C CZ2  . TRP A 1 8  ? 5.884  -1.155 -6.558 1.00 0.00  ? 10 TRP A CZ2  9  
ATOM   1361 C CZ3  . TRP A 1 8  ? 3.485  -1.411 -6.211 1.00 0.00  ? 10 TRP A CZ3  9  
ATOM   1362 C CH2  . TRP A 1 8  ? 4.678  -1.809 -6.829 1.00 0.00  ? 10 TRP A CH2  9  
ATOM   1363 H H    . TRP A 1 8  ? 2.890  3.239  -0.987 1.00 0.00  ? 10 TRP A H    9  
ATOM   1364 H HA   . TRP A 1 8  ? 3.365  0.442  -2.121 1.00 0.00  ? 10 TRP A HA   9  
ATOM   1365 H HB2  . TRP A 1 8  ? 3.061  2.282  -3.746 1.00 0.00  ? 10 TRP A HB2  9  
ATOM   1366 H HB3  . TRP A 1 8  ? 4.428  3.152  -3.062 1.00 0.00  ? 10 TRP A HB3  9  
ATOM   1367 H HD1  . TRP A 1 8  ? 6.832  2.373  -3.724 1.00 0.00  ? 10 TRP A HD1  9  
ATOM   1368 H HE1  . TRP A 1 8  ? 7.920  0.664  -5.499 1.00 0.00  ? 10 TRP A HE1  9  
ATOM   1369 H HE3  . TRP A 1 8  ? 2.549  -0.053 -4.809 1.00 0.00  ? 10 TRP A HE3  9  
ATOM   1370 H HZ2  . TRP A 1 8  ? 6.801  -1.470 -7.035 1.00 0.00  ? 10 TRP A HZ2  9  
ATOM   1371 H HZ3  . TRP A 1 8  ? 2.568  -1.939 -6.434 1.00 0.00  ? 10 TRP A HZ3  9  
ATOM   1372 H HH2  . TRP A 1 8  ? 4.667  -2.636 -7.524 1.00 0.00  ? 10 TRP A HH2  9  
ATOM   1373 N N    . LYS A 1 9  ? 5.496  0.012  -0.885 1.00 74.43 ? 11 LYS A N    9  
ATOM   1374 C CA   . LYS A 1 9  ? 6.642  -0.406 -0.039 1.00 4.20  ? 11 LYS A CA   9  
ATOM   1375 C C    . LYS A 1 9  ? 7.473  -1.487 -0.796 1.00 11.04 ? 11 LYS A C    9  
ATOM   1376 O O    . LYS A 1 9  ? 7.325  -2.695 -0.624 1.00 35.41 ? 11 LYS A O    9  
ATOM   1377 C CB   . LYS A 1 9  ? 6.065  -0.903 1.320  1.00 41.10 ? 11 LYS A CB   9  
ATOM   1378 C CG   . LYS A 1 9  ? 5.702  0.233  2.301  1.00 44.10 ? 11 LYS A CG   9  
ATOM   1379 C CD   . LYS A 1 9  ? 4.972  -0.221 3.585  1.00 33.11 ? 11 LYS A CD   9  
ATOM   1380 C CE   . LYS A 1 9  ? 3.435  -0.110 3.545  1.00 70.12 ? 11 LYS A CE   9  
ATOM   1381 N NZ   . LYS A 1 9  ? 2.782  -1.209 2.805  1.00 43.51 ? 11 LYS A NZ   9  
ATOM   1382 H H    . LYS A 1 9  ? 4.798  -0.670 -1.222 1.00 20.44 ? 11 LYS A H    9  
ATOM   1383 H HA   . LYS A 1 9  ? 7.325  0.445  0.161  1.00 50.52 ? 11 LYS A HA   9  
ATOM   1384 H HB2  . LYS A 1 9  ? 5.189  -1.557 1.145  1.00 0.00  ? 11 LYS A HB2  9  
ATOM   1385 H HB3  . LYS A 1 9  ? 6.805  -1.555 1.815  1.00 63.23 ? 11 LYS A HB3  9  
ATOM   1386 H HG2  . LYS A 1 9  ? 6.642  0.748  2.574  1.00 0.00  ? 11 LYS A HG2  9  
ATOM   1387 H HG3  . LYS A 1 9  ? 5.103  1.006  1.781  1.00 60.25 ? 11 LYS A HG3  9  
ATOM   1388 H HD2  . LYS A 1 9  ? 5.292  -1.233 3.898  1.00 0.00  ? 11 LYS A HD2  9  
ATOM   1389 H HD3  . LYS A 1 9  ? 5.319  0.433  4.408  1.00 13.13 ? 11 LYS A HD3  9  
ATOM   1390 H HE2  . LYS A 1 9  ? 3.052  -0.103 4.586  1.00 0.00  ? 11 LYS A HE2  9  
ATOM   1391 H HE3  . LYS A 1 9  ? 3.132  0.865  3.120  1.00 35.55 ? 11 LYS A HE3  9  
ATOM   1392 H HZ1  . LYS A 1 9  ? 3.301  -1.983 2.383  1.00 44.51 ? 11 LYS A HZ1  9  
HETATM 1393 N N    . NH2 A 1 10 ? 8.387  -1.109 -1.671 1.00 24.35 ? 12 NH2 A N    9  
HETATM 1394 H HN1  . NH2 A 1 10 ? 8.393  -0.121 -1.936 1.00 71.12 ? 12 NH2 A HN1  9  
HETATM 1395 H HN2  . NH2 A 1 10 ? 8.827  -1.894 -2.160 1.00 14.20 ? 12 NH2 A HN2  9  
HETATM 1396 C C    . ACE A 1 1  ? 3.911  -3.034 -2.040 1.00 1.42  ? 3  ACE A C    10 
HETATM 1397 O O    . ACE A 1 1  ? 3.945  -2.115 -1.221 1.00 25.23 ? 3  ACE A O    10 
HETATM 1398 C CH3  . ACE A 1 1  ? 5.134  -3.895 -2.287 1.00 11.32 ? 3  ACE A CH3  10 
HETATM 1399 H H1   . ACE A 1 1  ? 4.914  -4.969 -2.143 1.00 11.05 ? 3  ACE A H1   10 
HETATM 1400 H H2   . ACE A 1 1  ? 5.524  -3.749 -3.310 1.00 31.00 ? 3  ACE A H2   10 
HETATM 1401 H H3   . ACE A 1 1  ? 5.944  -3.628 -1.584 1.00 0.00  ? 3  ACE A H3   10 
HETATM 1402 N N    . NLE A 1 2  ? 2.835  -3.337 -2.765 1.00 24.32 ? 4  NLE A N    10 
HETATM 1403 C CA   . NLE A 1 2  ? 1.556  -2.582 -2.657 1.00 22.54 ? 4  NLE A CA   10 
HETATM 1404 C C    . NLE A 1 2  ? 0.619  -3.187 -1.568 1.00 51.12 ? 4  NLE A C    10 
HETATM 1405 O O    . NLE A 1 2  ? 0.294  -4.380 -1.577 1.00 4.44  ? 4  NLE A O    10 
HETATM 1406 C CB   . NLE A 1 2  ? 0.866  -2.554 -4.040 1.00 51.41 ? 4  NLE A CB   10 
HETATM 1407 C CG   . NLE A 1 2  ? -0.296 -1.540 -4.175 1.00 53.53 ? 4  NLE A CG   10 
HETATM 1408 C CD   . NLE A 1 2  ? -0.952 -1.506 -5.569 1.00 13.25 ? 4  NLE A CD   10 
HETATM 1409 C CE   . NLE A 1 2  ? -1.801 -2.743 -5.894 1.00 21.12 ? 4  NLE A CE   10 
HETATM 1410 H H    . NLE A 1 2  ? 2.933  -4.179 -3.337 1.00 73.41 ? 4  NLE A H    10 
HETATM 1411 H HA   . NLE A 1 2  ? 1.800  -1.528 -2.409 1.00 13.34 ? 4  NLE A HA   10 
HETATM 1412 H HB2  . NLE A 1 2  ? 0.508  -3.570 -4.278 1.00 12.25 ? 4  NLE A HB2  10 
HETATM 1413 H HB3  . NLE A 1 2  ? 1.616  -2.307 -4.808 1.00 64.43 ? 4  NLE A HB3  10 
HETATM 1414 H HG2  . NLE A 1 2  ? 0.088  -0.529 -3.943 1.00 24.40 ? 4  NLE A HG2  10 
HETATM 1415 H HG3  . NLE A 1 2  ? -1.073 -1.732 -3.408 1.00 61.35 ? 4  NLE A HG3  10 
HETATM 1416 H HD2  . NLE A 1 2  ? -0.182 -1.357 -6.352 1.00 34.12 ? 4  NLE A HD2  10 
HETATM 1417 H HD3  . NLE A 1 2  ? -1.603 -0.613 -5.635 1.00 2.42  ? 4  NLE A HD3  10 
HETATM 1418 H HE1  . NLE A 1 2  ? -1.196 -3.668 -5.926 1.00 35.54 ? 4  NLE A HE1  10 
HETATM 1419 H HE2  . NLE A 1 2  ? -2.603 -2.899 -5.147 1.00 13.20 ? 4  NLE A HE2  10 
HETATM 1420 H HE3  . NLE A 1 2  ? -2.293 -2.645 -6.880 1.00 14.24 ? 4  NLE A HE3  10 
ATOM   1421 N N    . ASP A 1 3  ? 0.183  -2.328 -0.644 1.00 42.23 ? 5  ASP A N    10 
ATOM   1422 C CA   . ASP A 1 3  ? -0.587 -2.735 0.558  1.00 14.33 ? 5  ASP A CA   10 
ATOM   1423 C C    . ASP A 1 3  ? -1.846 -1.837 0.850  1.00 70.04 ? 5  ASP A C    10 
ATOM   1424 O O    . ASP A 1 3  ? -1.739 -0.610 0.743  1.00 71.01 ? 5  ASP A O    10 
ATOM   1425 C CB   . ASP A 1 3  ? 0.396  -2.819 1.756  1.00 73.01 ? 5  ASP A CB   10 
ATOM   1426 C CG   . ASP A 1 3  ? 1.154  -1.563 2.231  1.00 3.02  ? 5  ASP A CG   10 
ATOM   1427 O OD1  . ASP A 1 3  ? 0.556  -0.638 2.782  1.00 41.31 ? 5  ASP A OD1  10 
ATOM   1428 H H    . ASP A 1 3  ? 0.688  -1.433 -0.680 1.00 62.10 ? 5  ASP A H    10 
ATOM   1429 H HA   . ASP A 1 3  ? -0.944 -3.769 0.409  1.00 60.50 ? 5  ASP A HA   10 
ATOM   1430 H HB2  . ASP A 1 3  ? -0.176 -3.169 2.624  1.00 0.00  ? 5  ASP A HB2  10 
ATOM   1431 H HB3  . ASP A 1 3  ? 1.108  -3.642 1.551  1.00 72.20 ? 5  ASP A HB3  10 
ATOM   1432 N N    . PRO A 1 4  ? -3.035 -2.367 1.284  1.00 64.04 ? 6  PRO A N    10 
ATOM   1433 C CA   . PRO A 1 4  ? -4.124 -1.542 1.889  1.00 44.43 ? 6  PRO A CA   10 
ATOM   1434 C C    . PRO A 1 4  ? -3.726 -0.703 3.167  1.00 31.44 ? 6  PRO A C    10 
ATOM   1435 O O    . PRO A 1 4  ? -3.029 -1.268 4.019  1.00 1.02  ? 6  PRO A O    10 
ATOM   1436 C CB   . PRO A 1 4  ? -5.194 -2.603 2.227  1.00 53.11 ? 6  PRO A CB   10 
ATOM   1437 C CG   . PRO A 1 4  ? -4.917 -3.771 1.283  1.00 4.15  ? 6  PRO A CG   10 
ATOM   1438 C CD   . PRO A 1 4  ? -3.395 -3.795 1.171  1.00 41.55 ? 6  PRO A CD   10 
ATOM   1439 H HA   . PRO A 1 4  ? -4.527 -0.901 1.086  1.00 15.04 ? 6  PRO A HA   10 
ATOM   1440 H HB2  . PRO A 1 4  ? -5.097 -2.955 3.273  1.00 0.00  ? 6  PRO A HB2  10 
ATOM   1441 H HB3  . PRO A 1 4  ? -6.224 -2.210 2.122  1.00 62.32 ? 6  PRO A HB3  10 
ATOM   1442 H HG2  . PRO A 1 4  ? -5.331 -4.728 1.651  1.00 0.00  ? 6  PRO A HG2  10 
ATOM   1443 H HG3  . PRO A 1 4  ? -5.374 -3.580 0.290  1.00 31.02 ? 6  PRO A HG3  10 
ATOM   1444 H HD2  . PRO A 1 4  ? -2.937 -4.377 1.996  1.00 0.00  ? 6  PRO A HD2  10 
ATOM   1445 H HD3  . PRO A 1 4  ? -3.085 -4.251 0.211  1.00 72.34 ? 6  PRO A HD3  10 
ATOM   1446 N N    . PRO A 1 5  ? -4.127 0.589  3.384  1.00 22.14 ? 7  PRO A N    10 
ATOM   1447 C CA   . PRO A 1 5  ? -5.072 1.351  2.517  1.00 10.30 ? 7  PRO A CA   10 
ATOM   1448 C C    . PRO A 1 5  ? -4.396 2.208  1.387  1.00 31.43 ? 7  PRO A C    10 
ATOM   1449 O O    . PRO A 1 5  ? -4.398 3.446  1.397  1.00 11.54 ? 7  PRO A O    10 
ATOM   1450 C CB   . PRO A 1 5  ? -5.816 2.178  3.590  1.00 73.35 ? 7  PRO A CB   10 
ATOM   1451 C CG   . PRO A 1 5  ? -4.761 2.500  4.652  1.00 73.14 ? 7  PRO A CG   10 
ATOM   1452 C CD   . PRO A 1 5  ? -3.877 1.255  4.683  1.00 50.35 ? 7  PRO A CD   10 
ATOM   1453 H HA   . PRO A 1 5  ? -5.821 0.689  2.041  1.00 70.33 ? 7  PRO A HA   10 
ATOM   1454 H HB2  . PRO A 1 5  ? -6.304 3.085  3.185  1.00 0.00  ? 7  PRO A HB2  10 
ATOM   1455 H HB3  . PRO A 1 5  ? -6.627 1.571  4.040  1.00 33.33 ? 7  PRO A HB3  10 
ATOM   1456 H HG2  . PRO A 1 5  ? -4.165 3.379  4.346  1.00 0.00  ? 7  PRO A HG2  10 
ATOM   1457 H HG3  . PRO A 1 5  ? -5.204 2.734  5.639  1.00 23.41 ? 7  PRO A HG3  10 
ATOM   1458 H HD2  . PRO A 1 5  ? -2.806 1.503  4.815  1.00 0.00  ? 7  PRO A HD2  10 
ATOM   1459 H HD3  . PRO A 1 5  ? -4.166 0.589  5.519  1.00 41.43 ? 7  PRO A HD3  10 
HETATM 1460 N N    . DPN A 1 6  ? -3.829 1.517  0.390  1.00 0.00  ? 8  DPN A N    10 
HETATM 1461 C CA   . DPN A 1 6  ? -3.225 2.144  -0.814 1.00 0.00  ? 8  DPN A CA   10 
HETATM 1462 C C    . DPN A 1 6  ? -1.847 2.811  -0.514 1.00 0.00  ? 8  DPN A C    10 
HETATM 1463 O O    . DPN A 1 6  ? -1.736 4.039  -0.557 1.00 0.00  ? 8  DPN A O    10 
HETATM 1464 C CB   . DPN A 1 6  ? -3.179 1.043  -1.920 1.00 0.00  ? 8  DPN A CB   10 
HETATM 1465 C CG   . DPN A 1 6  ? -2.943 1.566  -3.345 1.00 0.00  ? 8  DPN A CG   10 
HETATM 1466 C CD1  . DPN A 1 6  ? -4.027 1.762  -4.207 1.00 0.00  ? 8  DPN A CD1  10 
HETATM 1467 C CD2  . DPN A 1 6  ? -1.649 1.843  -3.796 1.00 0.00  ? 8  DPN A CD2  10 
HETATM 1468 C CE1  . DPN A 1 6  ? -3.818 2.228  -5.503 1.00 0.00  ? 8  DPN A CE1  10 
HETATM 1469 C CE2  . DPN A 1 6  ? -1.440 2.312  -5.090 1.00 0.00  ? 8  DPN A CE2  10 
HETATM 1470 C CZ   . DPN A 1 6  ? -2.525 2.504  -5.944 1.00 0.00  ? 8  DPN A CZ   10 
HETATM 1471 H H    . DPN A 1 6  ? -3.553 0.569  0.677  1.00 0.00  ? 8  DPN A H    10 
HETATM 1472 H HA   . DPN A 1 6  ? -3.904 2.947  -1.169 1.00 0.00  ? 8  DPN A HA   10 
HETATM 1473 H HB2  . DPN A 1 6  ? -4.108 0.450  -1.899 1.00 0.00  ? 8  DPN A HB2  10 
HETATM 1474 H HB3  . DPN A 1 6  ? -2.407 0.286  -1.679 1.00 0.00  ? 8  DPN A HB3  10 
HETATM 1475 H HD1  . DPN A 1 6  ? -5.036 1.554  -3.878 1.00 0.00  ? 8  DPN A HD1  10 
HETATM 1476 H HD2  . DPN A 1 6  ? -0.798 1.694  -3.146 1.00 0.00  ? 8  DPN A HD2  10 
HETATM 1477 H HE1  . DPN A 1 6  ? -4.661 2.372  -6.161 1.00 0.00  ? 8  DPN A HE1  10 
HETATM 1478 H HE2  . DPN A 1 6  ? -0.436 2.521  -5.426 1.00 0.00  ? 8  DPN A HE2  10 
HETATM 1479 H HZ   . DPN A 1 6  ? -2.362 2.863  -6.950 1.00 0.00  ? 8  DPN A HZ   10 
ATOM   1480 N N    . ARG A 1 7  ? -0.821 2.003  -0.199 1.00 61.01 ? 9  ARG A N    10 
ATOM   1481 C CA   . ARG A 1 7  ? 0.567  2.473  0.034  1.00 53.23 ? 9  ARG A CA   10 
ATOM   1482 C C    . ARG A 1 7  ? 1.581  1.515  -0.659 1.00 34.42 ? 9  ARG A C    10 
ATOM   1483 O O    . ARG A 1 7  ? 1.390  0.297  -0.740 1.00 75.42 ? 9  ARG A O    10 
ATOM   1484 C CB   . ARG A 1 7  ? 0.824  2.604  1.567  1.00 42.11 ? 9  ARG A CB   10 
ATOM   1485 C CG   . ARG A 1 7  ? 1.424  3.944  2.070  1.00 51.03 ? 9  ARG A CG   10 
ATOM   1486 C CD   . ARG A 1 7  ? 0.713  5.267  1.680  1.00 32.53 ? 9  ARG A CD   10 
ATOM   1487 N NE   . ARG A 1 7  ? -0.774 5.216  1.807  1.00 61.34 ? 9  ARG A NE   10 
ATOM   1488 C CZ   . ARG A 1 7  ? -1.501 5.614  2.844  1.00 21.04 ? 9  ARG A CZ   10 
ATOM   1489 N NH1  . ARG A 1 7  ? -0.993 6.178  3.911  1.00 62.52 ? 9  ARG A NH1  10 
ATOM   1490 N NH2  . ARG A 1 7  ? -2.790 5.435  2.800  1.00 5.43  ? 9  ARG A NH2  10 
ATOM   1491 H H    . ARG A 1 7  ? -1.101 1.020  -0.051 1.00 0.22  ? 9  ARG A H    10 
ATOM   1492 H HA   . ARG A 1 7  ? 0.678  3.468  -0.445 1.00 25.44 ? 9  ARG A HA   10 
ATOM   1493 H HB2  . ARG A 1 7  ? -0.111 2.438  2.130  1.00 0.00  ? 9  ARG A HB2  10 
ATOM   1494 H HB3  . ARG A 1 7  ? 1.467  1.771  1.916  1.00 63.23 ? 9  ARG A HB3  10 
ATOM   1495 H HG2  . ARG A 1 7  ? 1.473  3.885  3.174  1.00 0.00  ? 9  ARG A HG2  10 
ATOM   1496 H HG3  . ARG A 1 7  ? 2.482  4.000  1.752  1.00 34.21 ? 9  ARG A HG3  10 
ATOM   1497 H HD2  . ARG A 1 7  ? 1.158  6.123  2.226  1.00 0.00  ? 9  ARG A HD2  10 
ATOM   1498 H HD3  . ARG A 1 7  ? 0.951  5.496  0.623  1.00 22.22 ? 9  ARG A HD3  10 
ATOM   1499 H HE   . ARG A 1 7  ? -1.324 4.800  1.031  1.00 0.00  ? 9  ARG A HE   10 
ATOM   1500 H HH11 . ARG A 1 7  ? 0.024  6.272  3.885  1.00 0.00  ? 9  ARG A HH11 10 
ATOM   1501 H HH12 . ARG A 1 7  ? -1.622 6.457  4.665  1.00 0.00  ? 9  ARG A HH12 10 
ATOM   1502 H HH21 . ARG A 1 7  ? -3.171 4.904  2.001  1.00 0.00  ? 9  ARG A HH21 10 
ATOM   1503 H HH22 . ARG A 1 7  ? -3.334 5.760  3.598  1.00 0.00  ? 9  ARG A HH22 10 
ATOM   1504 N N    . TRP A 1 8  ? 2.683  2.098  -1.143 1.00 0.00  ? 10 TRP A N    10 
ATOM   1505 C CA   . TRP A 1 8  ? 3.786  1.346  -1.789 1.00 0.00  ? 10 TRP A CA   10 
ATOM   1506 C C    . TRP A 1 8  ? 5.047  1.343  -0.874 1.00 0.00  ? 10 TRP A C    10 
ATOM   1507 O O    . TRP A 1 8  ? 5.536  2.385  -0.422 1.00 0.00  ? 10 TRP A O    10 
ATOM   1508 C CB   . TRP A 1 8  ? 4.047  1.985  -3.174 1.00 0.00  ? 10 TRP A CB   10 
ATOM   1509 C CG   . TRP A 1 8  ? 5.202  1.368  -3.972 1.00 0.00  ? 10 TRP A CG   10 
ATOM   1510 C CD1  . TRP A 1 8  ? 6.515  1.869  -3.973 1.00 0.00  ? 10 TRP A CD1  10 
ATOM   1511 C CD2  . TRP A 1 8  ? 5.247  0.193  -4.693 1.00 0.00  ? 10 TRP A CD2  10 
ATOM   1512 N NE1  . TRP A 1 8  ? 7.398  1.026  -4.678 1.00 0.00  ? 10 TRP A NE1  10 
ATOM   1513 C CE2  . TRP A 1 8  ? 6.584  -0.009 -5.116 1.00 0.00  ? 10 TRP A CE2  10 
ATOM   1514 C CE3  . TRP A 1 8  ? 4.242  -0.755 -5.000 1.00 0.00  ? 10 TRP A CE3  10 
ATOM   1515 C CZ2  . TRP A 1 8  ? 6.926  -1.170 -5.849 1.00 0.00  ? 10 TRP A CZ2  10 
ATOM   1516 C CZ3  . TRP A 1 8  ? 4.601  -1.890 -5.728 1.00 0.00  ? 10 TRP A CZ3  10 
ATOM   1517 C CH2  . TRP A 1 8  ? 5.923  -2.096 -6.145 1.00 0.00  ? 10 TRP A CH2  10 
ATOM   1518 H H    . TRP A 1 8  ? 2.801  3.068  -0.842 1.00 0.00  ? 10 TRP A H    10 
ATOM   1519 H HA   . TRP A 1 8  ? 3.469  0.302  -1.992 1.00 0.00  ? 10 TRP A HA   10 
ATOM   1520 H HB2  . TRP A 1 8  ? 3.129  1.918  -3.779 1.00 0.00  ? 10 TRP A HB2  10 
ATOM   1521 H HB3  . TRP A 1 8  ? 4.245  3.062  -3.044 1.00 0.00  ? 10 TRP A HB3  10 
ATOM   1522 H HD1  . TRP A 1 8  ? 6.789  2.759  -3.428 1.00 0.00  ? 10 TRP A HD1  10 
ATOM   1523 H HE1  . TRP A 1 8  ? 8.397  1.162  -4.868 1.00 0.00  ? 10 TRP A HE1  10 
ATOM   1524 H HE3  . TRP A 1 8  ? 3.226  -0.600 -4.667 1.00 0.00  ? 10 TRP A HE3  10 
ATOM   1525 H HZ2  . TRP A 1 8  ? 7.944  -1.338 -6.169 1.00 0.00  ? 10 TRP A HZ2  10 
ATOM   1526 H HZ3  . TRP A 1 8  ? 3.848  -2.626 -5.972 1.00 0.00  ? 10 TRP A HZ3  10 
ATOM   1527 H HH2  . TRP A 1 8  ? 6.171  -2.987 -6.706 1.00 0.00  ? 10 TRP A HH2  10 
ATOM   1528 N N    . LYS A 1 9  ? 5.597  0.143  -0.690 1.00 74.43 ? 11 LYS A N    10 
ATOM   1529 C CA   . LYS A 1 9  ? 6.860  -0.085 0.055  1.00 4.20  ? 11 LYS A CA   10 
ATOM   1530 C C    . LYS A 1 9  ? 7.724  -1.208 -0.608 1.00 11.04 ? 11 LYS A C    10 
ATOM   1531 O O    . LYS A 1 9  ? 7.906  -2.312 -0.102 1.00 35.41 ? 11 LYS A O    10 
ATOM   1532 C CB   . LYS A 1 9  ? 6.502  -0.275 1.552  1.00 41.10 ? 11 LYS A CB   10 
ATOM   1533 C CG   . LYS A 1 9  ? 5.705  -1.539 1.965  1.00 44.10 ? 11 LYS A CG   10 
ATOM   1534 C CD   . LYS A 1 9  ? 4.712  -1.293 3.126  1.00 33.11 ? 11 LYS A CD   10 
ATOM   1535 C CE   . LYS A 1 9  ? 3.384  -0.612 2.720  1.00 70.12 ? 11 LYS A CE   10 
ATOM   1536 N NZ   . LYS A 1 9  ? 2.480  -1.591 2.076  1.00 43.51 ? 11 LYS A NZ   10 
ATOM   1537 H H    . LYS A 1 9  ? 4.961  -0.628 -0.932 1.00 20.44 ? 11 LYS A H    10 
ATOM   1538 H HA   . LYS A 1 9  ? 7.484  0.830  0.009  1.00 50.52 ? 11 LYS A HA   10 
ATOM   1539 H HB2  . LYS A 1 9  ? 7.437  -0.262 2.127  1.00 0.00  ? 11 LYS A HB2  10 
ATOM   1540 H HB3  . LYS A 1 9  ? 5.961  0.632  1.878  1.00 63.23 ? 11 LYS A HB3  10 
ATOM   1541 H HG2  . LYS A 1 9  ? 5.167  -1.963 1.097  1.00 0.00  ? 11 LYS A HG2  10 
ATOM   1542 H HG3  . LYS A 1 9  ? 6.429  -2.325 2.251  1.00 60.25 ? 11 LYS A HG3  10 
ATOM   1543 H HD2  . LYS A 1 9  ? 4.496  -2.253 3.634  1.00 0.00  ? 11 LYS A HD2  10 
ATOM   1544 H HD3  . LYS A 1 9  ? 5.211  -0.685 3.904  1.00 13.13 ? 11 LYS A HD3  10 
ATOM   1545 H HE2  . LYS A 1 9  ? 2.917  -0.177 3.626  1.00 0.00  ? 11 LYS A HE2  10 
ATOM   1546 H HE3  . LYS A 1 9  ? 3.564  0.243  2.038  1.00 35.55 ? 11 LYS A HE3  10 
ATOM   1547 H HZ1  . LYS A 1 9  ? 2.830  -2.385 1.534  1.00 44.51 ? 11 LYS A HZ1  10 
HETATM 1548 N N    . NH2 A 1 10 ? 8.309  -0.980 -1.769 1.00 24.35 ? 12 NH2 A N    10 
HETATM 1549 H HN1  . NH2 A 1 10 ? 7.997  -0.151 -2.287 1.00 71.12 ? 12 NH2 A HN1  10 
HETATM 1550 H HN2  . NH2 A 1 10 ? 8.794  -1.802 -2.141 1.00 14.20 ? 12 NH2 A HN2  10 
# 
